data_2JN6
#
_entry.id   2JN6
#
_entity_poly.entity_id   1
_entity_poly.type   'polypeptide(L)'
_entity_poly.pdbx_seq_one_letter_code
;MPTKTYSEEFKRDAVALYENSDGASLQQIANDLGINRVTLKNWIIKYGSNHNVQGTTPSAAVSEAEQIRQLKKENALQRA
RTRHPAESCLEHHHHHH
;
_entity_poly.pdbx_strand_id   A
#
# COMPACT_ATOMS: atom_id res chain seq x y z
N MET A 1 -10.94 -18.83 22.83
CA MET A 1 -11.29 -17.78 21.84
C MET A 1 -11.08 -18.29 20.43
N PRO A 2 -12.15 -18.31 19.62
CA PRO A 2 -12.06 -18.67 18.20
C PRO A 2 -11.38 -17.58 17.39
N THR A 3 -10.74 -17.96 16.30
CA THR A 3 -10.01 -17.02 15.48
C THR A 3 -10.90 -16.39 14.41
N LYS A 4 -10.96 -15.08 14.41
CA LYS A 4 -11.64 -14.33 13.37
C LYS A 4 -10.71 -14.29 12.16
N THR A 5 -10.75 -15.34 11.37
CA THR A 5 -9.82 -15.52 10.26
C THR A 5 -10.15 -14.65 9.06
N TYR A 6 -9.09 -14.29 8.36
CA TYR A 6 -9.16 -13.52 7.14
C TYR A 6 -7.99 -13.93 6.23
N SER A 7 -8.32 -14.52 5.09
CA SER A 7 -7.29 -15.01 4.18
C SER A 7 -6.54 -13.87 3.50
N GLU A 8 -5.35 -14.19 3.00
CA GLU A 8 -4.53 -13.22 2.28
C GLU A 8 -5.28 -12.72 1.05
N GLU A 9 -6.18 -13.56 0.55
CA GLU A 9 -7.00 -13.24 -0.61
C GLU A 9 -7.72 -11.91 -0.42
N PHE A 10 -8.18 -11.65 0.80
CA PHE A 10 -8.93 -10.44 1.10
C PHE A 10 -8.01 -9.22 1.02
N LYS A 11 -6.84 -9.32 1.63
CA LYS A 11 -5.84 -8.25 1.55
C LYS A 11 -5.43 -8.04 0.09
N ARG A 12 -5.22 -9.16 -0.60
CA ARG A 12 -4.84 -9.18 -2.01
C ARG A 12 -5.88 -8.47 -2.87
N ASP A 13 -7.13 -8.83 -2.68
CA ASP A 13 -8.23 -8.29 -3.47
C ASP A 13 -8.42 -6.79 -3.18
N ALA A 14 -8.20 -6.43 -1.93
CA ALA A 14 -8.31 -5.02 -1.50
C ALA A 14 -7.30 -4.15 -2.25
N VAL A 15 -6.07 -4.62 -2.35
CA VAL A 15 -5.04 -3.88 -3.07
C VAL A 15 -5.30 -3.92 -4.58
N ALA A 16 -5.83 -5.03 -5.06
CA ALA A 16 -6.17 -5.18 -6.47
C ALA A 16 -7.27 -4.22 -6.87
N LEU A 17 -8.18 -3.94 -5.95
CA LEU A 17 -9.25 -2.97 -6.17
C LEU A 17 -8.65 -1.56 -6.27
N TYR A 18 -7.58 -1.33 -5.52
CA TYR A 18 -6.91 -0.04 -5.54
C TYR A 18 -6.26 0.24 -6.90
N GLU A 19 -5.95 -0.84 -7.62
CA GLU A 19 -5.42 -0.71 -8.98
C GLU A 19 -6.48 -0.09 -9.90
N ASN A 20 -7.74 -0.25 -9.51
CA ASN A 20 -8.86 0.22 -10.30
C ASN A 20 -9.40 1.54 -9.74
N SER A 21 -8.55 2.23 -9.00
CA SER A 21 -8.93 3.48 -8.33
C SER A 21 -9.31 4.57 -9.34
N ASP A 22 -8.91 4.38 -10.59
CA ASP A 22 -9.28 5.29 -11.68
C ASP A 22 -10.77 5.54 -11.66
N GLY A 23 -11.54 4.50 -11.40
CA GLY A 23 -12.98 4.62 -11.32
C GLY A 23 -13.52 4.21 -9.96
N ALA A 24 -12.65 4.13 -8.98
CA ALA A 24 -13.04 3.73 -7.63
C ALA A 24 -12.34 4.58 -6.59
N SER A 25 -13.13 5.35 -5.85
CA SER A 25 -12.59 6.20 -4.80
C SER A 25 -12.11 5.36 -3.62
N LEU A 26 -11.17 5.91 -2.85
CA LEU A 26 -10.64 5.24 -1.67
C LEU A 26 -11.79 4.84 -0.73
N GLN A 27 -12.74 5.75 -0.55
CA GLN A 27 -13.91 5.47 0.25
C GLN A 27 -14.78 4.41 -0.41
N GLN A 28 -15.01 4.58 -1.72
CA GLN A 28 -15.89 3.69 -2.48
C GLN A 28 -15.48 2.23 -2.30
N ILE A 29 -14.18 1.97 -2.41
CA ILE A 29 -13.66 0.62 -2.26
C ILE A 29 -14.02 0.03 -0.88
N ALA A 30 -13.62 0.73 0.17
CA ALA A 30 -13.87 0.27 1.53
C ALA A 30 -15.36 0.23 1.83
N ASN A 31 -16.08 1.22 1.31
CA ASN A 31 -17.51 1.35 1.52
C ASN A 31 -18.28 0.21 0.86
N ASP A 32 -17.80 -0.22 -0.31
CA ASP A 32 -18.45 -1.29 -1.06
C ASP A 32 -18.27 -2.63 -0.35
N LEU A 33 -17.06 -2.84 0.18
CA LEU A 33 -16.75 -4.07 0.91
C LEU A 33 -17.40 -4.06 2.29
N GLY A 34 -17.37 -2.89 2.93
CA GLY A 34 -17.94 -2.77 4.27
C GLY A 34 -16.87 -2.64 5.33
N ILE A 35 -15.65 -2.37 4.89
CA ILE A 35 -14.52 -2.27 5.79
C ILE A 35 -14.12 -0.82 6.01
N ASN A 36 -13.18 -0.59 6.92
CA ASN A 36 -12.70 0.75 7.19
C ASN A 36 -11.70 1.17 6.11
N ARG A 37 -11.74 2.45 5.76
CA ARG A 37 -10.88 2.99 4.72
C ARG A 37 -9.43 3.07 5.18
N VAL A 38 -9.23 3.23 6.48
CA VAL A 38 -7.89 3.28 7.05
C VAL A 38 -7.29 1.88 7.08
N THR A 39 -8.08 0.90 7.50
CA THR A 39 -7.64 -0.49 7.50
C THR A 39 -7.30 -0.95 6.08
N LEU A 40 -8.11 -0.48 5.13
CA LEU A 40 -7.84 -0.72 3.71
C LEU A 40 -6.52 -0.08 3.30
N LYS A 41 -6.35 1.18 3.68
CA LYS A 41 -5.15 1.96 3.37
C LYS A 41 -3.90 1.26 3.88
N ASN A 42 -4.02 0.66 5.07
CA ASN A 42 -2.92 -0.10 5.66
C ASN A 42 -2.44 -1.21 4.73
N TRP A 43 -3.36 -2.06 4.27
CA TRP A 43 -3.00 -3.18 3.40
C TRP A 43 -2.43 -2.68 2.08
N ILE A 44 -2.99 -1.58 1.59
CA ILE A 44 -2.54 -0.98 0.33
C ILE A 44 -1.05 -0.63 0.40
N ILE A 45 -0.64 0.00 1.50
CA ILE A 45 0.75 0.38 1.68
C ILE A 45 1.60 -0.83 2.04
N LYS A 46 1.00 -1.76 2.78
CA LYS A 46 1.70 -2.93 3.27
C LYS A 46 2.12 -3.88 2.15
N TYR A 47 1.25 -4.05 1.15
CA TYR A 47 1.54 -4.95 0.05
C TYR A 47 2.01 -4.19 -1.18
N GLY A 48 1.40 -3.03 -1.42
CA GLY A 48 1.84 -2.19 -2.52
C GLY A 48 2.94 -1.24 -2.09
N SER A 49 3.94 -1.78 -1.42
CA SER A 49 5.05 -0.98 -0.90
C SER A 49 5.92 -0.44 -2.03
N ASN A 50 6.11 -1.24 -3.07
CA ASN A 50 6.94 -0.83 -4.19
C ASN A 50 6.28 0.29 -4.96
N HIS A 51 6.89 1.45 -4.90
CA HIS A 51 6.37 2.69 -5.48
C HIS A 51 7.38 3.80 -5.25
N ASN A 52 6.99 5.03 -5.56
CA ASN A 52 7.85 6.20 -5.30
C ASN A 52 7.60 6.69 -3.87
N VAL A 53 7.50 5.74 -2.95
CA VAL A 53 7.22 6.06 -1.55
C VAL A 53 8.47 6.48 -0.79
N GLN A 54 9.58 5.75 -0.99
CA GLN A 54 10.81 5.99 -0.26
C GLN A 54 11.91 5.08 -0.79
N GLY A 55 13.00 4.96 -0.04
CA GLY A 55 14.13 4.13 -0.47
C GLY A 55 13.83 2.65 -0.39
N THR A 56 14.15 2.04 0.74
CA THR A 56 13.94 0.61 0.95
C THR A 56 13.77 0.28 2.42
N THR A 57 12.52 0.14 2.84
CA THR A 57 12.22 -0.29 4.20
C THR A 57 11.20 -1.43 4.16
N PRO A 58 11.57 -2.61 4.73
CA PRO A 58 10.70 -3.78 4.75
C PRO A 58 9.45 -3.56 5.62
N SER A 59 8.44 -2.97 5.00
CA SER A 59 7.22 -2.60 5.71
C SER A 59 6.21 -3.74 5.68
N ALA A 60 6.31 -4.59 4.66
CA ALA A 60 5.38 -5.69 4.48
C ALA A 60 5.41 -6.65 5.66
N ALA A 61 6.57 -6.76 6.30
CA ALA A 61 6.75 -7.71 7.38
C ALA A 61 6.50 -7.09 8.75
N VAL A 62 6.13 -5.81 8.76
CA VAL A 62 5.88 -5.11 10.02
C VAL A 62 4.49 -5.42 10.55
N SER A 63 3.50 -5.18 9.72
CA SER A 63 2.11 -5.42 10.11
C SER A 63 1.75 -6.89 9.99
N GLU A 64 2.54 -7.64 9.23
CA GLU A 64 2.31 -9.06 9.01
C GLU A 64 2.64 -9.87 10.25
N ALA A 65 3.41 -9.25 11.16
CA ALA A 65 3.87 -9.91 12.39
C ALA A 65 2.71 -10.58 13.14
N GLU A 66 1.52 -10.00 13.04
CA GLU A 66 0.32 -10.56 13.66
C GLU A 66 0.06 -11.97 13.13
N GLN A 67 0.17 -12.12 11.82
CA GLN A 67 -0.07 -13.39 11.15
C GLN A 67 1.11 -14.31 11.39
N ILE A 68 2.30 -13.72 11.39
CA ILE A 68 3.53 -14.45 11.59
C ILE A 68 3.53 -15.20 12.91
N ARG A 69 3.27 -14.50 14.01
CA ARG A 69 3.32 -15.10 15.34
C ARG A 69 2.25 -16.17 15.51
N GLN A 70 1.13 -16.02 14.79
CA GLN A 70 0.05 -16.98 14.86
C GLN A 70 0.46 -18.30 14.22
N LEU A 71 0.96 -18.21 12.99
CA LEU A 71 1.32 -19.38 12.21
C LEU A 71 2.65 -19.99 12.68
N LYS A 72 3.52 -19.12 13.18
CA LYS A 72 4.84 -19.54 13.61
C LYS A 72 4.79 -20.36 14.89
N LYS A 73 3.84 -20.05 15.76
CA LYS A 73 3.79 -20.68 17.07
C LYS A 73 2.97 -21.98 17.04
N GLU A 74 1.65 -21.86 16.99
CA GLU A 74 0.79 -23.01 17.20
C GLU A 74 0.03 -23.39 15.92
N ASN A 75 0.28 -24.61 15.45
CA ASN A 75 -0.46 -25.14 14.31
C ASN A 75 -1.88 -25.50 14.71
N ALA A 76 -2.10 -25.66 16.01
CA ALA A 76 -3.42 -26.01 16.53
C ALA A 76 -4.46 -24.95 16.16
N LEU A 77 -3.99 -23.74 15.90
CA LEU A 77 -4.84 -22.62 15.56
C LEU A 77 -5.50 -22.81 14.19
N GLN A 78 -4.88 -23.61 13.32
CA GLN A 78 -5.38 -23.79 11.96
C GLN A 78 -6.81 -24.35 11.95
N ARG A 79 -7.16 -25.12 12.97
CA ARG A 79 -8.48 -25.74 13.04
C ARG A 79 -9.55 -24.74 13.44
N ALA A 80 -9.11 -23.61 13.95
CA ALA A 80 -10.03 -22.55 14.36
C ALA A 80 -10.51 -21.75 13.15
N ARG A 81 -9.76 -21.84 12.06
CA ARG A 81 -10.13 -21.16 10.81
C ARG A 81 -11.36 -21.82 10.19
N THR A 82 -11.59 -23.05 10.56
CA THR A 82 -12.71 -23.83 10.05
C THR A 82 -14.05 -23.32 10.57
N ARG A 83 -14.01 -22.47 11.59
CA ARG A 83 -15.24 -21.93 12.17
C ARG A 83 -15.83 -20.89 11.25
N HIS A 84 -17.15 -20.79 11.22
CA HIS A 84 -17.83 -19.81 10.39
C HIS A 84 -17.50 -18.40 10.88
N PRO A 85 -17.21 -17.47 9.96
CA PRO A 85 -16.85 -16.10 10.33
C PRO A 85 -18.01 -15.33 10.95
N ALA A 86 -17.74 -14.13 11.42
CA ALA A 86 -18.76 -13.31 12.06
C ALA A 86 -19.11 -12.11 11.20
N GLU A 87 -20.13 -12.29 10.37
CA GLU A 87 -20.60 -11.22 9.49
C GLU A 87 -21.41 -10.18 10.27
N SER A 88 -21.97 -10.61 11.40
CA SER A 88 -22.77 -9.73 12.24
C SER A 88 -21.97 -8.53 12.73
N CYS A 89 -20.65 -8.69 12.77
CA CYS A 89 -19.75 -7.66 13.30
C CYS A 89 -19.85 -6.35 12.51
N LEU A 90 -20.27 -6.42 11.26
CA LEU A 90 -20.35 -5.22 10.43
C LEU A 90 -21.56 -4.37 10.81
N GLU A 91 -22.51 -4.97 11.50
CA GLU A 91 -23.70 -4.26 11.93
C GLU A 91 -23.41 -3.47 13.21
N HIS A 92 -22.87 -4.18 14.20
CA HIS A 92 -22.60 -3.58 15.51
C HIS A 92 -21.24 -2.88 15.55
N HIS A 93 -20.70 -2.59 14.39
CA HIS A 93 -19.37 -1.98 14.30
C HIS A 93 -19.47 -0.46 14.32
N HIS A 94 -19.41 0.12 15.52
CA HIS A 94 -19.44 1.56 15.68
C HIS A 94 -18.11 2.02 16.25
N HIS A 95 -17.74 3.27 16.00
CA HIS A 95 -16.45 3.82 16.44
C HIS A 95 -16.30 3.70 17.96
N HIS A 96 -15.35 2.89 18.38
CA HIS A 96 -15.03 2.74 19.80
C HIS A 96 -13.64 2.12 19.95
N HIS A 97 -12.76 2.80 20.67
CA HIS A 97 -11.43 2.27 20.92
C HIS A 97 -11.37 1.64 22.31
N MET A 1 -8.85 -6.02 22.64
CA MET A 1 -8.54 -6.31 21.22
C MET A 1 -9.31 -7.53 20.77
N PRO A 2 -10.20 -7.38 19.78
CA PRO A 2 -10.99 -8.48 19.25
C PRO A 2 -10.16 -9.41 18.37
N THR A 3 -10.50 -10.68 18.37
CA THR A 3 -9.81 -11.66 17.54
C THR A 3 -10.52 -11.84 16.19
N LYS A 4 -9.89 -11.34 15.15
CA LYS A 4 -10.47 -11.40 13.81
C LYS A 4 -9.38 -11.58 12.78
N THR A 5 -9.33 -12.75 12.17
CA THR A 5 -8.34 -13.04 11.15
C THR A 5 -8.82 -12.58 9.78
N TYR A 6 -7.88 -12.37 8.88
CA TYR A 6 -8.21 -12.02 7.50
C TYR A 6 -7.22 -12.67 6.54
N SER A 7 -7.76 -13.34 5.54
CA SER A 7 -6.94 -14.03 4.54
C SER A 7 -6.20 -13.04 3.67
N GLU A 8 -4.98 -13.39 3.29
CA GLU A 8 -4.14 -12.53 2.46
C GLU A 8 -4.84 -12.25 1.13
N GLU A 9 -5.49 -13.26 0.59
CA GLU A 9 -6.15 -13.19 -0.69
C GLU A 9 -7.18 -12.06 -0.71
N PHE A 10 -7.93 -11.93 0.37
CA PHE A 10 -8.96 -10.90 0.47
C PHE A 10 -8.32 -9.52 0.55
N LYS A 11 -7.29 -9.42 1.38
CA LYS A 11 -6.58 -8.17 1.59
C LYS A 11 -5.86 -7.73 0.31
N ARG A 12 -5.31 -8.69 -0.42
CA ARG A 12 -4.62 -8.43 -1.69
C ARG A 12 -5.60 -7.96 -2.75
N ASP A 13 -6.79 -8.54 -2.75
CA ASP A 13 -7.81 -8.18 -3.73
C ASP A 13 -8.24 -6.73 -3.54
N ALA A 14 -8.31 -6.33 -2.27
CA ALA A 14 -8.64 -4.95 -1.92
C ALA A 14 -7.58 -3.97 -2.43
N VAL A 15 -6.32 -4.42 -2.41
CA VAL A 15 -5.22 -3.60 -2.92
C VAL A 15 -5.36 -3.43 -4.42
N ALA A 16 -5.84 -4.47 -5.10
CA ALA A 16 -6.06 -4.43 -6.54
C ALA A 16 -7.17 -3.43 -6.88
N LEU A 17 -8.17 -3.34 -6.00
CA LEU A 17 -9.23 -2.35 -6.15
C LEU A 17 -8.68 -0.93 -6.08
N TYR A 18 -7.69 -0.75 -5.22
CA TYR A 18 -7.02 0.55 -5.08
C TYR A 18 -6.31 0.95 -6.37
N GLU A 19 -5.68 -0.03 -7.01
CA GLU A 19 -5.01 0.21 -8.29
C GLU A 19 -6.03 0.57 -9.37
N ASN A 20 -7.23 0.01 -9.26
CA ASN A 20 -8.30 0.26 -10.23
C ASN A 20 -9.23 1.36 -9.72
N SER A 21 -8.63 2.37 -9.11
CA SER A 21 -9.37 3.46 -8.51
C SER A 21 -9.85 4.47 -9.55
N ASP A 22 -9.33 4.35 -10.76
CA ASP A 22 -9.68 5.26 -11.86
C ASP A 22 -11.19 5.45 -11.95
N GLY A 23 -11.91 4.35 -11.85
CA GLY A 23 -13.36 4.42 -11.90
C GLY A 23 -14.01 4.17 -10.55
N ALA A 24 -13.20 3.85 -9.55
CA ALA A 24 -13.71 3.50 -8.23
C ALA A 24 -13.01 4.32 -7.15
N SER A 25 -13.78 5.14 -6.46
CA SER A 25 -13.25 6.01 -5.43
C SER A 25 -12.62 5.21 -4.29
N LEU A 26 -11.56 5.76 -3.68
CA LEU A 26 -10.85 5.11 -2.59
C LEU A 26 -11.84 4.81 -1.46
N GLN A 27 -12.71 5.77 -1.17
CA GLN A 27 -13.78 5.59 -0.20
C GLN A 27 -14.65 4.40 -0.60
N GLN A 28 -15.05 4.35 -1.86
CA GLN A 28 -15.95 3.32 -2.37
C GLN A 28 -15.34 1.93 -2.24
N ILE A 29 -14.02 1.85 -2.35
CA ILE A 29 -13.32 0.58 -2.21
C ILE A 29 -13.60 -0.04 -0.84
N ALA A 30 -13.32 0.73 0.21
CA ALA A 30 -13.56 0.27 1.57
C ALA A 30 -15.05 0.21 1.87
N ASN A 31 -15.78 1.15 1.29
CA ASN A 31 -17.22 1.27 1.51
C ASN A 31 -17.98 0.09 0.92
N ASP A 32 -17.44 -0.46 -0.16
CA ASP A 32 -18.05 -1.62 -0.81
C ASP A 32 -17.82 -2.87 0.03
N LEU A 33 -16.61 -3.02 0.54
CA LEU A 33 -16.24 -4.18 1.33
C LEU A 33 -16.79 -4.09 2.75
N GLY A 34 -17.18 -2.90 3.15
CA GLY A 34 -17.74 -2.69 4.47
C GLY A 34 -16.66 -2.64 5.53
N ILE A 35 -15.55 -1.99 5.21
CA ILE A 35 -14.42 -1.88 6.13
C ILE A 35 -14.00 -0.43 6.26
N ASN A 36 -13.12 -0.17 7.23
CA ASN A 36 -12.57 1.15 7.43
C ASN A 36 -11.61 1.49 6.30
N ARG A 37 -11.60 2.76 5.90
CA ARG A 37 -10.75 3.19 4.79
C ARG A 37 -9.28 3.20 5.21
N VAL A 38 -9.04 3.49 6.48
CA VAL A 38 -7.68 3.46 7.01
C VAL A 38 -7.18 2.03 7.07
N THR A 39 -8.05 1.12 7.50
CA THR A 39 -7.73 -0.30 7.54
C THR A 39 -7.46 -0.82 6.13
N LEU A 40 -8.20 -0.30 5.16
CA LEU A 40 -7.98 -0.63 3.76
C LEU A 40 -6.59 -0.20 3.32
N LYS A 41 -6.28 1.07 3.57
CA LYS A 41 -5.00 1.65 3.18
C LYS A 41 -3.84 0.92 3.85
N ASN A 42 -4.09 0.47 5.07
CA ASN A 42 -3.11 -0.31 5.84
C ASN A 42 -2.64 -1.50 5.02
N TRP A 43 -3.59 -2.31 4.62
CA TRP A 43 -3.32 -3.50 3.80
C TRP A 43 -2.61 -3.10 2.50
N ILE A 44 -3.09 -2.03 1.88
CA ILE A 44 -2.53 -1.54 0.62
C ILE A 44 -1.05 -1.24 0.76
N ILE A 45 -0.66 -0.66 1.89
CA ILE A 45 0.74 -0.34 2.14
C ILE A 45 1.59 -1.60 2.28
N LYS A 46 1.10 -2.55 3.07
CA LYS A 46 1.85 -3.77 3.35
C LYS A 46 2.01 -4.63 2.10
N TYR A 47 0.91 -4.89 1.41
CA TYR A 47 0.95 -5.76 0.23
C TYR A 47 1.48 -5.01 -0.98
N GLY A 48 1.22 -3.70 -1.03
CA GLY A 48 1.73 -2.88 -2.11
C GLY A 48 3.20 -2.59 -1.98
N SER A 49 3.79 -3.05 -0.88
CA SER A 49 5.23 -2.90 -0.66
C SER A 49 5.99 -3.85 -1.57
N ASN A 50 5.31 -4.92 -2.02
CA ASN A 50 5.86 -5.89 -2.95
C ASN A 50 6.86 -6.83 -2.28
N HIS A 51 7.98 -6.27 -1.84
CA HIS A 51 9.03 -7.07 -1.22
C HIS A 51 9.61 -6.33 -0.02
N ASN A 52 9.26 -6.81 1.17
CA ASN A 52 9.69 -6.19 2.42
C ASN A 52 9.18 -7.03 3.59
N VAL A 53 10.10 -7.70 4.29
CA VAL A 53 9.73 -8.62 5.34
C VAL A 53 9.44 -7.93 6.67
N GLN A 54 10.44 -7.29 7.27
CA GLN A 54 10.28 -6.67 8.58
C GLN A 54 9.97 -5.18 8.46
N GLY A 55 9.53 -4.60 9.57
CA GLY A 55 9.22 -3.19 9.61
C GLY A 55 8.61 -2.79 10.93
N THR A 56 9.35 -1.99 11.70
CA THR A 56 8.94 -1.54 13.04
C THR A 56 8.47 -2.71 13.92
N THR A 57 9.38 -3.25 14.70
CA THR A 57 9.06 -4.38 15.57
C THR A 57 9.86 -4.31 16.87
N PRO A 58 9.23 -3.82 17.95
CA PRO A 58 9.86 -3.74 19.27
C PRO A 58 9.75 -5.05 20.04
N SER A 59 10.87 -5.74 20.18
CA SER A 59 10.90 -7.02 20.86
C SER A 59 10.71 -6.86 22.36
N ALA A 60 11.13 -5.72 22.89
CA ALA A 60 11.03 -5.44 24.31
C ALA A 60 9.57 -5.33 24.76
N ALA A 61 8.68 -5.07 23.81
CA ALA A 61 7.27 -4.86 24.11
C ALA A 61 6.56 -6.16 24.45
N VAL A 62 7.26 -7.27 24.30
CA VAL A 62 6.70 -8.57 24.66
C VAL A 62 6.71 -8.75 26.17
N SER A 63 7.81 -8.33 26.78
CA SER A 63 7.95 -8.38 28.22
C SER A 63 7.03 -7.37 28.88
N GLU A 64 6.84 -6.24 28.22
CA GLU A 64 6.02 -5.15 28.74
C GLU A 64 4.55 -5.51 28.63
N ALA A 65 4.19 -6.21 27.56
CA ALA A 65 2.82 -6.61 27.30
C ALA A 65 2.28 -7.50 28.42
N GLU A 66 3.12 -8.38 28.94
CA GLU A 66 2.71 -9.28 30.01
C GLU A 66 2.27 -8.49 31.23
N GLN A 67 3.10 -7.52 31.61
CA GLN A 67 2.84 -6.67 32.77
C GLN A 67 1.60 -5.82 32.51
N ILE A 68 1.46 -5.36 31.28
CA ILE A 68 0.28 -4.61 30.86
C ILE A 68 -0.98 -5.48 30.96
N ARG A 69 -0.85 -6.74 30.57
CA ARG A 69 -1.97 -7.69 30.62
C ARG A 69 -2.44 -7.91 32.06
N GLN A 70 -1.49 -7.98 32.99
CA GLN A 70 -1.80 -8.18 34.39
C GLN A 70 -2.33 -6.88 34.99
N LEU A 71 -1.80 -5.76 34.52
CA LEU A 71 -2.20 -4.46 35.02
C LEU A 71 -3.68 -4.20 34.72
N LYS A 72 -4.06 -4.28 33.45
CA LYS A 72 -5.43 -3.99 33.06
C LYS A 72 -6.33 -5.22 33.26
N LYS A 73 -5.75 -6.40 33.09
CA LYS A 73 -6.47 -7.67 33.26
C LYS A 73 -7.54 -7.88 32.21
N GLU A 74 -8.14 -9.06 32.23
CA GLU A 74 -9.25 -9.39 31.35
C GLU A 74 -10.57 -9.04 32.03
N ASN A 75 -11.28 -8.07 31.47
CA ASN A 75 -12.55 -7.65 32.04
C ASN A 75 -13.60 -7.58 30.94
N ALA A 76 -14.84 -7.25 31.32
CA ALA A 76 -15.96 -7.23 30.38
C ALA A 76 -15.73 -6.24 29.25
N LEU A 77 -14.99 -5.17 29.56
CA LEU A 77 -14.73 -4.09 28.62
C LEU A 77 -14.31 -4.59 27.24
N GLN A 78 -13.47 -5.60 27.22
CA GLN A 78 -12.96 -6.14 25.97
C GLN A 78 -13.95 -7.09 25.32
N ARG A 79 -14.46 -8.05 26.08
CA ARG A 79 -15.23 -9.15 25.51
C ARG A 79 -16.68 -8.76 25.24
N ALA A 80 -17.15 -7.70 25.89
CA ALA A 80 -18.51 -7.22 25.70
C ALA A 80 -18.64 -6.42 24.41
N ARG A 81 -17.51 -5.93 23.92
CA ARG A 81 -17.47 -5.21 22.65
C ARG A 81 -17.50 -6.20 21.49
N THR A 82 -17.17 -7.43 21.80
CA THR A 82 -17.25 -8.52 20.86
C THR A 82 -18.55 -9.28 21.04
N ARG A 83 -18.56 -10.18 22.02
CA ARG A 83 -19.76 -10.93 22.35
C ARG A 83 -20.78 -10.02 23.02
N HIS A 84 -21.98 -10.00 22.48
CA HIS A 84 -23.02 -9.10 22.96
C HIS A 84 -23.85 -9.77 24.06
N PRO A 85 -24.45 -8.98 24.95
CA PRO A 85 -25.33 -9.48 26.01
C PRO A 85 -26.53 -10.24 25.44
N ALA A 86 -27.31 -10.81 26.33
CA ALA A 86 -28.40 -11.70 25.91
C ALA A 86 -29.69 -11.37 26.65
N GLU A 87 -29.81 -10.13 27.09
CA GLU A 87 -31.02 -9.69 27.78
C GLU A 87 -32.25 -9.79 26.88
N SER A 88 -32.02 -9.82 25.58
CA SER A 88 -33.09 -9.93 24.59
C SER A 88 -33.79 -11.29 24.65
N CYS A 89 -33.05 -12.33 25.04
CA CYS A 89 -33.53 -13.70 24.90
C CYS A 89 -34.70 -14.01 25.82
N LEU A 90 -34.82 -13.27 26.92
CA LEU A 90 -35.81 -13.58 27.95
C LEU A 90 -37.23 -13.25 27.47
N GLU A 91 -37.34 -12.47 26.41
CA GLU A 91 -38.63 -12.09 25.89
C GLU A 91 -39.26 -13.20 25.05
N HIS A 92 -38.48 -13.74 24.11
CA HIS A 92 -38.99 -14.71 23.13
C HIS A 92 -40.07 -14.05 22.27
N HIS A 93 -40.73 -14.84 21.44
CA HIS A 93 -41.88 -14.33 20.69
C HIS A 93 -43.14 -15.11 21.01
N HIS A 94 -42.96 -16.26 21.67
CA HIS A 94 -44.06 -17.05 22.22
C HIS A 94 -45.16 -17.39 21.21
N HIS A 95 -45.05 -18.54 20.58
CA HIS A 95 -46.10 -19.00 19.68
C HIS A 95 -47.24 -19.59 20.50
N HIS A 96 -48.40 -18.98 20.41
CA HIS A 96 -49.56 -19.40 21.19
C HIS A 96 -50.06 -20.78 20.76
N HIS A 97 -50.26 -21.65 21.74
CA HIS A 97 -50.76 -23.00 21.52
C HIS A 97 -49.79 -23.82 20.65
N MET A 1 -12.46 -13.03 24.60
CA MET A 1 -11.69 -12.87 23.34
C MET A 1 -12.61 -12.92 22.13
N PRO A 2 -12.83 -11.77 21.48
CA PRO A 2 -13.61 -11.71 20.25
C PRO A 2 -12.78 -12.09 19.03
N THR A 3 -13.44 -12.28 17.90
CA THR A 3 -12.73 -12.63 16.67
C THR A 3 -13.17 -11.74 15.53
N LYS A 4 -12.23 -11.46 14.66
CA LYS A 4 -12.45 -10.59 13.51
C LYS A 4 -11.46 -10.99 12.42
N THR A 5 -11.90 -11.88 11.53
CA THR A 5 -11.00 -12.43 10.53
C THR A 5 -11.37 -11.97 9.12
N TYR A 6 -10.38 -12.01 8.24
CA TYR A 6 -10.56 -11.74 6.82
C TYR A 6 -9.64 -12.65 6.03
N SER A 7 -10.04 -12.99 4.81
CA SER A 7 -9.21 -13.82 3.96
C SER A 7 -8.07 -13.01 3.35
N GLU A 8 -6.96 -13.68 3.09
CA GLU A 8 -5.78 -13.03 2.54
C GLU A 8 -6.03 -12.56 1.11
N GLU A 9 -6.70 -13.39 0.32
CA GLU A 9 -6.99 -13.06 -1.07
C GLU A 9 -7.94 -11.88 -1.15
N PHE A 10 -8.81 -11.75 -0.16
CA PHE A 10 -9.73 -10.63 -0.07
C PHE A 10 -8.98 -9.32 0.05
N LYS A 11 -8.06 -9.26 1.00
CA LYS A 11 -7.26 -8.07 1.24
C LYS A 11 -6.24 -7.87 0.12
N ARG A 12 -5.81 -8.98 -0.46
CA ARG A 12 -4.89 -8.96 -1.60
C ARG A 12 -5.55 -8.32 -2.81
N ASP A 13 -6.79 -8.72 -3.07
CA ASP A 13 -7.55 -8.14 -4.18
C ASP A 13 -7.89 -6.69 -3.88
N ALA A 14 -8.03 -6.37 -2.60
CA ALA A 14 -8.28 -5.00 -2.18
C ALA A 14 -7.10 -4.10 -2.56
N VAL A 15 -5.90 -4.65 -2.51
CA VAL A 15 -4.71 -3.93 -2.96
C VAL A 15 -4.83 -3.59 -4.44
N ALA A 16 -5.36 -4.54 -5.21
CA ALA A 16 -5.60 -4.33 -6.63
C ALA A 16 -6.73 -3.30 -6.85
N LEU A 17 -7.77 -3.39 -6.04
CA LEU A 17 -8.87 -2.43 -6.10
C LEU A 17 -8.38 -1.00 -5.88
N TYR A 18 -7.38 -0.88 -5.02
CA TYR A 18 -6.83 0.42 -4.63
C TYR A 18 -6.19 1.14 -5.82
N GLU A 19 -5.50 0.40 -6.69
CA GLU A 19 -4.86 1.01 -7.85
C GLU A 19 -5.89 1.33 -8.92
N ASN A 20 -7.02 0.62 -8.87
CA ASN A 20 -8.08 0.80 -9.85
C ASN A 20 -9.10 1.82 -9.37
N SER A 21 -8.66 2.69 -8.48
CA SER A 21 -9.52 3.67 -7.84
C SER A 21 -9.97 4.77 -8.80
N ASP A 22 -9.31 4.87 -9.95
CA ASP A 22 -9.72 5.84 -10.96
C ASP A 22 -11.13 5.51 -11.45
N GLY A 23 -11.44 4.23 -11.47
CA GLY A 23 -12.75 3.79 -11.87
C GLY A 23 -13.60 3.37 -10.70
N ALA A 24 -13.07 3.53 -9.50
CA ALA A 24 -13.79 3.15 -8.28
C ALA A 24 -13.33 4.01 -7.11
N SER A 25 -14.23 4.82 -6.59
CA SER A 25 -13.88 5.75 -5.53
C SER A 25 -13.38 4.99 -4.31
N LEU A 26 -12.30 5.51 -3.72
CA LEU A 26 -11.64 4.86 -2.57
C LEU A 26 -12.63 4.55 -1.46
N GLN A 27 -13.57 5.47 -1.24
CA GLN A 27 -14.59 5.29 -0.21
C GLN A 27 -15.58 4.22 -0.63
N GLN A 28 -15.80 4.08 -1.93
CA GLN A 28 -16.70 3.06 -2.46
C GLN A 28 -16.12 1.68 -2.19
N ILE A 29 -14.81 1.53 -2.41
CA ILE A 29 -14.11 0.29 -2.08
C ILE A 29 -14.29 -0.03 -0.61
N ALA A 30 -14.05 0.96 0.24
CA ALA A 30 -14.19 0.82 1.68
C ALA A 30 -15.63 0.47 2.06
N ASN A 31 -16.59 1.10 1.39
CA ASN A 31 -18.01 0.88 1.65
C ASN A 31 -18.43 -0.52 1.21
N ASP A 32 -17.99 -0.92 0.02
CA ASP A 32 -18.38 -2.19 -0.57
C ASP A 32 -17.81 -3.36 0.22
N LEU A 33 -16.59 -3.20 0.69
CA LEU A 33 -15.92 -4.23 1.48
C LEU A 33 -16.33 -4.14 2.95
N GLY A 34 -16.76 -2.96 3.36
CA GLY A 34 -17.18 -2.75 4.74
C GLY A 34 -16.01 -2.53 5.67
N ILE A 35 -15.01 -1.81 5.18
CA ILE A 35 -13.78 -1.58 5.94
C ILE A 35 -13.50 -0.09 6.04
N ASN A 36 -12.62 0.28 6.96
CA ASN A 36 -12.19 1.65 7.08
C ASN A 36 -11.25 2.01 5.94
N ARG A 37 -11.36 3.25 5.48
CA ARG A 37 -10.53 3.74 4.38
C ARG A 37 -9.04 3.64 4.73
N VAL A 38 -8.74 3.88 6.00
CA VAL A 38 -7.36 3.81 6.49
C VAL A 38 -6.88 2.36 6.55
N THR A 39 -7.76 1.47 7.00
CA THR A 39 -7.44 0.05 7.07
C THR A 39 -7.13 -0.49 5.68
N LEU A 40 -7.92 -0.04 4.70
CA LEU A 40 -7.69 -0.40 3.30
C LEU A 40 -6.31 0.05 2.86
N LYS A 41 -6.01 1.32 3.10
CA LYS A 41 -4.74 1.91 2.73
C LYS A 41 -3.57 1.14 3.33
N ASN A 42 -3.74 0.72 4.58
CA ASN A 42 -2.70 -0.01 5.30
C ASN A 42 -2.42 -1.37 4.65
N TRP A 43 -3.44 -1.99 4.08
CA TRP A 43 -3.27 -3.29 3.45
C TRP A 43 -2.32 -3.21 2.26
N ILE A 44 -2.49 -2.16 1.45
CA ILE A 44 -1.67 -1.96 0.27
C ILE A 44 -0.21 -1.76 0.66
N ILE A 45 0.02 -0.92 1.66
CA ILE A 45 1.36 -0.56 2.07
C ILE A 45 2.08 -1.72 2.75
N LYS A 46 1.34 -2.57 3.44
CA LYS A 46 1.95 -3.68 4.17
C LYS A 46 2.08 -4.93 3.30
N TYR A 47 1.02 -5.29 2.59
CA TYR A 47 0.97 -6.57 1.89
C TYR A 47 1.47 -6.49 0.45
N GLY A 48 1.17 -5.41 -0.25
CA GLY A 48 1.46 -5.36 -1.67
C GLY A 48 2.63 -4.47 -2.01
N SER A 49 3.47 -4.17 -1.04
CA SER A 49 4.58 -3.25 -1.25
C SER A 49 5.84 -3.96 -1.76
N ASN A 50 6.34 -4.91 -0.97
CA ASN A 50 7.65 -5.54 -1.22
C ASN A 50 8.76 -4.50 -1.10
N HIS A 51 8.85 -3.63 -2.10
CA HIS A 51 9.74 -2.48 -2.09
C HIS A 51 11.21 -2.90 -2.10
N ASN A 52 11.75 -3.21 -0.94
CA ASN A 52 13.15 -3.53 -0.82
C ASN A 52 13.38 -4.87 -0.11
N VAL A 53 12.31 -5.65 0.04
CA VAL A 53 12.43 -6.96 0.68
C VAL A 53 13.15 -7.94 -0.24
N GLN A 54 12.68 -8.03 -1.47
CA GLN A 54 13.28 -8.86 -2.51
C GLN A 54 13.43 -10.33 -2.06
N GLY A 55 14.20 -11.08 -2.83
CA GLY A 55 14.49 -12.46 -2.48
C GLY A 55 15.96 -12.77 -2.59
N THR A 56 16.77 -11.73 -2.55
CA THR A 56 18.21 -11.86 -2.71
C THR A 56 18.92 -10.85 -1.81
N THR A 57 19.30 -11.30 -0.63
CA THR A 57 19.98 -10.45 0.34
C THR A 57 21.46 -10.31 0.00
N PRO A 58 21.90 -9.07 -0.30
CA PRO A 58 23.31 -8.77 -0.56
C PRO A 58 24.15 -8.85 0.70
N SER A 59 25.42 -9.18 0.55
CA SER A 59 26.32 -9.36 1.69
C SER A 59 26.46 -8.08 2.49
N ALA A 60 26.47 -6.95 1.81
CA ALA A 60 26.60 -5.65 2.47
C ALA A 60 25.33 -5.30 3.24
N ALA A 61 24.22 -5.92 2.86
CA ALA A 61 22.93 -5.65 3.48
C ALA A 61 22.65 -6.62 4.62
N VAL A 62 23.63 -7.45 4.96
CA VAL A 62 23.45 -8.43 6.02
C VAL A 62 23.29 -7.72 7.37
N SER A 63 24.00 -6.61 7.52
CA SER A 63 23.88 -5.78 8.70
C SER A 63 22.54 -5.06 8.70
N GLU A 64 22.09 -4.67 7.51
CA GLU A 64 20.83 -3.97 7.36
C GLU A 64 19.68 -4.88 7.78
N ALA A 65 19.82 -6.15 7.48
CA ALA A 65 18.81 -7.15 7.79
C ALA A 65 18.68 -7.35 9.30
N GLU A 66 19.74 -7.04 10.03
CA GLU A 66 19.74 -7.19 11.48
C GLU A 66 18.75 -6.21 12.09
N GLN A 67 18.71 -4.99 11.54
CA GLN A 67 17.73 -4.01 12.00
C GLN A 67 16.36 -4.28 11.40
N ILE A 68 16.34 -4.85 10.20
CA ILE A 68 15.09 -5.18 9.52
C ILE A 68 14.32 -6.25 10.28
N ARG A 69 15.03 -7.21 10.85
CA ARG A 69 14.37 -8.25 11.64
C ARG A 69 13.89 -7.68 12.97
N GLN A 70 14.63 -6.71 13.50
CA GLN A 70 14.29 -6.05 14.75
C GLN A 70 13.12 -5.09 14.55
N LEU A 71 13.24 -4.25 13.53
CA LEU A 71 12.25 -3.21 13.24
C LEU A 71 10.84 -3.81 13.10
N LYS A 72 10.75 -4.97 12.47
CA LYS A 72 9.46 -5.63 12.30
C LYS A 72 8.97 -6.27 13.59
N LYS A 73 9.91 -6.68 14.44
CA LYS A 73 9.61 -7.52 15.60
C LYS A 73 8.94 -8.81 15.13
N GLU A 74 7.63 -8.89 15.34
CA GLU A 74 6.82 -9.98 14.82
C GLU A 74 5.35 -9.61 14.95
N ASN A 75 4.53 -10.12 14.05
CA ASN A 75 3.11 -9.79 14.04
C ASN A 75 2.30 -10.91 14.67
N ALA A 76 1.19 -10.55 15.29
CA ALA A 76 0.32 -11.51 15.95
C ALA A 76 -0.29 -12.46 14.94
N LEU A 77 -0.44 -11.99 13.71
CA LEU A 77 -0.95 -12.80 12.62
C LEU A 77 0.05 -13.90 12.25
N GLN A 78 1.32 -13.60 12.42
CA GLN A 78 2.39 -14.55 12.13
C GLN A 78 2.47 -15.57 13.27
N ARG A 79 2.04 -15.16 14.45
CA ARG A 79 2.07 -16.02 15.63
C ARG A 79 1.07 -17.15 15.50
N ALA A 80 0.03 -16.92 14.71
CA ALA A 80 -1.01 -17.92 14.49
C ALA A 80 -0.47 -19.11 13.70
N ARG A 81 0.62 -18.88 12.99
CA ARG A 81 1.32 -19.92 12.26
C ARG A 81 2.20 -20.74 13.19
N THR A 82 2.37 -20.22 14.40
CA THR A 82 3.21 -20.87 15.39
C THR A 82 2.39 -21.79 16.29
N ARG A 83 1.76 -21.21 17.30
CA ARG A 83 1.04 -21.97 18.29
C ARG A 83 -0.40 -21.50 18.44
N HIS A 84 -1.32 -22.44 18.30
CA HIS A 84 -2.76 -22.22 18.52
C HIS A 84 -3.36 -21.23 17.54
N PRO A 85 -4.08 -21.74 16.54
CA PRO A 85 -4.80 -20.92 15.57
C PRO A 85 -6.14 -20.44 16.15
N ALA A 86 -7.02 -19.95 15.29
CA ALA A 86 -8.31 -19.46 15.71
C ALA A 86 -9.28 -20.61 15.97
N GLU A 87 -9.28 -21.12 17.19
CA GLU A 87 -10.09 -22.27 17.56
C GLU A 87 -11.58 -21.90 17.59
N SER A 88 -11.86 -20.64 17.89
CA SER A 88 -13.25 -20.17 17.97
C SER A 88 -13.90 -20.17 16.59
N CYS A 89 -13.08 -20.07 15.55
CA CYS A 89 -13.58 -20.13 14.19
C CYS A 89 -13.91 -21.57 13.82
N LEU A 90 -13.27 -22.51 14.50
CA LEU A 90 -13.55 -23.92 14.33
C LEU A 90 -14.87 -24.25 15.01
N GLU A 91 -15.11 -23.59 16.14
CA GLU A 91 -16.39 -23.69 16.83
C GLU A 91 -17.52 -23.24 15.91
N HIS A 92 -17.19 -22.25 15.07
CA HIS A 92 -18.18 -21.53 14.30
C HIS A 92 -19.09 -20.77 15.26
N HIS A 93 -18.44 -20.15 16.24
CA HIS A 93 -19.10 -19.43 17.34
C HIS A 93 -20.10 -18.41 16.77
N HIS A 94 -21.37 -18.63 17.02
CA HIS A 94 -22.43 -17.82 16.43
C HIS A 94 -22.71 -16.57 17.27
N HIS A 95 -22.87 -16.75 18.58
CA HIS A 95 -23.29 -15.66 19.44
C HIS A 95 -22.16 -14.67 19.68
N HIS A 96 -22.41 -13.41 19.33
CA HIS A 96 -21.48 -12.32 19.60
C HIS A 96 -22.28 -11.06 19.90
N HIS A 97 -21.74 -10.20 20.76
CA HIS A 97 -22.37 -8.92 21.07
C HIS A 97 -21.37 -8.04 21.79
N MET A 1 -12.97 -22.79 19.57
CA MET A 1 -13.74 -23.09 18.36
C MET A 1 -13.00 -22.61 17.12
N PRO A 2 -12.79 -23.50 16.14
CA PRO A 2 -12.11 -23.16 14.89
C PRO A 2 -12.99 -22.28 14.00
N THR A 3 -12.36 -21.34 13.31
CA THR A 3 -13.08 -20.45 12.42
C THR A 3 -12.16 -19.93 11.31
N LYS A 4 -12.74 -19.29 10.31
CA LYS A 4 -11.98 -18.76 9.19
C LYS A 4 -12.70 -17.55 8.60
N THR A 5 -12.11 -16.39 8.79
CA THR A 5 -12.65 -15.15 8.26
C THR A 5 -11.94 -14.80 6.94
N TYR A 6 -11.62 -13.52 6.74
CA TYR A 6 -10.95 -13.05 5.52
C TYR A 6 -9.68 -13.85 5.20
N SER A 7 -9.29 -13.81 3.95
CA SER A 7 -8.08 -14.48 3.50
C SER A 7 -7.02 -13.45 3.11
N GLU A 8 -5.76 -13.87 3.06
CA GLU A 8 -4.69 -13.00 2.60
C GLU A 8 -4.93 -12.61 1.14
N GLU A 9 -5.47 -13.57 0.38
CA GLU A 9 -5.84 -13.34 -1.01
C GLU A 9 -6.86 -12.20 -1.12
N PHE A 10 -7.78 -12.15 -0.16
CA PHE A 10 -8.84 -11.15 -0.15
C PHE A 10 -8.26 -9.75 0.09
N LYS A 11 -7.41 -9.64 1.11
CA LYS A 11 -6.74 -8.38 1.42
C LYS A 11 -5.85 -7.94 0.26
N ARG A 12 -5.30 -8.93 -0.45
CA ARG A 12 -4.46 -8.67 -1.60
C ARG A 12 -5.32 -8.16 -2.76
N ASP A 13 -6.49 -8.79 -2.92
CA ASP A 13 -7.44 -8.43 -3.98
C ASP A 13 -7.97 -7.01 -3.77
N ALA A 14 -8.18 -6.65 -2.51
CA ALA A 14 -8.63 -5.31 -2.15
C ALA A 14 -7.65 -4.26 -2.64
N VAL A 15 -6.37 -4.58 -2.58
CA VAL A 15 -5.34 -3.68 -3.08
C VAL A 15 -5.46 -3.52 -4.59
N ALA A 16 -5.68 -4.63 -5.28
CA ALA A 16 -5.83 -4.63 -6.73
C ALA A 16 -7.08 -3.86 -7.14
N LEU A 17 -8.12 -3.96 -6.34
CA LEU A 17 -9.35 -3.25 -6.57
C LEU A 17 -9.12 -1.75 -6.44
N TYR A 18 -8.38 -1.36 -5.39
CA TYR A 18 -8.09 0.05 -5.13
C TYR A 18 -7.22 0.67 -6.23
N GLU A 19 -6.19 -0.06 -6.67
CA GLU A 19 -5.26 0.48 -7.65
C GLU A 19 -5.96 0.74 -8.98
N ASN A 20 -7.12 0.13 -9.15
CA ASN A 20 -7.98 0.39 -10.31
C ASN A 20 -8.80 1.64 -10.07
N SER A 21 -8.17 2.62 -9.43
CA SER A 21 -8.82 3.86 -9.01
C SER A 21 -9.28 4.70 -10.20
N ASP A 22 -8.79 4.33 -11.39
CA ASP A 22 -9.23 4.96 -12.63
C ASP A 22 -10.76 4.92 -12.73
N GLY A 23 -11.36 3.93 -12.08
CA GLY A 23 -12.80 3.84 -12.01
C GLY A 23 -13.27 3.43 -10.64
N ALA A 24 -12.63 3.99 -9.61
CA ALA A 24 -12.94 3.63 -8.24
C ALA A 24 -12.43 4.69 -7.27
N SER A 25 -13.24 5.01 -6.28
CA SER A 25 -12.85 5.95 -5.24
C SER A 25 -12.34 5.20 -4.02
N LEU A 26 -11.45 5.84 -3.24
CA LEU A 26 -10.86 5.20 -2.07
C LEU A 26 -11.95 4.86 -1.04
N GLN A 27 -12.78 5.86 -0.71
CA GLN A 27 -13.89 5.67 0.21
C GLN A 27 -14.84 4.59 -0.33
N GLN A 28 -15.04 4.61 -1.64
CA GLN A 28 -15.94 3.68 -2.31
C GLN A 28 -15.50 2.23 -2.08
N ILE A 29 -14.20 1.98 -2.16
CA ILE A 29 -13.66 0.65 -1.95
C ILE A 29 -13.90 0.18 -0.52
N ALA A 30 -13.48 1.00 0.44
CA ALA A 30 -13.62 0.67 1.86
C ALA A 30 -15.09 0.49 2.24
N ASN A 31 -15.92 1.36 1.70
CA ASN A 31 -17.36 1.34 1.95
C ASN A 31 -17.98 0.05 1.42
N ASP A 32 -17.62 -0.29 0.17
CA ASP A 32 -18.20 -1.44 -0.51
C ASP A 32 -17.81 -2.75 0.18
N LEU A 33 -16.57 -2.84 0.61
CA LEU A 33 -16.09 -4.03 1.32
C LEU A 33 -16.71 -4.12 2.71
N GLY A 34 -16.92 -2.96 3.33
CA GLY A 34 -17.50 -2.92 4.66
C GLY A 34 -16.45 -2.81 5.74
N ILE A 35 -15.38 -2.08 5.45
CA ILE A 35 -14.29 -1.91 6.39
C ILE A 35 -13.97 -0.43 6.57
N ASN A 36 -13.05 -0.12 7.47
CA ASN A 36 -12.61 1.23 7.68
C ASN A 36 -11.64 1.65 6.58
N ARG A 37 -11.72 2.91 6.19
CA ARG A 37 -10.88 3.46 5.14
C ARG A 37 -9.40 3.34 5.51
N VAL A 38 -9.10 3.50 6.79
CA VAL A 38 -7.74 3.40 7.28
C VAL A 38 -7.28 1.95 7.24
N THR A 39 -8.16 1.03 7.66
CA THR A 39 -7.85 -0.40 7.63
C THR A 39 -7.53 -0.83 6.19
N LEU A 40 -8.30 -0.33 5.24
CA LEU A 40 -8.07 -0.60 3.83
C LEU A 40 -6.71 -0.06 3.40
N LYS A 41 -6.45 1.20 3.76
CA LYS A 41 -5.21 1.88 3.40
C LYS A 41 -4.01 1.10 3.93
N ASN A 42 -4.13 0.61 5.15
CA ASN A 42 -3.09 -0.21 5.78
C ASN A 42 -2.72 -1.40 4.90
N TRP A 43 -3.74 -2.10 4.40
CA TRP A 43 -3.52 -3.24 3.53
C TRP A 43 -2.86 -2.81 2.22
N ILE A 44 -3.36 -1.73 1.65
CA ILE A 44 -2.85 -1.21 0.38
C ILE A 44 -1.35 -0.93 0.46
N ILE A 45 -0.94 -0.25 1.51
CA ILE A 45 0.46 0.12 1.68
C ILE A 45 1.31 -1.10 2.04
N LYS A 46 0.72 -2.04 2.76
CA LYS A 46 1.45 -3.20 3.27
C LYS A 46 1.66 -4.24 2.17
N TYR A 47 0.59 -4.63 1.50
CA TYR A 47 0.65 -5.71 0.53
C TYR A 47 0.90 -5.18 -0.88
N GLY A 48 0.58 -3.92 -1.10
CA GLY A 48 0.77 -3.31 -2.40
C GLY A 48 1.96 -2.37 -2.42
N SER A 49 3.07 -2.84 -1.86
CA SER A 49 4.28 -2.02 -1.72
C SER A 49 4.83 -1.63 -3.09
N ASN A 50 4.72 -2.51 -4.06
CA ASN A 50 5.22 -2.24 -5.40
C ASN A 50 4.13 -1.70 -6.29
N HIS A 51 4.31 -0.47 -6.70
CA HIS A 51 3.38 0.21 -7.61
C HIS A 51 4.12 1.34 -8.33
N ASN A 52 5.02 2.00 -7.61
CA ASN A 52 5.87 3.04 -8.19
C ASN A 52 7.13 3.18 -7.35
N VAL A 53 8.07 2.26 -7.56
CA VAL A 53 9.31 2.27 -6.79
C VAL A 53 10.33 3.25 -7.37
N GLN A 54 10.64 3.10 -8.65
CA GLN A 54 11.67 3.92 -9.29
C GLN A 54 11.14 4.61 -10.53
N GLY A 55 11.23 5.93 -10.53
CA GLY A 55 10.89 6.72 -11.70
C GLY A 55 11.95 7.76 -11.96
N THR A 56 13.16 7.43 -11.51
CA THR A 56 14.32 8.31 -11.53
C THR A 56 14.01 9.68 -10.94
N THR A 57 14.27 9.81 -9.64
CA THR A 57 13.99 11.04 -8.92
C THR A 57 15.13 12.05 -9.11
N PRO A 58 14.83 13.21 -9.69
CA PRO A 58 15.83 14.27 -9.92
C PRO A 58 16.51 14.73 -8.64
N SER A 59 15.75 14.76 -7.56
CA SER A 59 16.27 15.16 -6.26
C SER A 59 17.21 14.08 -5.69
N ALA A 60 16.99 12.83 -6.10
CA ALA A 60 17.79 11.73 -5.59
C ALA A 60 19.12 11.64 -6.32
N ALA A 61 19.16 12.18 -7.53
CA ALA A 61 20.35 12.11 -8.35
C ALA A 61 21.43 13.07 -7.86
N VAL A 62 21.08 13.88 -6.88
CA VAL A 62 22.02 14.81 -6.27
C VAL A 62 23.04 14.05 -5.43
N SER A 63 22.57 12.95 -4.85
CA SER A 63 23.42 12.09 -4.05
C SER A 63 24.54 11.50 -4.89
N GLU A 64 24.22 11.23 -6.15
CA GLU A 64 25.19 10.67 -7.07
C GLU A 64 26.14 11.75 -7.57
N ALA A 65 25.58 12.94 -7.76
CA ALA A 65 26.34 14.08 -8.28
C ALA A 65 27.44 14.48 -7.30
N GLU A 66 27.16 14.35 -6.01
CA GLU A 66 28.14 14.62 -4.97
C GLU A 66 29.38 13.74 -5.15
N GLN A 67 29.13 12.45 -5.30
CA GLN A 67 30.19 11.47 -5.49
C GLN A 67 30.86 11.69 -6.85
N ILE A 68 30.08 12.06 -7.85
CA ILE A 68 30.59 12.36 -9.18
C ILE A 68 31.63 13.49 -9.12
N ARG A 69 31.28 14.57 -8.44
CA ARG A 69 32.22 15.69 -8.28
C ARG A 69 33.50 15.22 -7.60
N GLN A 70 33.33 14.46 -6.52
CA GLN A 70 34.43 14.00 -5.70
C GLN A 70 35.34 13.07 -6.49
N LEU A 71 34.75 12.17 -7.26
CA LEU A 71 35.51 11.18 -8.02
C LEU A 71 36.27 11.84 -9.17
N LYS A 72 35.57 12.71 -9.90
CA LYS A 72 36.14 13.30 -11.11
C LYS A 72 37.15 14.40 -10.78
N LYS A 73 36.82 15.25 -9.83
CA LYS A 73 37.67 16.40 -9.53
C LYS A 73 38.50 16.17 -8.28
N GLU A 74 38.76 14.91 -7.96
CA GLU A 74 39.61 14.56 -6.82
C GLU A 74 41.04 15.08 -7.03
N ASN A 75 41.66 14.62 -8.11
CA ASN A 75 43.04 14.99 -8.41
C ASN A 75 43.28 14.94 -9.93
N ALA A 76 44.52 15.09 -10.34
CA ALA A 76 44.88 15.13 -11.75
C ALA A 76 44.98 13.73 -12.36
N LEU A 77 44.95 12.71 -11.50
CA LEU A 77 45.18 11.32 -11.91
C LEU A 77 44.43 10.94 -13.20
N GLN A 78 43.11 11.16 -13.22
CA GLN A 78 42.31 10.82 -14.38
C GLN A 78 42.51 11.82 -15.51
N ARG A 79 42.64 13.09 -15.14
CA ARG A 79 42.75 14.18 -16.12
C ARG A 79 44.06 14.07 -16.89
N ALA A 80 45.05 13.43 -16.27
CA ALA A 80 46.36 13.26 -16.87
C ALA A 80 46.29 12.43 -18.13
N ARG A 81 45.37 11.48 -18.16
CA ARG A 81 45.17 10.64 -19.33
C ARG A 81 44.34 11.34 -20.38
N THR A 82 43.55 12.30 -19.93
CA THR A 82 42.72 13.09 -20.83
C THR A 82 43.58 14.07 -21.62
N ARG A 83 44.81 14.27 -21.15
CA ARG A 83 45.76 15.14 -21.81
C ARG A 83 46.62 14.30 -22.76
N HIS A 84 46.99 14.88 -23.89
CA HIS A 84 47.79 14.17 -24.87
C HIS A 84 49.02 14.99 -25.27
N PRO A 85 50.16 14.73 -24.61
CA PRO A 85 51.42 15.42 -24.91
C PRO A 85 52.13 14.80 -26.12
N ALA A 86 53.28 15.37 -26.47
CA ALA A 86 54.05 14.88 -27.61
C ALA A 86 55.47 15.44 -27.61
N GLU A 87 56.44 14.54 -27.59
CA GLU A 87 57.85 14.94 -27.68
C GLU A 87 58.19 15.24 -29.14
N SER A 88 57.40 14.66 -30.05
CA SER A 88 57.64 14.77 -31.48
C SER A 88 57.42 16.20 -31.98
N CYS A 89 56.47 16.91 -31.38
CA CYS A 89 56.18 18.29 -31.79
C CYS A 89 57.23 19.24 -31.24
N LEU A 90 57.86 18.85 -30.14
CA LEU A 90 58.94 19.63 -29.56
C LEU A 90 60.14 19.60 -30.50
N GLU A 91 60.39 18.42 -31.06
CA GLU A 91 61.46 18.25 -32.05
C GLU A 91 61.07 18.97 -33.34
N HIS A 92 59.86 18.69 -33.83
CA HIS A 92 59.27 19.33 -35.02
C HIS A 92 60.22 19.36 -36.22
N HIS A 93 61.16 18.43 -36.24
CA HIS A 93 62.09 18.23 -37.34
C HIS A 93 63.01 19.41 -37.57
N HIS A 94 64.20 19.32 -36.96
CA HIS A 94 65.25 20.29 -37.19
C HIS A 94 65.93 20.02 -38.53
N HIS A 95 65.80 18.78 -38.99
CA HIS A 95 66.26 18.41 -40.32
C HIS A 95 65.18 18.79 -41.34
N HIS A 96 65.59 19.08 -42.57
CA HIS A 96 64.69 19.53 -43.63
C HIS A 96 64.27 20.98 -43.38
N HIS A 97 64.96 21.88 -44.05
CA HIS A 97 64.72 23.30 -43.90
C HIS A 97 64.54 23.95 -45.27
N MET A 1 -24.72 -14.46 6.52
CA MET A 1 -23.79 -14.21 7.64
C MET A 1 -23.01 -12.91 7.40
N PRO A 2 -22.79 -12.12 8.46
CA PRO A 2 -22.04 -10.86 8.35
C PRO A 2 -20.56 -11.12 8.10
N THR A 3 -20.06 -10.48 7.06
CA THR A 3 -18.67 -10.67 6.65
C THR A 3 -17.70 -9.97 7.58
N LYS A 4 -16.92 -10.77 8.30
CA LYS A 4 -15.87 -10.26 9.18
C LYS A 4 -14.82 -11.34 9.39
N THR A 5 -13.88 -11.41 8.46
CA THR A 5 -12.84 -12.43 8.50
C THR A 5 -11.60 -11.92 7.78
N TYR A 6 -10.46 -12.55 8.02
CA TYR A 6 -9.21 -12.15 7.40
C TYR A 6 -8.57 -13.31 6.68
N SER A 7 -8.18 -13.08 5.45
CA SER A 7 -7.47 -14.06 4.65
C SER A 7 -6.55 -13.34 3.67
N GLU A 8 -5.55 -14.04 3.15
CA GLU A 8 -4.49 -13.41 2.38
C GLU A 8 -4.97 -12.90 1.03
N GLU A 9 -5.64 -13.76 0.26
CA GLU A 9 -6.14 -13.38 -1.05
C GLU A 9 -7.19 -12.29 -0.93
N PHE A 10 -7.92 -12.32 0.19
CA PHE A 10 -8.87 -11.27 0.53
C PHE A 10 -8.20 -9.90 0.49
N LYS A 11 -7.03 -9.80 1.10
CA LYS A 11 -6.26 -8.56 1.13
C LYS A 11 -5.66 -8.26 -0.24
N ARG A 12 -5.21 -9.31 -0.94
CA ARG A 12 -4.64 -9.15 -2.28
C ARG A 12 -5.62 -8.46 -3.21
N ASP A 13 -6.87 -8.90 -3.16
CA ASP A 13 -7.92 -8.33 -4.00
C ASP A 13 -8.15 -6.87 -3.68
N ALA A 14 -8.04 -6.52 -2.39
CA ALA A 14 -8.22 -5.14 -1.94
C ALA A 14 -7.14 -4.24 -2.54
N VAL A 15 -5.92 -4.75 -2.63
CA VAL A 15 -4.83 -4.01 -3.23
C VAL A 15 -5.07 -3.86 -4.74
N ALA A 16 -5.57 -4.93 -5.36
CA ALA A 16 -5.90 -4.90 -6.78
C ALA A 16 -7.08 -3.97 -7.04
N LEU A 17 -7.93 -3.81 -6.03
CA LEU A 17 -9.04 -2.86 -6.11
C LEU A 17 -8.50 -1.43 -6.21
N TYR A 18 -7.36 -1.20 -5.57
CA TYR A 18 -6.73 0.11 -5.60
C TYR A 18 -6.18 0.39 -7.01
N GLU A 19 -5.83 -0.67 -7.72
CA GLU A 19 -5.36 -0.54 -9.10
C GLU A 19 -6.52 -0.16 -10.02
N ASN A 20 -7.73 -0.43 -9.56
CA ASN A 20 -8.95 -0.14 -10.32
C ASN A 20 -9.60 1.14 -9.81
N SER A 21 -8.82 1.97 -9.14
CA SER A 21 -9.30 3.23 -8.59
C SER A 21 -9.70 4.22 -9.69
N ASP A 22 -9.34 3.89 -10.92
CA ASP A 22 -9.65 4.70 -12.10
C ASP A 22 -11.08 5.22 -12.08
N GLY A 23 -12.01 4.36 -11.70
CA GLY A 23 -13.40 4.75 -11.65
C GLY A 23 -14.01 4.49 -10.29
N ALA A 24 -13.21 4.63 -9.24
CA ALA A 24 -13.69 4.39 -7.88
C ALA A 24 -12.81 5.10 -6.87
N SER A 25 -13.45 5.84 -5.97
CA SER A 25 -12.76 6.51 -4.87
C SER A 25 -12.28 5.49 -3.84
N LEU A 26 -11.24 5.84 -3.09
CA LEU A 26 -10.73 4.98 -2.03
C LEU A 26 -11.83 4.71 -1.01
N GLN A 27 -12.61 5.75 -0.72
CA GLN A 27 -13.72 5.61 0.21
C GLN A 27 -14.70 4.58 -0.31
N GLN A 28 -14.98 4.64 -1.61
CA GLN A 28 -15.92 3.72 -2.24
C GLN A 28 -15.44 2.28 -2.15
N ILE A 29 -14.13 2.09 -2.31
CA ILE A 29 -13.55 0.76 -2.21
C ILE A 29 -13.76 0.18 -0.82
N ALA A 30 -13.41 0.94 0.19
CA ALA A 30 -13.60 0.51 1.58
C ALA A 30 -15.08 0.41 1.92
N ASN A 31 -15.86 1.30 1.35
CA ASN A 31 -17.30 1.37 1.58
C ASN A 31 -17.99 0.13 1.01
N ASP A 32 -17.47 -0.34 -0.13
CA ASP A 32 -18.04 -1.51 -0.81
C ASP A 32 -17.68 -2.80 -0.08
N LEU A 33 -16.49 -2.81 0.49
CA LEU A 33 -16.02 -3.97 1.24
C LEU A 33 -16.59 -3.95 2.65
N GLY A 34 -16.92 -2.76 3.13
CA GLY A 34 -17.59 -2.61 4.41
C GLY A 34 -16.62 -2.32 5.54
N ILE A 35 -15.38 -2.02 5.21
CA ILE A 35 -14.36 -1.78 6.23
C ILE A 35 -13.96 -0.32 6.27
N ASN A 36 -13.20 0.05 7.29
CA ASN A 36 -12.73 1.41 7.46
C ASN A 36 -11.73 1.77 6.35
N ARG A 37 -11.78 3.02 5.92
CA ARG A 37 -10.90 3.50 4.87
C ARG A 37 -9.44 3.38 5.28
N VAL A 38 -9.18 3.60 6.56
CA VAL A 38 -7.82 3.52 7.08
C VAL A 38 -7.36 2.07 7.16
N THR A 39 -8.27 1.18 7.57
CA THR A 39 -7.98 -0.24 7.65
C THR A 39 -7.66 -0.80 6.26
N LEU A 40 -8.42 -0.35 5.27
CA LEU A 40 -8.17 -0.71 3.88
C LEU A 40 -6.79 -0.20 3.46
N LYS A 41 -6.54 1.06 3.78
CA LYS A 41 -5.28 1.71 3.44
C LYS A 41 -4.10 0.95 4.03
N ASN A 42 -4.26 0.50 5.27
CA ASN A 42 -3.21 -0.24 5.97
C ASN A 42 -2.75 -1.47 5.17
N TRP A 43 -3.71 -2.22 4.62
CA TRP A 43 -3.36 -3.36 3.79
C TRP A 43 -2.66 -2.92 2.51
N ILE A 44 -3.18 -1.85 1.91
CA ILE A 44 -2.64 -1.33 0.66
C ILE A 44 -1.19 -0.86 0.86
N ILE A 45 -0.92 -0.21 1.98
CA ILE A 45 0.41 0.33 2.25
C ILE A 45 1.42 -0.79 2.57
N LYS A 46 0.95 -1.86 3.21
CA LYS A 46 1.85 -2.94 3.61
C LYS A 46 2.09 -3.93 2.47
N TYR A 47 1.03 -4.36 1.82
CA TYR A 47 1.14 -5.35 0.76
C TYR A 47 1.46 -4.70 -0.59
N GLY A 48 0.86 -3.55 -0.85
CA GLY A 48 1.15 -2.82 -2.06
C GLY A 48 1.97 -1.58 -1.79
N SER A 49 3.10 -1.78 -1.11
CA SER A 49 3.95 -0.69 -0.64
C SER A 49 4.39 0.23 -1.77
N ASN A 50 4.41 -0.29 -3.01
CA ASN A 50 4.88 0.46 -4.18
C ASN A 50 6.40 0.50 -4.21
N HIS A 51 6.99 0.55 -3.03
CA HIS A 51 8.44 0.52 -2.89
C HIS A 51 8.95 -0.90 -3.08
N ASN A 52 9.34 -1.23 -4.30
CA ASN A 52 9.81 -2.56 -4.61
C ASN A 52 11.29 -2.72 -4.26
N VAL A 53 11.55 -2.76 -2.96
CA VAL A 53 12.91 -2.91 -2.46
C VAL A 53 13.43 -4.32 -2.71
N GLN A 54 12.57 -5.30 -2.47
CA GLN A 54 12.86 -6.69 -2.86
C GLN A 54 11.84 -7.15 -3.89
N GLY A 55 12.25 -7.20 -5.15
CA GLY A 55 11.37 -7.59 -6.23
C GLY A 55 11.16 -9.09 -6.27
N THR A 56 11.99 -9.77 -7.06
CA THR A 56 11.96 -11.22 -7.23
C THR A 56 10.58 -11.75 -7.62
N THR A 57 10.43 -12.06 -8.91
CA THR A 57 9.22 -12.69 -9.42
C THR A 57 9.02 -14.06 -8.77
N PRO A 58 7.88 -14.27 -8.10
CA PRO A 58 7.60 -15.53 -7.39
C PRO A 58 7.72 -16.75 -8.29
N SER A 59 8.50 -17.73 -7.85
CA SER A 59 8.76 -18.94 -8.63
C SER A 59 7.48 -19.75 -8.83
N ALA A 60 6.49 -19.53 -7.98
CA ALA A 60 5.22 -20.22 -8.07
C ALA A 60 4.41 -19.73 -9.27
N ALA A 61 4.74 -18.54 -9.76
CA ALA A 61 3.97 -17.91 -10.83
C ALA A 61 4.22 -18.58 -12.18
N VAL A 62 5.15 -19.52 -12.22
CA VAL A 62 5.43 -20.27 -13.43
C VAL A 62 4.25 -21.19 -13.75
N SER A 63 3.77 -21.87 -12.72
CA SER A 63 2.63 -22.75 -12.85
C SER A 63 1.34 -21.97 -12.63
N GLU A 64 1.42 -20.97 -11.75
CA GLU A 64 0.26 -20.15 -11.39
C GLU A 64 -0.30 -19.44 -12.61
N ALA A 65 0.57 -19.11 -13.54
CA ALA A 65 0.22 -18.35 -14.74
C ALA A 65 -0.89 -19.03 -15.55
N GLU A 66 -1.01 -20.34 -15.40
CA GLU A 66 -2.02 -21.10 -16.14
C GLU A 66 -3.41 -20.78 -15.61
N GLN A 67 -3.58 -20.94 -14.31
CA GLN A 67 -4.86 -20.68 -13.66
C GLN A 67 -5.17 -19.19 -13.61
N ILE A 68 -4.12 -18.37 -13.49
CA ILE A 68 -4.29 -16.92 -13.52
C ILE A 68 -4.85 -16.48 -14.87
N ARG A 69 -4.35 -17.07 -15.94
CA ARG A 69 -4.80 -16.73 -17.29
C ARG A 69 -6.26 -17.15 -17.47
N GLN A 70 -6.66 -18.19 -16.76
CA GLN A 70 -8.05 -18.65 -16.76
C GLN A 70 -8.93 -17.61 -16.10
N LEU A 71 -8.52 -17.17 -14.91
CA LEU A 71 -9.24 -16.14 -14.16
C LEU A 71 -9.29 -14.83 -14.95
N LYS A 72 -8.19 -14.52 -15.62
CA LYS A 72 -8.11 -13.34 -16.48
C LYS A 72 -9.05 -13.47 -17.67
N LYS A 73 -9.34 -14.72 -18.06
CA LYS A 73 -10.22 -15.01 -19.18
C LYS A 73 -9.57 -14.59 -20.51
N GLU A 74 -8.24 -14.52 -20.50
CA GLU A 74 -7.48 -14.12 -21.67
C GLU A 74 -7.38 -15.26 -22.67
N ASN A 75 -7.97 -15.07 -23.83
CA ASN A 75 -7.84 -16.03 -24.92
C ASN A 75 -7.08 -15.38 -26.09
N ALA A 76 -6.86 -16.14 -27.14
CA ALA A 76 -6.17 -15.63 -28.31
C ALA A 76 -7.05 -14.68 -29.11
N LEU A 77 -8.36 -14.90 -29.03
CA LEU A 77 -9.33 -14.14 -29.80
C LEU A 77 -9.35 -12.66 -29.38
N GLN A 78 -8.94 -12.39 -28.15
CA GLN A 78 -8.91 -11.02 -27.62
C GLN A 78 -8.19 -10.09 -28.59
N ARG A 79 -6.95 -10.42 -28.91
CA ARG A 79 -6.14 -9.57 -29.77
C ARG A 79 -6.40 -9.88 -31.25
N ALA A 80 -7.04 -11.01 -31.49
CA ALA A 80 -7.43 -11.38 -32.85
C ALA A 80 -8.55 -10.48 -33.34
N ARG A 81 -9.25 -9.85 -32.41
CA ARG A 81 -10.31 -8.90 -32.72
C ARG A 81 -9.77 -7.57 -33.22
N THR A 82 -8.50 -7.34 -32.95
CA THR A 82 -7.89 -6.04 -33.23
C THR A 82 -7.40 -5.92 -34.68
N ARG A 83 -7.55 -6.98 -35.46
CA ARG A 83 -7.12 -6.95 -36.85
C ARG A 83 -8.32 -6.74 -37.77
N HIS A 84 -8.08 -6.14 -38.92
CA HIS A 84 -9.13 -5.92 -39.90
C HIS A 84 -9.13 -7.04 -40.94
N PRO A 85 -10.28 -7.31 -41.56
CA PRO A 85 -10.39 -8.36 -42.58
C PRO A 85 -9.90 -7.91 -43.95
N ALA A 86 -9.86 -8.85 -44.88
CA ALA A 86 -9.46 -8.56 -46.25
C ALA A 86 -10.51 -9.07 -47.22
N GLU A 87 -11.67 -8.42 -47.19
CA GLU A 87 -12.81 -8.84 -47.99
C GLU A 87 -12.50 -8.79 -49.49
N SER A 88 -11.73 -7.79 -49.90
CA SER A 88 -11.37 -7.63 -51.30
C SER A 88 -10.44 -8.75 -51.76
N CYS A 89 -9.51 -9.14 -50.90
CA CYS A 89 -8.53 -10.17 -51.23
C CYS A 89 -9.17 -11.54 -51.24
N LEU A 90 -10.26 -11.68 -50.49
CA LEU A 90 -11.01 -12.92 -50.44
C LEU A 90 -11.75 -13.13 -51.75
N GLU A 91 -12.23 -12.03 -52.32
CA GLU A 91 -12.94 -12.07 -53.59
C GLU A 91 -11.93 -12.22 -54.74
N HIS A 92 -10.90 -11.39 -54.73
CA HIS A 92 -9.86 -11.47 -55.76
C HIS A 92 -8.49 -11.16 -55.17
N HIS A 93 -7.53 -12.01 -55.48
CA HIS A 93 -6.16 -11.85 -55.01
C HIS A 93 -5.20 -11.99 -56.18
N HIS A 94 -3.94 -11.64 -55.97
CA HIS A 94 -2.97 -11.63 -57.06
C HIS A 94 -2.43 -13.04 -57.31
N HIS A 95 -2.56 -13.50 -58.55
CA HIS A 95 -2.05 -14.80 -58.94
C HIS A 95 -1.21 -14.65 -60.21
N HIS A 96 0.02 -15.11 -60.15
CA HIS A 96 0.96 -14.94 -61.24
C HIS A 96 0.82 -16.04 -62.29
N HIS A 97 0.77 -15.63 -63.55
CA HIS A 97 0.67 -16.58 -64.66
C HIS A 97 1.53 -16.09 -65.83
N MET A 1 -10.75 -17.67 21.72
CA MET A 1 -10.08 -16.78 20.76
C MET A 1 -11.09 -16.25 19.75
N PRO A 2 -11.52 -15.00 19.89
CA PRO A 2 -12.51 -14.37 19.02
C PRO A 2 -11.86 -13.73 17.80
N THR A 3 -10.92 -14.44 17.19
CA THR A 3 -10.16 -13.89 16.08
C THR A 3 -10.95 -13.98 14.76
N LYS A 4 -11.41 -12.84 14.30
CA LYS A 4 -12.12 -12.74 13.04
C LYS A 4 -11.25 -12.01 12.03
N THR A 5 -10.52 -12.78 11.25
CA THR A 5 -9.54 -12.23 10.32
C THR A 5 -9.90 -12.62 8.89
N TYR A 6 -9.33 -11.90 7.93
CA TYR A 6 -9.59 -12.14 6.52
C TYR A 6 -8.36 -12.78 5.89
N SER A 7 -8.57 -13.51 4.81
CA SER A 7 -7.48 -14.11 4.08
C SER A 7 -6.55 -13.02 3.53
N GLU A 8 -5.25 -13.26 3.59
CA GLU A 8 -4.28 -12.30 3.08
C GLU A 8 -4.46 -12.09 1.57
N GLU A 9 -4.87 -13.14 0.87
CA GLU A 9 -5.24 -13.05 -0.53
C GLU A 9 -6.44 -12.12 -0.72
N PHE A 10 -7.40 -12.26 0.18
CA PHE A 10 -8.60 -11.43 0.16
C PHE A 10 -8.23 -9.96 0.30
N LYS A 11 -7.21 -9.68 1.09
CA LYS A 11 -6.72 -8.32 1.29
C LYS A 11 -5.96 -7.82 0.07
N ARG A 12 -5.18 -8.70 -0.55
CA ARG A 12 -4.39 -8.32 -1.72
C ARG A 12 -5.30 -8.11 -2.93
N ASP A 13 -6.47 -8.71 -2.90
CA ASP A 13 -7.51 -8.43 -3.89
C ASP A 13 -8.00 -7.00 -3.76
N ALA A 14 -8.12 -6.54 -2.51
CA ALA A 14 -8.54 -5.17 -2.23
C ALA A 14 -7.49 -4.17 -2.71
N VAL A 15 -6.23 -4.56 -2.64
CA VAL A 15 -5.15 -3.74 -3.16
C VAL A 15 -5.27 -3.62 -4.68
N ALA A 16 -5.70 -4.70 -5.33
CA ALA A 16 -5.94 -4.71 -6.76
C ALA A 16 -7.14 -3.83 -7.10
N LEU A 17 -8.11 -3.80 -6.21
CA LEU A 17 -9.26 -2.91 -6.36
C LEU A 17 -8.80 -1.46 -6.32
N TYR A 18 -7.81 -1.18 -5.48
CA TYR A 18 -7.27 0.17 -5.35
C TYR A 18 -6.53 0.59 -6.62
N GLU A 19 -5.99 -0.40 -7.34
CA GLU A 19 -5.36 -0.14 -8.62
C GLU A 19 -6.35 0.46 -9.60
N ASN A 20 -7.62 0.15 -9.39
CA ASN A 20 -8.69 0.54 -10.31
C ASN A 20 -9.43 1.77 -9.80
N SER A 21 -8.70 2.66 -9.13
CA SER A 21 -9.29 3.88 -8.58
C SER A 21 -9.77 4.81 -9.68
N ASP A 22 -9.34 4.54 -10.91
CA ASP A 22 -9.74 5.33 -12.08
C ASP A 22 -11.25 5.55 -12.11
N GLY A 23 -11.99 4.52 -11.77
CA GLY A 23 -13.43 4.62 -11.78
C GLY A 23 -14.03 4.27 -10.44
N ALA A 24 -13.27 4.47 -9.37
CA ALA A 24 -13.72 4.12 -8.03
C ALA A 24 -13.08 5.02 -6.99
N SER A 25 -13.91 5.60 -6.13
CA SER A 25 -13.43 6.40 -5.02
C SER A 25 -12.82 5.52 -3.95
N LEU A 26 -11.83 6.04 -3.24
CA LEU A 26 -11.21 5.33 -2.13
C LEU A 26 -12.29 4.97 -1.10
N GLN A 27 -13.24 5.88 -0.94
CA GLN A 27 -14.40 5.64 -0.08
C GLN A 27 -15.14 4.38 -0.54
N GLN A 28 -15.47 4.33 -1.81
CA GLN A 28 -16.29 3.25 -2.38
C GLN A 28 -15.62 1.89 -2.21
N ILE A 29 -14.31 1.83 -2.44
CA ILE A 29 -13.57 0.57 -2.32
C ILE A 29 -13.71 -0.01 -0.92
N ALA A 30 -13.44 0.81 0.08
CA ALA A 30 -13.56 0.38 1.47
C ALA A 30 -15.03 0.19 1.85
N ASN A 31 -15.88 1.05 1.28
CA ASN A 31 -17.31 1.05 1.58
C ASN A 31 -17.98 -0.24 1.12
N ASP A 32 -17.63 -0.68 -0.08
CA ASP A 32 -18.23 -1.89 -0.66
C ASP A 32 -17.79 -3.12 0.11
N LEU A 33 -16.60 -3.07 0.69
CA LEU A 33 -16.07 -4.18 1.45
C LEU A 33 -16.54 -4.12 2.90
N GLY A 34 -16.82 -2.92 3.38
CA GLY A 34 -17.33 -2.75 4.72
C GLY A 34 -16.24 -2.39 5.71
N ILE A 35 -15.14 -1.84 5.21
CA ILE A 35 -14.03 -1.47 6.06
C ILE A 35 -13.79 0.05 6.01
N ASN A 36 -12.94 0.53 6.89
CA ASN A 36 -12.59 1.94 6.93
C ASN A 36 -11.54 2.28 5.88
N ARG A 37 -11.49 3.54 5.47
CA ARG A 37 -10.50 4.01 4.53
C ARG A 37 -9.09 3.70 5.04
N VAL A 38 -8.91 3.82 6.34
CA VAL A 38 -7.62 3.57 6.96
C VAL A 38 -7.27 2.08 6.93
N THR A 39 -8.28 1.25 7.19
CA THR A 39 -8.11 -0.20 7.15
C THR A 39 -7.61 -0.65 5.78
N LEU A 40 -8.21 -0.08 4.73
CA LEU A 40 -7.83 -0.38 3.36
C LEU A 40 -6.37 0.00 3.13
N LYS A 41 -6.00 1.22 3.52
CA LYS A 41 -4.66 1.73 3.33
C LYS A 41 -3.64 0.86 4.05
N ASN A 42 -3.99 0.45 5.26
CA ASN A 42 -3.15 -0.42 6.07
C ASN A 42 -2.78 -1.70 5.32
N TRP A 43 -3.77 -2.30 4.65
CA TRP A 43 -3.54 -3.51 3.88
C TRP A 43 -2.69 -3.20 2.65
N ILE A 44 -2.98 -2.08 2.01
CA ILE A 44 -2.26 -1.67 0.81
C ILE A 44 -0.76 -1.54 1.08
N ILE A 45 -0.41 -0.88 2.17
CA ILE A 45 0.99 -0.68 2.52
C ILE A 45 1.66 -2.00 2.87
N LYS A 46 0.95 -2.85 3.60
CA LYS A 46 1.50 -4.10 4.09
C LYS A 46 1.67 -5.14 2.99
N TYR A 47 0.69 -5.24 2.10
CA TYR A 47 0.69 -6.28 1.08
C TYR A 47 1.17 -5.76 -0.28
N GLY A 48 0.95 -4.48 -0.54
CA GLY A 48 1.40 -3.88 -1.78
C GLY A 48 2.46 -2.83 -1.55
N SER A 49 3.56 -3.24 -0.93
CA SER A 49 4.62 -2.32 -0.56
C SER A 49 5.39 -1.82 -1.80
N ASN A 50 5.35 -2.62 -2.86
CA ASN A 50 6.08 -2.29 -4.09
C ASN A 50 5.57 -1.01 -4.72
N HIS A 51 4.27 -0.98 -5.03
CA HIS A 51 3.63 0.21 -5.59
C HIS A 51 4.27 0.58 -6.93
N ASN A 52 4.84 -0.42 -7.57
CA ASN A 52 5.57 -0.24 -8.81
C ASN A 52 4.60 -0.16 -9.98
N VAL A 53 4.08 1.04 -10.17
CA VAL A 53 3.16 1.31 -11.28
C VAL A 53 3.89 1.33 -12.61
N GLN A 54 5.09 1.87 -12.63
CA GLN A 54 5.89 1.94 -13.84
C GLN A 54 6.75 0.69 -13.98
N GLY A 55 6.69 0.08 -15.16
CA GLY A 55 7.35 -1.20 -15.37
C GLY A 55 8.85 -1.11 -15.48
N THR A 56 9.41 0.05 -15.14
CA THR A 56 10.84 0.28 -15.11
C THR A 56 11.41 0.38 -16.53
N THR A 57 11.92 1.55 -16.84
CA THR A 57 12.51 1.82 -18.13
C THR A 57 14.02 1.69 -18.06
N PRO A 58 14.62 0.86 -18.93
CA PRO A 58 16.07 0.64 -18.96
C PRO A 58 16.84 1.85 -19.50
N SER A 59 18.11 1.94 -19.13
CA SER A 59 18.95 3.08 -19.52
C SER A 59 19.18 3.12 -21.03
N ALA A 60 19.04 1.98 -21.69
CA ALA A 60 19.24 1.89 -23.13
C ALA A 60 18.28 2.78 -23.90
N ALA A 61 17.16 3.14 -23.28
CA ALA A 61 16.16 3.95 -23.94
C ALA A 61 16.50 5.44 -23.83
N VAL A 62 17.55 5.74 -23.08
CA VAL A 62 17.97 7.13 -22.89
C VAL A 62 18.79 7.60 -24.08
N SER A 63 19.65 6.71 -24.57
CA SER A 63 20.47 7.02 -25.72
C SER A 63 19.63 7.06 -27.00
N GLU A 64 18.61 6.22 -27.05
CA GLU A 64 17.71 6.19 -28.19
C GLU A 64 16.83 7.43 -28.22
N ALA A 65 16.46 7.90 -27.04
CA ALA A 65 15.65 9.10 -26.89
C ALA A 65 16.33 10.30 -27.54
N GLU A 66 17.66 10.34 -27.45
CA GLU A 66 18.44 11.39 -28.09
C GLU A 66 18.17 11.41 -29.59
N GLN A 67 18.25 10.23 -30.19
CA GLN A 67 18.07 10.08 -31.62
C GLN A 67 16.60 10.34 -31.99
N ILE A 68 15.71 9.99 -31.07
CA ILE A 68 14.29 10.28 -31.23
C ILE A 68 14.05 11.79 -31.28
N ARG A 69 14.77 12.54 -30.45
CA ARG A 69 14.64 14.01 -30.44
C ARG A 69 15.09 14.58 -31.78
N GLN A 70 16.10 13.95 -32.37
CA GLN A 70 16.61 14.37 -33.67
C GLN A 70 15.55 14.15 -34.74
N LEU A 71 14.99 12.95 -34.77
CA LEU A 71 14.00 12.58 -35.78
C LEU A 71 12.68 13.33 -35.58
N LYS A 72 12.42 13.75 -34.35
CA LYS A 72 11.20 14.48 -34.02
C LYS A 72 11.14 15.84 -34.74
N LYS A 73 12.28 16.30 -35.25
CA LYS A 73 12.34 17.57 -35.96
C LYS A 73 11.74 17.43 -37.36
N GLU A 74 11.65 18.55 -38.09
CA GLU A 74 11.04 18.56 -39.42
C GLU A 74 11.85 17.70 -40.39
N ASN A 75 11.18 16.72 -40.98
CA ASN A 75 11.84 15.81 -41.89
C ASN A 75 11.21 15.86 -43.29
N ALA A 76 11.62 14.94 -44.15
CA ALA A 76 11.23 14.92 -45.55
C ALA A 76 9.72 14.85 -45.77
N LEU A 77 8.99 14.27 -44.82
CA LEU A 77 7.55 14.08 -44.96
C LEU A 77 6.82 15.41 -45.20
N GLN A 78 7.29 16.48 -44.58
CA GLN A 78 6.66 17.79 -44.72
C GLN A 78 7.12 18.46 -46.01
N ARG A 79 8.31 18.11 -46.47
CA ARG A 79 8.89 18.75 -47.65
C ARG A 79 8.32 18.15 -48.94
N ALA A 80 7.71 16.98 -48.79
CA ALA A 80 7.20 16.22 -49.94
C ALA A 80 6.13 16.98 -50.71
N ARG A 81 5.53 17.97 -50.08
CA ARG A 81 4.50 18.78 -50.74
C ARG A 81 5.11 19.68 -51.82
N THR A 82 6.37 19.99 -51.65
CA THR A 82 7.06 20.91 -52.55
C THR A 82 8.00 20.13 -53.47
N ARG A 83 9.18 19.83 -52.96
CA ARG A 83 10.18 19.09 -53.71
C ARG A 83 10.30 17.69 -53.14
N HIS A 84 10.44 16.70 -54.00
CA HIS A 84 10.40 15.30 -53.59
C HIS A 84 11.80 14.75 -53.29
N PRO A 85 12.12 14.56 -52.00
CA PRO A 85 13.35 13.94 -51.56
C PRO A 85 13.17 12.46 -51.25
N ALA A 86 14.20 11.84 -50.66
CA ALA A 86 14.17 10.43 -50.28
C ALA A 86 13.67 9.56 -51.43
N GLU A 87 14.48 9.47 -52.48
CA GLU A 87 14.10 8.77 -53.71
C GLU A 87 13.71 7.32 -53.46
N SER A 88 14.23 6.73 -52.39
CA SER A 88 13.94 5.35 -52.04
C SER A 88 12.67 5.27 -51.18
N CYS A 89 12.62 6.07 -50.12
CA CYS A 89 11.53 6.03 -49.16
C CYS A 89 10.21 6.49 -49.79
N LEU A 90 10.33 7.43 -50.73
CA LEU A 90 9.15 8.00 -51.39
C LEU A 90 8.41 6.94 -52.21
N GLU A 91 9.16 6.04 -52.83
CA GLU A 91 8.59 5.01 -53.67
C GLU A 91 7.73 4.04 -52.85
N HIS A 92 8.24 3.70 -51.66
CA HIS A 92 7.57 2.79 -50.73
C HIS A 92 7.50 1.37 -51.28
N HIS A 93 7.09 0.43 -50.44
CA HIS A 93 6.96 -0.96 -50.85
C HIS A 93 5.51 -1.42 -50.70
N HIS A 94 4.86 -1.71 -51.81
CA HIS A 94 3.51 -2.26 -51.77
C HIS A 94 3.58 -3.78 -51.75
N HIS A 95 2.45 -4.43 -51.46
CA HIS A 95 2.39 -5.89 -51.33
C HIS A 95 3.01 -6.32 -50.01
N HIS A 96 2.16 -6.68 -49.06
CA HIS A 96 2.62 -7.05 -47.73
C HIS A 96 1.67 -8.07 -47.12
N HIS A 97 2.19 -8.95 -46.31
CA HIS A 97 1.35 -9.92 -45.61
C HIS A 97 0.97 -9.38 -44.24
N MET A 1 -21.14 -15.52 13.29
CA MET A 1 -20.14 -16.59 13.57
C MET A 1 -19.13 -16.10 14.60
N PRO A 2 -18.57 -17.01 15.41
CA PRO A 2 -17.51 -16.67 16.35
C PRO A 2 -16.25 -16.21 15.63
N THR A 3 -16.07 -16.74 14.43
CA THR A 3 -14.96 -16.38 13.58
C THR A 3 -15.37 -15.32 12.56
N LYS A 4 -14.68 -14.18 12.60
CA LYS A 4 -14.94 -13.11 11.65
C LYS A 4 -13.69 -12.79 10.85
N THR A 5 -12.75 -13.72 10.87
CA THR A 5 -11.48 -13.55 10.19
C THR A 5 -11.66 -13.57 8.67
N TYR A 6 -10.74 -12.93 7.97
CA TYR A 6 -10.79 -12.86 6.53
C TYR A 6 -9.59 -13.59 5.92
N SER A 7 -9.73 -14.02 4.68
CA SER A 7 -8.65 -14.70 3.98
C SER A 7 -7.70 -13.68 3.35
N GLU A 8 -6.48 -14.10 3.06
CA GLU A 8 -5.47 -13.18 2.54
C GLU A 8 -5.81 -12.71 1.13
N GLU A 9 -6.56 -13.53 0.38
CA GLU A 9 -7.01 -13.18 -0.95
C GLU A 9 -7.82 -11.89 -0.91
N PHE A 10 -8.64 -11.75 0.13
CA PHE A 10 -9.49 -10.58 0.32
C PHE A 10 -8.65 -9.29 0.35
N LYS A 11 -7.60 -9.30 1.16
CA LYS A 11 -6.71 -8.16 1.29
C LYS A 11 -5.90 -7.98 0.01
N ARG A 12 -5.42 -9.10 -0.51
CA ARG A 12 -4.56 -9.12 -1.69
C ARG A 12 -5.29 -8.56 -2.91
N ASP A 13 -6.57 -8.89 -3.02
CA ASP A 13 -7.42 -8.41 -4.09
C ASP A 13 -7.76 -6.94 -3.91
N ALA A 14 -7.96 -6.54 -2.65
CA ALA A 14 -8.29 -5.16 -2.33
C ALA A 14 -7.19 -4.21 -2.76
N VAL A 15 -5.94 -4.66 -2.66
CA VAL A 15 -4.80 -3.87 -3.11
C VAL A 15 -4.87 -3.67 -4.62
N ALA A 16 -5.21 -4.75 -5.34
CA ALA A 16 -5.32 -4.69 -6.79
C ALA A 16 -6.51 -3.83 -7.21
N LEU A 17 -7.58 -3.91 -6.42
CA LEU A 17 -8.77 -3.10 -6.66
C LEU A 17 -8.43 -1.61 -6.53
N TYR A 18 -7.51 -1.30 -5.62
CA TYR A 18 -7.08 0.08 -5.40
C TYR A 18 -6.33 0.61 -6.62
N GLU A 19 -5.69 -0.27 -7.37
CA GLU A 19 -5.02 0.13 -8.61
C GLU A 19 -6.05 0.53 -9.67
N ASN A 20 -7.28 0.11 -9.44
CA ASN A 20 -8.39 0.42 -10.34
C ASN A 20 -9.22 1.57 -9.78
N SER A 21 -8.60 2.39 -8.94
CA SER A 21 -9.27 3.51 -8.30
C SER A 21 -9.65 4.61 -9.29
N ASP A 22 -9.07 4.52 -10.48
CA ASP A 22 -9.37 5.48 -11.56
C ASP A 22 -10.85 5.43 -11.94
N GLY A 23 -11.55 4.39 -11.48
CA GLY A 23 -12.98 4.29 -11.71
C GLY A 23 -13.73 3.98 -10.43
N ALA A 24 -13.10 4.23 -9.30
CA ALA A 24 -13.69 3.94 -7.99
C ALA A 24 -12.93 4.67 -6.89
N SER A 25 -13.63 5.52 -6.16
CA SER A 25 -13.03 6.28 -5.08
C SER A 25 -12.58 5.37 -3.95
N LEU A 26 -11.57 5.82 -3.19
CA LEU A 26 -11.01 5.05 -2.08
C LEU A 26 -12.10 4.65 -1.10
N GLN A 27 -12.96 5.60 -0.75
CA GLN A 27 -14.07 5.32 0.16
C GLN A 27 -14.98 4.25 -0.41
N GLN A 28 -15.26 4.35 -1.71
CA GLN A 28 -16.15 3.39 -2.37
C GLN A 28 -15.62 1.97 -2.23
N ILE A 29 -14.31 1.82 -2.33
CA ILE A 29 -13.67 0.51 -2.18
C ILE A 29 -13.92 -0.05 -0.78
N ALA A 30 -13.52 0.70 0.23
CA ALA A 30 -13.67 0.28 1.62
C ALA A 30 -15.14 0.17 2.00
N ASN A 31 -15.98 0.98 1.35
CA ASN A 31 -17.41 0.99 1.60
C ASN A 31 -18.04 -0.34 1.20
N ASP A 32 -17.59 -0.88 0.07
CA ASP A 32 -18.11 -2.15 -0.44
C ASP A 32 -17.69 -3.28 0.50
N LEU A 33 -16.47 -3.20 0.99
CA LEU A 33 -15.93 -4.20 1.91
C LEU A 33 -16.54 -4.06 3.29
N GLY A 34 -16.99 -2.86 3.62
CA GLY A 34 -17.62 -2.61 4.90
C GLY A 34 -16.61 -2.28 5.99
N ILE A 35 -15.44 -1.80 5.58
CA ILE A 35 -14.39 -1.46 6.52
C ILE A 35 -14.04 0.02 6.45
N ASN A 36 -13.18 0.48 7.35
CA ASN A 36 -12.71 1.84 7.34
C ASN A 36 -11.74 2.05 6.19
N ARG A 37 -11.67 3.27 5.68
CA ARG A 37 -10.80 3.58 4.57
C ARG A 37 -9.34 3.42 4.97
N VAL A 38 -9.05 3.63 6.25
CA VAL A 38 -7.70 3.47 6.77
C VAL A 38 -7.33 1.99 6.84
N THR A 39 -8.30 1.16 7.24
CA THR A 39 -8.09 -0.28 7.29
C THR A 39 -7.68 -0.80 5.90
N LEU A 40 -8.36 -0.30 4.88
CA LEU A 40 -8.05 -0.64 3.50
C LEU A 40 -6.64 -0.18 3.14
N LYS A 41 -6.37 1.10 3.40
CA LYS A 41 -5.08 1.71 3.09
C LYS A 41 -3.94 0.95 3.77
N ASN A 42 -4.15 0.61 5.03
CA ASN A 42 -3.17 -0.13 5.81
C ASN A 42 -2.79 -1.46 5.16
N TRP A 43 -3.75 -2.13 4.53
CA TRP A 43 -3.47 -3.35 3.78
C TRP A 43 -2.64 -3.03 2.54
N ILE A 44 -3.09 -2.01 1.82
CA ILE A 44 -2.46 -1.61 0.56
C ILE A 44 -1.00 -1.24 0.76
N ILE A 45 -0.73 -0.39 1.75
CA ILE A 45 0.63 0.07 2.03
C ILE A 45 1.56 -1.10 2.37
N LYS A 46 1.02 -2.11 3.02
CA LYS A 46 1.83 -3.23 3.48
C LYS A 46 2.06 -4.25 2.38
N TYR A 47 1.01 -4.59 1.65
CA TYR A 47 1.10 -5.62 0.62
C TYR A 47 1.57 -5.08 -0.72
N GLY A 48 1.24 -3.83 -1.00
CA GLY A 48 1.62 -3.23 -2.27
C GLY A 48 2.78 -2.27 -2.15
N SER A 49 3.64 -2.51 -1.17
CA SER A 49 4.80 -1.67 -0.95
C SER A 49 5.91 -2.03 -1.94
N ASN A 50 6.02 -3.33 -2.23
CA ASN A 50 7.06 -3.86 -3.11
C ASN A 50 8.44 -3.57 -2.55
N HIS A 51 9.10 -2.52 -3.04
CA HIS A 51 10.44 -2.15 -2.58
C HIS A 51 10.68 -0.66 -2.78
N ASN A 52 10.26 0.14 -1.83
CA ASN A 52 10.48 1.58 -1.88
C ASN A 52 11.67 1.94 -1.00
N VAL A 53 12.81 1.32 -1.26
CA VAL A 53 14.01 1.59 -0.51
C VAL A 53 14.63 2.92 -0.93
N GLN A 54 14.80 3.09 -2.23
CA GLN A 54 15.26 4.35 -2.79
C GLN A 54 14.14 5.00 -3.58
N GLY A 55 13.53 6.02 -2.99
CA GLY A 55 12.45 6.73 -3.66
C GLY A 55 11.89 7.84 -2.81
N THR A 56 11.95 9.06 -3.34
CA THR A 56 11.48 10.27 -2.68
C THR A 56 12.06 10.41 -1.26
N THR A 57 13.16 11.14 -1.16
CA THR A 57 13.82 11.36 0.11
C THR A 57 13.63 12.80 0.60
N PRO A 58 12.70 13.02 1.54
CA PRO A 58 12.40 14.35 2.09
C PRO A 58 13.56 14.89 2.93
N SER A 59 14.41 13.98 3.36
CA SER A 59 15.53 14.33 4.22
C SER A 59 16.54 15.23 3.49
N ALA A 60 16.68 15.04 2.19
CA ALA A 60 17.61 15.83 1.40
C ALA A 60 17.14 17.28 1.29
N ALA A 61 15.83 17.45 1.31
CA ALA A 61 15.24 18.77 1.14
C ALA A 61 15.25 19.56 2.44
N VAL A 62 15.78 18.94 3.49
CA VAL A 62 15.91 19.61 4.78
C VAL A 62 17.16 20.47 4.80
N SER A 63 18.26 19.87 4.39
CA SER A 63 19.56 20.55 4.37
C SER A 63 19.63 21.53 3.20
N GLU A 64 19.04 21.13 2.07
CA GLU A 64 19.07 21.93 0.85
C GLU A 64 18.32 23.25 1.05
N ALA A 65 17.42 23.26 2.03
CA ALA A 65 16.58 24.42 2.31
C ALA A 65 17.40 25.65 2.71
N GLU A 66 18.54 25.43 3.35
CA GLU A 66 19.38 26.53 3.82
C GLU A 66 19.99 27.29 2.65
N GLN A 67 20.37 26.54 1.62
CA GLN A 67 20.99 27.12 0.43
C GLN A 67 19.93 27.73 -0.48
N ILE A 68 18.81 27.03 -0.63
CA ILE A 68 17.68 27.54 -1.38
C ILE A 68 17.13 28.81 -0.72
N ARG A 69 17.24 28.85 0.60
CA ARG A 69 16.84 30.01 1.41
C ARG A 69 17.52 31.29 0.92
N GLN A 70 18.77 31.15 0.49
CA GLN A 70 19.58 32.27 0.02
C GLN A 70 19.23 32.63 -1.42
N LEU A 71 19.20 31.62 -2.27
CA LEU A 71 19.10 31.81 -3.71
C LEU A 71 17.65 32.06 -4.17
N LYS A 72 16.72 31.22 -3.75
CA LYS A 72 15.36 31.26 -4.28
C LYS A 72 14.62 32.49 -3.76
N LYS A 73 14.97 32.93 -2.55
CA LYS A 73 14.43 34.15 -2.00
C LYS A 73 15.60 35.01 -1.54
N GLU A 74 15.88 36.07 -2.30
CA GLU A 74 17.09 36.86 -2.10
C GLU A 74 17.26 37.32 -0.65
N ASN A 75 18.29 36.79 -0.02
CA ASN A 75 18.61 37.08 1.38
C ASN A 75 19.05 38.53 1.55
N ALA A 76 19.38 39.14 0.43
CA ALA A 76 19.78 40.54 0.40
C ALA A 76 18.75 41.44 1.07
N LEU A 77 17.48 41.09 0.93
CA LEU A 77 16.39 41.85 1.55
C LEU A 77 16.49 41.79 3.06
N GLN A 78 16.87 40.62 3.58
CA GLN A 78 17.04 40.44 5.01
C GLN A 78 18.20 41.27 5.52
N ARG A 79 19.26 41.33 4.73
CA ARG A 79 20.48 42.04 5.11
C ARG A 79 20.26 43.55 5.06
N ALA A 80 19.25 43.97 4.31
CA ALA A 80 18.90 45.38 4.20
C ALA A 80 18.10 45.82 5.42
N ARG A 81 17.38 44.88 6.02
CA ARG A 81 16.56 45.18 7.18
C ARG A 81 17.38 45.09 8.46
N THR A 82 18.43 44.29 8.40
CA THR A 82 19.29 44.06 9.56
C THR A 82 20.44 45.05 9.59
N ARG A 83 20.40 46.02 8.66
CA ARG A 83 21.41 47.07 8.55
C ARG A 83 22.78 46.53 8.14
N HIS A 84 23.45 47.30 7.29
CA HIS A 84 24.84 47.04 6.93
C HIS A 84 25.74 47.67 8.00
N PRO A 85 26.42 46.85 8.81
CA PRO A 85 27.20 47.34 9.94
C PRO A 85 28.51 48.02 9.52
N ALA A 86 29.19 48.61 10.49
CA ALA A 86 30.47 49.26 10.26
C ALA A 86 31.60 48.28 10.49
N GLU A 87 32.82 48.67 10.12
CA GLU A 87 34.00 47.81 10.22
C GLU A 87 34.16 47.26 11.64
N SER A 88 34.18 48.14 12.62
CA SER A 88 34.37 47.75 14.02
C SER A 88 33.22 46.88 14.51
N CYS A 89 32.02 47.16 14.03
CA CYS A 89 30.83 46.42 14.44
C CYS A 89 30.79 45.05 13.79
N LEU A 90 31.35 44.97 12.59
CA LEU A 90 31.36 43.74 11.82
C LEU A 90 32.20 42.67 12.50
N GLU A 91 33.31 43.08 13.08
CA GLU A 91 34.21 42.15 13.76
C GLU A 91 33.49 41.47 14.91
N HIS A 92 32.78 42.26 15.72
CA HIS A 92 32.03 41.76 16.89
C HIS A 92 32.97 41.07 17.89
N HIS A 93 32.37 40.50 18.93
CA HIS A 93 33.10 39.73 19.94
C HIS A 93 34.15 40.58 20.64
N HIS A 94 33.75 41.25 21.71
CA HIS A 94 34.66 42.11 22.45
C HIS A 94 34.36 42.06 23.94
N HIS A 95 33.20 42.63 24.33
CA HIS A 95 32.80 42.74 25.74
C HIS A 95 33.72 43.70 26.49
N HIS A 96 33.13 44.59 27.26
CA HIS A 96 33.92 45.55 28.03
C HIS A 96 33.57 45.50 29.51
N HIS A 97 34.40 46.15 30.31
CA HIS A 97 34.17 46.26 31.72
C HIS A 97 34.49 47.68 32.15
N MET A 1 -16.57 -17.24 21.81
CA MET A 1 -16.67 -16.07 20.90
C MET A 1 -16.88 -16.54 19.47
N PRO A 2 -17.57 -15.74 18.64
CA PRO A 2 -17.91 -16.12 17.26
C PRO A 2 -16.68 -16.33 16.37
N THR A 3 -15.52 -15.90 16.86
CA THR A 3 -14.26 -15.99 16.14
C THR A 3 -14.25 -15.06 14.92
N LYS A 4 -13.11 -14.49 14.61
CA LYS A 4 -13.02 -13.50 13.55
C LYS A 4 -11.77 -13.72 12.70
N THR A 5 -11.96 -14.35 11.55
CA THR A 5 -10.87 -14.58 10.62
C THR A 5 -11.31 -14.19 9.20
N TYR A 6 -10.34 -14.04 8.32
CA TYR A 6 -10.61 -13.66 6.95
C TYR A 6 -9.57 -14.28 6.01
N SER A 7 -9.72 -14.05 4.71
CA SER A 7 -8.74 -14.52 3.75
C SER A 7 -7.76 -13.40 3.40
N GLU A 8 -6.47 -13.73 3.38
CA GLU A 8 -5.45 -12.76 3.02
C GLU A 8 -5.52 -12.44 1.53
N GLU A 9 -6.03 -13.39 0.75
CA GLU A 9 -6.26 -13.20 -0.67
C GLU A 9 -7.23 -12.03 -0.89
N PHE A 10 -8.13 -11.84 0.07
CA PHE A 10 -9.09 -10.75 0.03
C PHE A 10 -8.36 -9.40 0.06
N LYS A 11 -7.33 -9.30 0.89
CA LYS A 11 -6.51 -8.09 0.97
C LYS A 11 -5.78 -7.88 -0.35
N ARG A 12 -5.31 -8.97 -0.92
CA ARG A 12 -4.59 -8.97 -2.18
C ARG A 12 -5.47 -8.38 -3.29
N ASP A 13 -6.74 -8.75 -3.28
CA ASP A 13 -7.70 -8.23 -4.25
C ASP A 13 -8.00 -6.76 -3.96
N ALA A 14 -8.03 -6.41 -2.67
CA ALA A 14 -8.27 -5.05 -2.23
C ALA A 14 -7.16 -4.12 -2.70
N VAL A 15 -5.92 -4.60 -2.68
CA VAL A 15 -4.79 -3.82 -3.16
C VAL A 15 -4.94 -3.52 -4.65
N ALA A 16 -5.42 -4.49 -5.41
CA ALA A 16 -5.67 -4.31 -6.84
C ALA A 16 -6.83 -3.34 -7.06
N LEU A 17 -7.78 -3.34 -6.14
CA LEU A 17 -8.92 -2.44 -6.20
C LEU A 17 -8.47 -0.98 -6.10
N TYR A 18 -7.40 -0.74 -5.35
CA TYR A 18 -6.87 0.60 -5.15
C TYR A 18 -6.30 1.17 -6.46
N GLU A 19 -5.80 0.29 -7.31
CA GLU A 19 -5.26 0.73 -8.60
C GLU A 19 -6.38 1.04 -9.58
N ASN A 20 -7.53 0.45 -9.37
CA ASN A 20 -8.68 0.65 -10.27
C ASN A 20 -9.53 1.81 -9.79
N SER A 21 -8.90 2.74 -9.08
CA SER A 21 -9.60 3.85 -8.45
C SER A 21 -10.09 4.88 -9.45
N ASP A 22 -9.52 4.86 -10.66
CA ASP A 22 -9.96 5.78 -11.71
C ASP A 22 -11.40 5.48 -12.09
N GLY A 23 -11.82 4.25 -11.83
CA GLY A 23 -13.19 3.86 -12.09
C GLY A 23 -13.94 3.52 -10.81
N ALA A 24 -13.28 3.69 -9.67
CA ALA A 24 -13.89 3.36 -8.38
C ALA A 24 -13.28 4.20 -7.28
N SER A 25 -14.09 5.06 -6.68
CA SER A 25 -13.62 5.96 -5.64
C SER A 25 -13.13 5.16 -4.42
N LEU A 26 -12.10 5.70 -3.75
CA LEU A 26 -11.52 5.05 -2.57
C LEU A 26 -12.60 4.80 -1.52
N GLN A 27 -13.50 5.78 -1.38
CA GLN A 27 -14.63 5.66 -0.47
C GLN A 27 -15.45 4.43 -0.83
N GLN A 28 -15.79 4.31 -2.11
CA GLN A 28 -16.61 3.21 -2.59
C GLN A 28 -15.93 1.86 -2.37
N ILE A 29 -14.62 1.81 -2.58
CA ILE A 29 -13.87 0.58 -2.37
C ILE A 29 -13.96 0.13 -0.91
N ALA A 30 -13.61 1.02 0.00
CA ALA A 30 -13.61 0.71 1.43
C ALA A 30 -15.03 0.44 1.93
N ASN A 31 -15.99 1.20 1.41
CA ASN A 31 -17.40 1.07 1.81
C ASN A 31 -17.95 -0.29 1.42
N ASP A 32 -17.59 -0.74 0.22
CA ASP A 32 -18.06 -2.01 -0.30
C ASP A 32 -17.51 -3.17 0.51
N LEU A 33 -16.23 -3.10 0.84
CA LEU A 33 -15.57 -4.13 1.61
C LEU A 33 -16.06 -4.13 3.06
N GLY A 34 -16.45 -2.96 3.54
CA GLY A 34 -16.97 -2.84 4.88
C GLY A 34 -15.91 -2.52 5.90
N ILE A 35 -14.88 -1.80 5.46
CA ILE A 35 -13.78 -1.43 6.34
C ILE A 35 -13.47 0.06 6.20
N ASN A 36 -12.79 0.60 7.20
CA ASN A 36 -12.36 1.98 7.17
C ASN A 36 -11.32 2.18 6.07
N ARG A 37 -11.30 3.37 5.50
CA ARG A 37 -10.37 3.71 4.44
C ARG A 37 -8.92 3.57 4.90
N VAL A 38 -8.70 3.82 6.18
CA VAL A 38 -7.36 3.68 6.74
C VAL A 38 -7.01 2.21 6.92
N THR A 39 -7.99 1.42 7.35
CA THR A 39 -7.81 -0.02 7.48
C THR A 39 -7.46 -0.63 6.12
N LEU A 40 -8.15 -0.17 5.08
CA LEU A 40 -7.88 -0.58 3.72
C LEU A 40 -6.46 -0.17 3.33
N LYS A 41 -6.12 1.07 3.62
CA LYS A 41 -4.80 1.62 3.33
C LYS A 41 -3.71 0.76 3.97
N ASN A 42 -3.90 0.46 5.25
CA ASN A 42 -2.97 -0.38 6.01
C ASN A 42 -2.75 -1.74 5.33
N TRP A 43 -3.83 -2.35 4.85
CA TRP A 43 -3.74 -3.60 4.12
C TRP A 43 -2.86 -3.44 2.88
N ILE A 44 -3.09 -2.35 2.17
CA ILE A 44 -2.36 -2.05 0.95
C ILE A 44 -0.86 -1.90 1.22
N ILE A 45 -0.52 -1.08 2.21
CA ILE A 45 0.88 -0.78 2.52
C ILE A 45 1.61 -2.03 3.00
N LYS A 46 0.92 -2.85 3.79
CA LYS A 46 1.54 -4.03 4.39
C LYS A 46 1.81 -5.11 3.34
N TYR A 47 0.80 -5.44 2.55
CA TYR A 47 0.93 -6.52 1.57
C TYR A 47 1.52 -6.01 0.27
N GLY A 48 1.13 -4.83 -0.14
CA GLY A 48 1.69 -4.21 -1.32
C GLY A 48 2.59 -3.05 -0.95
N SER A 49 3.76 -3.39 -0.39
CA SER A 49 4.71 -2.40 0.12
C SER A 49 5.11 -1.38 -0.96
N ASN A 50 5.01 -1.79 -2.22
CA ASN A 50 5.25 -0.91 -3.37
C ASN A 50 6.73 -0.63 -3.57
N HIS A 51 7.36 -0.04 -2.57
CA HIS A 51 8.76 0.34 -2.66
C HIS A 51 9.66 -0.87 -2.50
N ASN A 52 9.31 -1.73 -1.55
CA ASN A 52 10.04 -2.98 -1.35
C ASN A 52 9.54 -4.04 -2.32
N VAL A 53 9.75 -3.78 -3.61
CA VAL A 53 9.33 -4.70 -4.66
C VAL A 53 10.34 -5.83 -4.83
N GLN A 54 11.62 -5.46 -4.95
CA GLN A 54 12.72 -6.42 -5.05
C GLN A 54 12.57 -7.31 -6.29
N GLY A 55 11.83 -6.81 -7.28
CA GLY A 55 11.59 -7.57 -8.51
C GLY A 55 12.65 -7.31 -9.55
N THR A 56 12.30 -6.54 -10.57
CA THR A 56 13.21 -6.22 -11.65
C THR A 56 12.97 -4.80 -12.15
N THR A 57 13.83 -3.89 -11.72
CA THR A 57 13.79 -2.50 -12.19
C THR A 57 13.91 -2.46 -13.72
N PRO A 58 12.83 -2.04 -14.41
CA PRO A 58 12.77 -2.02 -15.87
C PRO A 58 13.78 -1.06 -16.49
N SER A 59 14.84 -1.61 -17.09
CA SER A 59 15.86 -0.81 -17.75
C SER A 59 15.27 -0.13 -19.00
N ALA A 60 14.21 -0.74 -19.54
CA ALA A 60 13.51 -0.19 -20.70
C ALA A 60 12.73 1.06 -20.31
N ALA A 61 12.46 1.20 -19.02
CA ALA A 61 11.65 2.31 -18.53
C ALA A 61 12.51 3.54 -18.24
N VAL A 62 13.79 3.43 -18.51
CA VAL A 62 14.70 4.55 -18.29
C VAL A 62 14.41 5.66 -19.30
N SER A 63 13.94 5.25 -20.48
CA SER A 63 13.53 6.20 -21.51
C SER A 63 12.35 7.04 -21.01
N GLU A 64 11.43 6.36 -20.31
CA GLU A 64 10.26 7.02 -19.76
C GLU A 64 10.63 7.87 -18.55
N ALA A 65 11.74 7.53 -17.92
CA ALA A 65 12.22 8.26 -16.74
C ALA A 65 12.49 9.72 -17.10
N GLU A 66 12.89 9.96 -18.35
CA GLU A 66 13.08 11.32 -18.85
C GLU A 66 11.76 12.05 -18.89
N GLN A 67 10.71 11.33 -19.28
CA GLN A 67 9.36 11.90 -19.30
C GLN A 67 8.87 12.11 -17.87
N ILE A 68 9.04 11.08 -17.06
CA ILE A 68 8.64 11.11 -15.65
C ILE A 68 9.38 12.22 -14.90
N ARG A 69 10.61 12.46 -15.31
CA ARG A 69 11.44 13.53 -14.75
C ARG A 69 10.69 14.86 -14.75
N GLN A 70 10.08 15.17 -15.88
CA GLN A 70 9.29 16.38 -16.05
C GLN A 70 7.89 16.19 -15.46
N LEU A 71 7.28 15.09 -15.83
CA LEU A 71 5.87 14.82 -15.50
C LEU A 71 5.63 14.67 -14.00
N LYS A 72 6.37 13.77 -13.35
CA LYS A 72 6.05 13.39 -11.98
C LYS A 72 6.81 14.26 -10.97
N LYS A 73 7.56 15.23 -11.46
CA LYS A 73 8.24 16.17 -10.58
C LYS A 73 7.83 17.59 -10.95
N GLU A 74 7.09 18.22 -10.04
CA GLU A 74 6.56 19.57 -10.26
C GLU A 74 7.69 20.56 -10.51
N ASN A 75 7.73 21.09 -11.71
CA ASN A 75 8.74 22.09 -12.08
C ASN A 75 8.07 23.31 -12.67
N ALA A 76 8.88 24.27 -13.11
CA ALA A 76 8.38 25.55 -13.61
C ALA A 76 7.42 25.38 -14.78
N LEU A 77 7.81 24.55 -15.74
CA LEU A 77 7.03 24.35 -16.95
C LEU A 77 5.69 23.69 -16.64
N GLN A 78 5.71 22.75 -15.71
CA GLN A 78 4.52 22.01 -15.34
C GLN A 78 3.52 22.92 -14.61
N ARG A 79 4.05 23.83 -13.80
CA ARG A 79 3.20 24.71 -13.00
C ARG A 79 2.72 25.90 -13.83
N ALA A 80 3.42 26.15 -14.92
CA ALA A 80 3.12 27.29 -15.79
C ALA A 80 1.91 27.00 -16.67
N ARG A 81 1.59 25.72 -16.84
CA ARG A 81 0.49 25.29 -17.72
C ARG A 81 -0.84 25.96 -17.40
N THR A 82 -0.97 26.45 -16.18
CA THR A 82 -2.20 27.10 -15.75
C THR A 82 -2.39 28.43 -16.49
N ARG A 83 -1.32 28.95 -17.05
CA ARG A 83 -1.35 30.21 -17.77
C ARG A 83 -0.65 30.08 -19.12
N HIS A 84 -0.98 30.99 -20.03
CA HIS A 84 -0.25 31.13 -21.27
C HIS A 84 0.22 32.57 -21.42
N PRO A 85 1.50 32.84 -21.13
CA PRO A 85 2.04 34.20 -21.16
C PRO A 85 2.20 34.73 -22.59
N ALA A 86 2.57 36.00 -22.70
CA ALA A 86 2.73 36.64 -23.99
C ALA A 86 4.16 36.47 -24.50
N GLU A 87 4.40 35.36 -25.17
CA GLU A 87 5.73 35.05 -25.72
C GLU A 87 5.99 35.91 -26.95
N SER A 88 4.93 36.23 -27.67
CA SER A 88 5.00 37.04 -28.86
C SER A 88 5.52 38.44 -28.55
N CYS A 89 5.14 38.96 -27.38
CA CYS A 89 5.48 40.32 -27.00
C CYS A 89 6.95 40.45 -26.62
N LEU A 90 7.54 39.33 -26.20
CA LEU A 90 8.93 39.32 -25.77
C LEU A 90 9.87 39.57 -26.95
N GLU A 91 9.65 38.82 -28.03
CA GLU A 91 10.48 38.97 -29.22
C GLU A 91 10.03 40.17 -30.04
N HIS A 92 8.71 40.32 -30.18
CA HIS A 92 8.16 41.42 -30.95
C HIS A 92 7.83 42.59 -30.03
N HIS A 93 8.87 43.20 -29.48
CA HIS A 93 8.70 44.31 -28.57
C HIS A 93 9.03 45.62 -29.27
N HIS A 94 8.38 46.70 -28.84
CA HIS A 94 8.58 47.99 -29.46
C HIS A 94 8.78 49.07 -28.39
N HIS A 95 9.15 50.26 -28.82
CA HIS A 95 9.36 51.37 -27.90
C HIS A 95 8.06 52.13 -27.72
N HIS A 96 7.34 51.81 -26.64
CA HIS A 96 5.99 52.33 -26.41
C HIS A 96 5.08 51.93 -27.57
N HIS A 97 4.89 52.86 -28.51
CA HIS A 97 4.08 52.65 -29.71
C HIS A 97 3.98 53.95 -30.48
N MET A 1 -18.26 -20.65 7.08
CA MET A 1 -16.90 -20.42 7.63
C MET A 1 -16.87 -20.72 9.12
N PRO A 2 -16.43 -21.93 9.50
CA PRO A 2 -16.33 -22.35 10.91
C PRO A 2 -15.21 -21.63 11.65
N THR A 3 -14.20 -21.22 10.93
CA THR A 3 -13.05 -20.55 11.52
C THR A 3 -12.24 -19.82 10.44
N LYS A 4 -11.35 -18.97 10.90
CA LYS A 4 -10.49 -18.16 10.03
C LYS A 4 -11.28 -17.12 9.24
N THR A 5 -11.02 -15.87 9.53
CA THR A 5 -11.63 -14.77 8.83
C THR A 5 -10.78 -14.37 7.60
N TYR A 6 -10.90 -13.12 7.17
CA TYR A 6 -10.16 -12.59 6.02
C TYR A 6 -8.67 -12.98 6.06
N SER A 7 -8.20 -13.54 4.95
CA SER A 7 -6.81 -13.95 4.82
C SER A 7 -6.01 -12.91 4.04
N GLU A 8 -4.79 -13.25 3.65
CA GLU A 8 -3.96 -12.32 2.90
C GLU A 8 -4.51 -12.12 1.49
N GLU A 9 -5.16 -13.15 0.95
CA GLU A 9 -5.72 -13.08 -0.39
C GLU A 9 -6.81 -12.02 -0.46
N PHE A 10 -7.60 -11.92 0.60
CA PHE A 10 -8.66 -10.93 0.68
C PHE A 10 -8.07 -9.53 0.65
N LYS A 11 -6.99 -9.34 1.38
CA LYS A 11 -6.31 -8.06 1.44
C LYS A 11 -5.65 -7.73 0.10
N ARG A 12 -5.09 -8.75 -0.53
CA ARG A 12 -4.45 -8.61 -1.83
C ARG A 12 -5.46 -8.18 -2.89
N ASP A 13 -6.66 -8.75 -2.83
CA ASP A 13 -7.72 -8.41 -3.78
C ASP A 13 -8.15 -6.96 -3.60
N ALA A 14 -8.16 -6.51 -2.35
CA ALA A 14 -8.53 -5.13 -2.02
C ALA A 14 -7.50 -4.15 -2.57
N VAL A 15 -6.24 -4.55 -2.59
CA VAL A 15 -5.18 -3.71 -3.14
C VAL A 15 -5.33 -3.57 -4.65
N ALA A 16 -5.71 -4.68 -5.29
CA ALA A 16 -5.94 -4.67 -6.74
C ALA A 16 -7.07 -3.72 -7.10
N LEU A 17 -8.04 -3.59 -6.19
CA LEU A 17 -9.15 -2.66 -6.37
C LEU A 17 -8.64 -1.23 -6.41
N TYR A 18 -7.65 -0.93 -5.57
CA TYR A 18 -7.14 0.43 -5.43
C TYR A 18 -6.31 0.83 -6.66
N GLU A 19 -5.76 -0.16 -7.36
CA GLU A 19 -5.05 0.12 -8.61
C GLU A 19 -6.05 0.62 -9.66
N ASN A 20 -7.27 0.14 -9.56
CA ASN A 20 -8.33 0.52 -10.50
C ASN A 20 -9.11 1.70 -9.94
N SER A 21 -8.39 2.62 -9.32
CA SER A 21 -8.99 3.76 -8.64
C SER A 21 -9.70 4.70 -9.61
N ASP A 22 -9.34 4.61 -10.88
CA ASP A 22 -9.96 5.45 -11.91
C ASP A 22 -11.48 5.38 -11.82
N GLY A 23 -11.98 4.17 -11.67
CA GLY A 23 -13.40 3.97 -11.52
C GLY A 23 -13.77 3.41 -10.17
N ALA A 24 -12.85 3.54 -9.21
CA ALA A 24 -13.08 3.02 -7.87
C ALA A 24 -12.31 3.83 -6.84
N SER A 25 -12.99 4.79 -6.23
CA SER A 25 -12.38 5.69 -5.26
C SER A 25 -12.17 5.00 -3.92
N LEU A 26 -11.28 5.56 -3.11
CA LEU A 26 -10.92 4.97 -1.82
C LEU A 26 -12.16 4.79 -0.95
N GLN A 27 -12.98 5.84 -0.85
CA GLN A 27 -14.22 5.78 -0.08
C GLN A 27 -15.09 4.66 -0.60
N GLN A 28 -15.20 4.58 -1.92
CA GLN A 28 -16.06 3.60 -2.58
C GLN A 28 -15.56 2.17 -2.34
N ILE A 29 -14.25 1.99 -2.27
CA ILE A 29 -13.68 0.66 -2.00
C ILE A 29 -14.10 0.18 -0.61
N ALA A 30 -13.88 1.04 0.38
CA ALA A 30 -14.23 0.70 1.75
C ALA A 30 -15.75 0.63 1.92
N ASN A 31 -16.45 1.40 1.10
CA ASN A 31 -17.90 1.47 1.13
C ASN A 31 -18.52 0.15 0.66
N ASP A 32 -17.97 -0.39 -0.43
CA ASP A 32 -18.47 -1.63 -1.02
C ASP A 32 -18.23 -2.81 -0.07
N LEU A 33 -17.00 -2.94 0.40
CA LEU A 33 -16.62 -4.05 1.27
C LEU A 33 -17.18 -3.88 2.67
N GLY A 34 -17.36 -2.63 3.08
CA GLY A 34 -17.87 -2.35 4.41
C GLY A 34 -16.78 -2.40 5.46
N ILE A 35 -15.67 -1.74 5.17
CA ILE A 35 -14.52 -1.74 6.06
C ILE A 35 -14.04 -0.31 6.30
N ASN A 36 -13.11 -0.14 7.22
CA ASN A 36 -12.53 1.17 7.48
C ASN A 36 -11.52 1.52 6.40
N ARG A 37 -11.48 2.79 6.06
CA ARG A 37 -10.61 3.26 4.99
C ARG A 37 -9.15 3.20 5.42
N VAL A 38 -8.90 3.35 6.72
CA VAL A 38 -7.55 3.28 7.26
C VAL A 38 -7.08 1.83 7.27
N THR A 39 -7.97 0.92 7.64
CA THR A 39 -7.66 -0.50 7.60
C THR A 39 -7.30 -0.93 6.18
N LEU A 40 -8.09 -0.46 5.22
CA LEU A 40 -7.83 -0.69 3.80
C LEU A 40 -6.45 -0.14 3.43
N LYS A 41 -6.21 1.11 3.82
CA LYS A 41 -4.93 1.78 3.57
C LYS A 41 -3.76 0.97 4.11
N ASN A 42 -3.94 0.46 5.32
CA ASN A 42 -2.92 -0.35 5.97
C ASN A 42 -2.56 -1.58 5.13
N TRP A 43 -3.56 -2.17 4.49
CA TRP A 43 -3.34 -3.33 3.63
C TRP A 43 -2.62 -2.91 2.35
N ILE A 44 -3.08 -1.79 1.78
CA ILE A 44 -2.53 -1.27 0.54
C ILE A 44 -1.02 -1.06 0.64
N ILE A 45 -0.58 -0.49 1.75
CA ILE A 45 0.85 -0.25 1.96
C ILE A 45 1.61 -1.56 2.10
N LYS A 46 1.07 -2.48 2.90
CA LYS A 46 1.74 -3.74 3.20
C LYS A 46 1.81 -4.66 1.99
N TYR A 47 0.68 -4.88 1.34
CA TYR A 47 0.63 -5.80 0.21
C TYR A 47 1.06 -5.11 -1.08
N GLY A 48 0.96 -3.79 -1.11
CA GLY A 48 1.45 -3.04 -2.26
C GLY A 48 2.95 -3.11 -2.37
N SER A 49 3.60 -3.22 -1.23
CA SER A 49 5.04 -3.41 -1.20
C SER A 49 5.38 -4.86 -1.52
N ASN A 50 4.79 -5.78 -0.77
CA ASN A 50 5.01 -7.21 -0.97
C ASN A 50 4.16 -8.00 -0.01
N HIS A 51 4.48 -7.91 1.27
CA HIS A 51 3.84 -8.70 2.31
C HIS A 51 4.14 -8.12 3.69
N ASN A 52 3.30 -8.44 4.67
CA ASN A 52 3.52 -8.00 6.04
C ASN A 52 4.36 -9.01 6.80
N VAL A 53 5.65 -9.00 6.50
CA VAL A 53 6.61 -9.88 7.16
C VAL A 53 6.90 -9.38 8.57
N GLN A 54 6.63 -8.09 8.78
CA GLN A 54 6.92 -7.40 10.03
C GLN A 54 8.41 -7.41 10.31
N GLY A 55 9.12 -6.52 9.64
CA GLY A 55 10.55 -6.43 9.81
C GLY A 55 11.00 -4.99 9.82
N THR A 56 11.24 -4.47 11.00
CA THR A 56 11.65 -3.09 11.16
C THR A 56 12.46 -2.94 12.43
N THR A 57 13.72 -2.69 12.24
CA THR A 57 14.65 -2.46 13.33
C THR A 57 15.35 -1.12 13.09
N PRO A 58 15.44 -0.26 14.12
CA PRO A 58 16.05 1.07 14.00
C PRO A 58 17.56 1.02 13.69
N SER A 59 17.87 0.69 12.44
CA SER A 59 19.23 0.73 11.96
C SER A 59 19.67 2.18 11.74
N ALA A 60 18.68 3.04 11.53
CA ALA A 60 18.92 4.45 11.31
C ALA A 60 19.40 5.16 12.57
N ALA A 61 19.18 4.52 13.72
CA ALA A 61 19.46 5.14 15.01
C ALA A 61 20.96 5.15 15.33
N VAL A 62 21.77 4.64 14.41
CA VAL A 62 23.21 4.62 14.59
C VAL A 62 23.78 6.03 14.57
N SER A 63 23.14 6.90 13.80
CA SER A 63 23.57 8.29 13.68
C SER A 63 23.46 9.00 15.03
N GLU A 64 22.40 8.73 15.77
CA GLU A 64 22.22 9.32 17.09
C GLU A 64 23.08 8.59 18.12
N ALA A 65 23.22 7.29 17.92
CA ALA A 65 24.01 6.45 18.81
C ALA A 65 25.48 6.89 18.83
N GLU A 66 25.89 7.54 17.75
CA GLU A 66 27.25 8.06 17.65
C GLU A 66 27.49 9.14 18.70
N GLN A 67 26.45 9.92 18.99
CA GLN A 67 26.52 10.89 20.08
C GLN A 67 26.29 10.19 21.41
N ILE A 68 25.33 9.27 21.43
CA ILE A 68 24.95 8.55 22.64
C ILE A 68 26.13 7.83 23.28
N ARG A 69 26.94 7.17 22.46
CA ARG A 69 28.10 6.42 22.96
C ARG A 69 29.05 7.32 23.74
N GLN A 70 29.32 8.50 23.21
CA GLN A 70 30.26 9.42 23.83
C GLN A 70 29.60 10.19 24.99
N LEU A 71 28.29 10.34 24.91
CA LEU A 71 27.54 11.09 25.92
C LEU A 71 27.25 10.23 27.16
N LYS A 72 26.80 9.01 26.94
CA LYS A 72 26.40 8.14 28.03
C LYS A 72 27.61 7.60 28.79
N LYS A 73 28.64 7.22 28.05
CA LYS A 73 29.87 6.75 28.65
C LYS A 73 30.67 7.95 29.17
N GLU A 74 30.46 8.26 30.44
CA GLU A 74 30.93 9.49 31.02
C GLU A 74 32.30 9.35 31.68
N ASN A 75 33.02 10.47 31.75
CA ASN A 75 34.23 10.61 32.54
C ASN A 75 35.24 9.48 32.27
N ALA A 76 36.08 9.20 33.28
CA ALA A 76 37.12 8.20 33.16
C ALA A 76 36.54 6.80 33.06
N LEU A 77 35.36 6.58 33.63
CA LEU A 77 34.76 5.26 33.68
C LEU A 77 34.48 4.74 32.27
N GLN A 78 34.28 5.63 31.30
CA GLN A 78 34.12 5.22 29.91
C GLN A 78 35.31 4.38 29.46
N ARG A 79 36.50 4.89 29.72
CA ARG A 79 37.73 4.23 29.30
C ARG A 79 37.99 2.99 30.14
N ALA A 80 37.40 2.95 31.32
CA ALA A 80 37.54 1.82 32.22
C ALA A 80 36.64 0.67 31.80
N ARG A 81 35.43 1.00 31.36
CA ARG A 81 34.45 -0.01 30.97
C ARG A 81 34.76 -0.56 29.58
N THR A 82 35.44 0.24 28.78
CA THR A 82 35.86 -0.19 27.45
C THR A 82 37.07 -1.12 27.57
N ARG A 83 37.74 -1.06 28.72
CA ARG A 83 38.89 -1.90 28.98
C ARG A 83 38.42 -3.24 29.53
N HIS A 84 38.83 -4.32 28.87
CA HIS A 84 38.41 -5.65 29.30
C HIS A 84 39.45 -6.29 30.20
N PRO A 85 39.07 -6.61 31.44
CA PRO A 85 39.89 -7.38 32.34
C PRO A 85 39.60 -8.88 32.21
N ALA A 86 40.23 -9.67 33.05
CA ALA A 86 39.93 -11.09 33.09
C ALA A 86 38.60 -11.29 33.81
N GLU A 87 37.58 -11.69 33.06
CA GLU A 87 36.24 -11.88 33.63
C GLU A 87 36.29 -12.86 34.79
N SER A 88 37.03 -13.96 34.62
CA SER A 88 37.13 -15.00 35.63
C SER A 88 37.89 -14.51 36.87
N CYS A 89 38.71 -13.47 36.68
CA CYS A 89 39.41 -12.84 37.80
C CYS A 89 38.40 -12.21 38.76
N LEU A 90 37.24 -11.88 38.23
CA LEU A 90 36.14 -11.37 39.04
C LEU A 90 35.18 -12.50 39.43
N GLU A 91 35.01 -13.44 38.50
CA GLU A 91 34.07 -14.55 38.69
C GLU A 91 34.41 -15.43 39.89
N HIS A 92 35.69 -15.58 40.21
CA HIS A 92 36.10 -16.44 41.33
C HIS A 92 35.65 -15.83 42.65
N HIS A 93 35.15 -16.66 43.55
CA HIS A 93 34.65 -16.17 44.82
C HIS A 93 35.73 -16.23 45.89
N HIS A 94 35.79 -17.33 46.63
CA HIS A 94 36.73 -17.52 47.73
C HIS A 94 36.47 -16.50 48.85
N HIS A 95 36.06 -16.99 50.02
CA HIS A 95 35.80 -16.13 51.17
C HIS A 95 37.00 -15.22 51.46
N HIS A 96 36.77 -13.92 51.47
CA HIS A 96 37.81 -12.99 51.88
C HIS A 96 37.87 -12.98 53.40
N HIS A 97 39.06 -13.22 53.94
CA HIS A 97 39.25 -13.44 55.38
C HIS A 97 38.79 -14.86 55.74
N MET A 1 -22.82 -13.33 10.23
CA MET A 1 -21.49 -13.91 10.53
C MET A 1 -20.78 -13.10 11.59
N PRO A 2 -20.77 -13.59 12.84
CA PRO A 2 -20.11 -12.90 13.97
C PRO A 2 -18.60 -12.91 13.82
N THR A 3 -18.07 -14.04 13.42
CA THR A 3 -16.65 -14.19 13.18
C THR A 3 -16.35 -13.99 11.69
N LYS A 4 -15.76 -12.86 11.37
CA LYS A 4 -15.46 -12.52 10.01
C LYS A 4 -13.95 -12.48 9.82
N THR A 5 -13.47 -13.41 9.04
CA THR A 5 -12.04 -13.53 8.78
C THR A 5 -11.71 -12.94 7.42
N TYR A 6 -10.45 -12.56 7.24
CA TYR A 6 -9.99 -11.96 5.99
C TYR A 6 -8.69 -12.61 5.53
N SER A 7 -8.80 -13.42 4.49
CA SER A 7 -7.64 -14.11 3.93
C SER A 7 -6.74 -13.13 3.17
N GLU A 8 -5.52 -13.56 2.85
CA GLU A 8 -4.57 -12.72 2.11
C GLU A 8 -5.15 -12.32 0.77
N GLU A 9 -5.91 -13.21 0.16
CA GLU A 9 -6.54 -12.96 -1.12
C GLU A 9 -7.53 -11.80 -1.04
N PHE A 10 -8.14 -11.62 0.11
CA PHE A 10 -9.07 -10.52 0.31
C PHE A 10 -8.32 -9.21 0.43
N LYS A 11 -7.14 -9.27 1.03
CA LYS A 11 -6.29 -8.10 1.19
C LYS A 11 -5.64 -7.74 -0.13
N ARG A 12 -5.17 -8.74 -0.86
CA ARG A 12 -4.53 -8.51 -2.16
C ARG A 12 -5.57 -8.05 -3.19
N ASP A 13 -6.83 -8.40 -2.95
CA ASP A 13 -7.91 -7.99 -3.83
C ASP A 13 -8.14 -6.49 -3.69
N ALA A 14 -8.06 -6.01 -2.45
CA ALA A 14 -8.15 -4.58 -2.17
C ALA A 14 -7.03 -3.81 -2.86
N VAL A 15 -5.85 -4.41 -2.87
CA VAL A 15 -4.69 -3.81 -3.55
C VAL A 15 -4.96 -3.68 -5.05
N ALA A 16 -5.50 -4.75 -5.65
CA ALA A 16 -5.83 -4.76 -7.07
C ALA A 16 -6.94 -3.76 -7.37
N LEU A 17 -7.83 -3.57 -6.40
CA LEU A 17 -8.92 -2.62 -6.53
C LEU A 17 -8.41 -1.18 -6.58
N TYR A 18 -7.32 -0.92 -5.84
CA TYR A 18 -6.73 0.42 -5.80
C TYR A 18 -6.07 0.75 -7.15
N GLU A 19 -5.66 -0.30 -7.87
CA GLU A 19 -5.10 -0.13 -9.21
C GLU A 19 -6.20 0.25 -10.19
N ASN A 20 -7.43 -0.03 -9.81
CA ASN A 20 -8.58 0.30 -10.64
C ASN A 20 -9.38 1.41 -9.99
N SER A 21 -8.67 2.30 -9.28
CA SER A 21 -9.28 3.39 -8.55
C SER A 21 -9.92 4.42 -9.48
N ASP A 22 -9.57 4.32 -10.76
CA ASP A 22 -10.13 5.20 -11.80
C ASP A 22 -11.65 5.19 -11.77
N GLY A 23 -12.22 4.05 -11.37
CA GLY A 23 -13.65 3.93 -11.26
C GLY A 23 -14.09 3.54 -9.86
N ALA A 24 -13.16 3.64 -8.91
CA ALA A 24 -13.43 3.25 -7.53
C ALA A 24 -12.32 3.73 -6.59
N SER A 25 -12.53 4.89 -5.99
CA SER A 25 -11.54 5.48 -5.09
C SER A 25 -11.46 4.73 -3.77
N LEU A 26 -10.54 5.17 -2.90
CA LEU A 26 -10.27 4.50 -1.62
C LEU A 26 -11.58 4.30 -0.82
N GLN A 27 -12.34 5.38 -0.65
CA GLN A 27 -13.57 5.31 0.12
C GLN A 27 -14.61 4.43 -0.59
N GLN A 28 -14.57 4.45 -1.90
CA GLN A 28 -15.51 3.68 -2.72
C GLN A 28 -15.31 2.19 -2.47
N ILE A 29 -14.04 1.77 -2.46
CA ILE A 29 -13.69 0.39 -2.20
C ILE A 29 -14.05 -0.01 -0.77
N ALA A 30 -13.61 0.78 0.19
CA ALA A 30 -13.85 0.50 1.61
C ALA A 30 -15.34 0.42 1.91
N ASN A 31 -16.11 1.23 1.20
CA ASN A 31 -17.56 1.30 1.42
C ASN A 31 -18.23 -0.02 1.03
N ASP A 32 -17.75 -0.63 -0.04
CA ASP A 32 -18.32 -1.88 -0.53
C ASP A 32 -17.88 -3.06 0.34
N LEU A 33 -16.62 -3.05 0.74
CA LEU A 33 -16.06 -4.13 1.55
C LEU A 33 -16.61 -4.10 2.97
N GLY A 34 -17.03 -2.91 3.41
CA GLY A 34 -17.61 -2.78 4.73
C GLY A 34 -16.56 -2.64 5.81
N ILE A 35 -15.52 -1.89 5.49
CA ILE A 35 -14.44 -1.63 6.43
C ILE A 35 -14.06 -0.17 6.37
N ASN A 36 -13.50 0.33 7.46
CA ASN A 36 -13.04 1.70 7.52
C ASN A 36 -11.89 1.92 6.57
N ARG A 37 -11.85 3.11 5.99
CA ARG A 37 -10.90 3.42 4.95
C ARG A 37 -9.47 3.44 5.48
N VAL A 38 -9.34 3.71 6.77
CA VAL A 38 -8.03 3.67 7.41
C VAL A 38 -7.47 2.25 7.40
N THR A 39 -8.31 1.28 7.73
CA THR A 39 -7.90 -0.11 7.77
C THR A 39 -7.57 -0.61 6.36
N LEU A 40 -8.38 -0.20 5.39
CA LEU A 40 -8.15 -0.55 3.99
C LEU A 40 -6.82 -0.03 3.48
N LYS A 41 -6.56 1.26 3.77
CA LYS A 41 -5.33 1.91 3.36
C LYS A 41 -4.11 1.16 3.88
N ASN A 42 -4.23 0.68 5.11
CA ASN A 42 -3.17 -0.09 5.75
C ASN A 42 -2.82 -1.34 4.95
N TRP A 43 -3.84 -2.11 4.55
CA TRP A 43 -3.62 -3.35 3.79
C TRP A 43 -2.87 -3.07 2.49
N ILE A 44 -3.31 -2.05 1.77
CA ILE A 44 -2.72 -1.72 0.47
C ILE A 44 -1.24 -1.40 0.62
N ILE A 45 -0.90 -0.59 1.61
CA ILE A 45 0.49 -0.20 1.83
C ILE A 45 1.33 -1.37 2.33
N LYS A 46 0.73 -2.22 3.16
CA LYS A 46 1.44 -3.34 3.76
C LYS A 46 1.83 -4.39 2.73
N TYR A 47 0.88 -4.76 1.87
CA TYR A 47 1.10 -5.87 0.95
C TYR A 47 1.51 -5.39 -0.45
N GLY A 48 0.93 -4.29 -0.89
CA GLY A 48 1.19 -3.80 -2.23
C GLY A 48 2.33 -2.80 -2.28
N SER A 49 3.34 -3.00 -1.44
CA SER A 49 4.48 -2.08 -1.34
C SER A 49 5.28 -2.03 -2.65
N ASN A 50 5.20 -3.10 -3.43
CA ASN A 50 6.00 -3.23 -4.65
C ASN A 50 5.18 -2.88 -5.88
N HIS A 51 3.93 -2.54 -5.66
CA HIS A 51 3.01 -2.28 -6.77
C HIS A 51 2.46 -0.87 -6.71
N ASN A 52 1.55 -0.57 -7.64
CA ASN A 52 0.91 0.75 -7.75
C ASN A 52 1.89 1.84 -8.15
N VAL A 53 1.88 2.18 -9.43
CA VAL A 53 2.72 3.24 -9.94
C VAL A 53 2.07 4.60 -9.68
N GLN A 54 0.72 4.61 -9.75
CA GLN A 54 -0.06 5.84 -9.62
C GLN A 54 0.38 6.83 -10.70
N GLY A 55 0.01 6.52 -11.93
CA GLY A 55 0.49 7.28 -13.07
C GLY A 55 -0.27 8.57 -13.29
N THR A 56 -0.74 8.76 -14.52
CA THR A 56 -1.34 10.01 -14.97
C THR A 56 -0.27 11.10 -15.05
N THR A 57 0.09 11.46 -16.25
CA THR A 57 1.15 12.43 -16.48
C THR A 57 0.73 13.49 -17.49
N PRO A 58 0.54 14.73 -17.03
CA PRO A 58 0.16 15.85 -17.90
C PRO A 58 1.32 16.30 -18.80
N SER A 59 1.00 17.07 -19.83
CA SER A 59 2.00 17.57 -20.75
C SER A 59 2.98 18.52 -20.07
N ALA A 60 2.52 19.16 -19.01
CA ALA A 60 3.37 20.06 -18.24
C ALA A 60 4.45 19.27 -17.49
N ALA A 61 4.17 18.01 -17.21
CA ALA A 61 5.09 17.17 -16.46
C ALA A 61 6.16 16.57 -17.37
N VAL A 62 6.01 16.81 -18.66
CA VAL A 62 7.00 16.37 -19.64
C VAL A 62 8.21 17.29 -19.56
N SER A 63 7.93 18.57 -19.37
CA SER A 63 8.98 19.57 -19.18
C SER A 63 9.67 19.36 -17.82
N GLU A 64 8.89 18.82 -16.89
CA GLU A 64 9.40 18.51 -15.56
C GLU A 64 10.37 17.32 -15.62
N ALA A 65 10.06 16.39 -16.51
CA ALA A 65 10.85 15.17 -16.68
C ALA A 65 12.28 15.47 -17.12
N GLU A 66 12.47 16.64 -17.72
CA GLU A 66 13.76 17.06 -18.23
C GLU A 66 14.80 17.05 -17.11
N GLN A 67 14.49 17.73 -16.01
CA GLN A 67 15.40 17.79 -14.87
C GLN A 67 15.29 16.54 -14.01
N ILE A 68 14.09 15.96 -13.96
CA ILE A 68 13.86 14.77 -13.12
C ILE A 68 14.77 13.61 -13.53
N ARG A 69 14.80 13.30 -14.83
CA ARG A 69 15.59 12.17 -15.31
C ARG A 69 17.07 12.37 -14.99
N GLN A 70 17.53 13.62 -15.08
CA GLN A 70 18.93 13.96 -14.88
C GLN A 70 19.28 13.93 -13.38
N LEU A 71 18.48 14.62 -12.58
CA LEU A 71 18.73 14.69 -11.14
C LEU A 71 18.63 13.31 -10.49
N LYS A 72 17.86 12.43 -11.12
CA LYS A 72 17.68 11.08 -10.62
C LYS A 72 18.91 10.21 -10.93
N LYS A 73 19.81 10.72 -11.77
CA LYS A 73 21.01 9.98 -12.15
C LYS A 73 22.07 10.08 -11.06
N GLU A 74 21.70 9.72 -9.84
CA GLU A 74 22.63 9.75 -8.72
C GLU A 74 22.96 8.33 -8.24
N ASN A 75 22.16 7.35 -8.70
CA ASN A 75 22.48 5.92 -8.57
C ASN A 75 22.29 5.38 -7.15
N ALA A 76 22.48 6.25 -6.17
CA ALA A 76 22.42 5.87 -4.75
C ALA A 76 21.05 5.32 -4.35
N LEU A 77 20.02 5.64 -5.14
CA LEU A 77 18.68 5.14 -4.91
C LEU A 77 18.66 3.63 -4.69
N GLN A 78 19.37 2.89 -5.55
CA GLN A 78 19.43 1.44 -5.44
C GLN A 78 20.30 1.02 -4.27
N ARG A 79 21.35 1.80 -4.02
CA ARG A 79 22.33 1.45 -3.00
C ARG A 79 21.80 1.73 -1.61
N ALA A 80 20.70 2.49 -1.53
CA ALA A 80 20.03 2.75 -0.27
C ALA A 80 19.47 1.46 0.32
N ARG A 81 19.26 0.47 -0.55
CA ARG A 81 18.77 -0.83 -0.14
C ARG A 81 19.85 -1.63 0.56
N THR A 82 21.10 -1.29 0.25
CA THR A 82 22.25 -1.96 0.86
C THR A 82 22.33 -1.60 2.34
N ARG A 83 21.81 -0.42 2.66
CA ARG A 83 21.66 0.06 4.03
C ARG A 83 22.99 0.30 4.74
N HIS A 84 23.11 1.47 5.35
CA HIS A 84 24.24 1.79 6.19
C HIS A 84 23.83 1.65 7.66
N PRO A 85 24.77 1.36 8.56
CA PRO A 85 24.47 1.20 9.99
C PRO A 85 24.09 2.53 10.65
N ALA A 86 23.68 2.46 11.91
CA ALA A 86 23.25 3.64 12.64
C ALA A 86 23.97 3.72 13.98
N GLU A 87 25.14 3.10 14.03
CA GLU A 87 25.93 3.03 15.26
C GLU A 87 26.48 4.40 15.62
N SER A 88 26.58 5.27 14.62
CA SER A 88 27.07 6.63 14.81
C SER A 88 26.05 7.48 15.58
N CYS A 89 24.77 7.11 15.47
CA CYS A 89 23.70 7.85 16.12
C CYS A 89 23.70 7.61 17.62
N LEU A 90 24.28 6.49 18.03
CA LEU A 90 24.30 6.08 19.43
C LEU A 90 24.94 7.14 20.32
N GLU A 91 26.02 7.76 19.83
CA GLU A 91 26.74 8.76 20.62
C GLU A 91 25.92 10.04 20.76
N HIS A 92 25.19 10.40 19.73
CA HIS A 92 24.42 11.64 19.74
C HIS A 92 22.93 11.37 19.69
N HIS A 93 22.30 11.31 20.86
CA HIS A 93 20.86 11.16 20.94
C HIS A 93 20.19 12.42 20.41
N HIS A 94 19.29 12.25 19.46
CA HIS A 94 18.72 13.39 18.74
C HIS A 94 17.73 14.16 19.59
N HIS A 95 17.92 15.47 19.65
CA HIS A 95 16.99 16.36 20.32
C HIS A 95 16.56 17.44 19.34
N HIS A 96 15.38 17.25 18.77
CA HIS A 96 14.87 18.11 17.72
C HIS A 96 14.71 19.56 18.16
N HIS A 97 14.57 20.44 17.19
CA HIS A 97 14.23 21.82 17.46
C HIS A 97 12.74 22.02 17.20
N MET A 1 -9.63 -16.73 14.64
CA MET A 1 -10.88 -15.94 14.67
C MET A 1 -11.97 -16.69 13.90
N PRO A 2 -12.83 -17.43 14.62
CA PRO A 2 -13.87 -18.26 14.00
C PRO A 2 -15.06 -17.43 13.50
N THR A 3 -15.39 -16.41 14.26
CA THR A 3 -16.49 -15.53 13.93
C THR A 3 -15.99 -14.33 13.15
N LYS A 4 -16.49 -14.20 11.91
CA LYS A 4 -16.09 -13.12 11.01
C LYS A 4 -14.60 -13.27 10.66
N THR A 5 -14.33 -14.02 9.61
CA THR A 5 -12.97 -14.25 9.16
C THR A 5 -12.79 -13.74 7.74
N TYR A 6 -11.55 -13.46 7.37
CA TYR A 6 -11.23 -13.02 6.03
C TYR A 6 -10.00 -13.76 5.52
N SER A 7 -9.71 -13.61 4.24
CA SER A 7 -8.51 -14.22 3.66
C SER A 7 -7.51 -13.13 3.28
N GLU A 8 -6.21 -13.44 3.40
CA GLU A 8 -5.16 -12.52 3.00
C GLU A 8 -5.26 -12.23 1.50
N GLU A 9 -5.76 -13.20 0.76
CA GLU A 9 -5.95 -13.08 -0.66
C GLU A 9 -6.90 -11.93 -0.98
N PHE A 10 -7.84 -11.71 -0.08
CA PHE A 10 -8.81 -10.62 -0.22
C PHE A 10 -8.13 -9.28 0.01
N LYS A 11 -7.14 -9.25 0.91
CA LYS A 11 -6.39 -8.04 1.17
C LYS A 11 -5.59 -7.62 -0.05
N ARG A 12 -4.98 -8.59 -0.72
CA ARG A 12 -4.21 -8.30 -1.93
C ARG A 12 -5.16 -7.94 -3.07
N ASP A 13 -6.35 -8.53 -3.07
CA ASP A 13 -7.37 -8.20 -4.07
C ASP A 13 -7.83 -6.76 -3.89
N ALA A 14 -7.90 -6.31 -2.64
CA ALA A 14 -8.24 -4.93 -2.35
C ALA A 14 -7.17 -3.97 -2.89
N VAL A 15 -5.91 -4.42 -2.88
CA VAL A 15 -4.82 -3.65 -3.46
C VAL A 15 -5.00 -3.54 -4.97
N ALA A 16 -5.38 -4.66 -5.59
CA ALA A 16 -5.65 -4.67 -7.03
C ALA A 16 -6.86 -3.80 -7.35
N LEU A 17 -7.83 -3.81 -6.45
CA LEU A 17 -9.02 -2.97 -6.60
C LEU A 17 -8.61 -1.50 -6.49
N TYR A 18 -7.66 -1.22 -5.60
CA TYR A 18 -7.10 0.12 -5.43
C TYR A 18 -6.44 0.60 -6.71
N GLU A 19 -5.82 -0.31 -7.44
CA GLU A 19 -5.22 0.02 -8.73
C GLU A 19 -6.27 0.55 -9.70
N ASN A 20 -7.51 0.11 -9.52
CA ASN A 20 -8.60 0.50 -10.39
C ASN A 20 -9.45 1.59 -9.74
N SER A 21 -8.87 2.30 -8.78
CA SER A 21 -9.59 3.35 -8.06
C SER A 21 -9.94 4.52 -8.98
N ASP A 22 -9.34 4.56 -10.15
CA ASP A 22 -9.70 5.53 -11.17
C ASP A 22 -11.16 5.33 -11.57
N GLY A 23 -11.65 4.11 -11.41
CA GLY A 23 -13.03 3.80 -11.72
C GLY A 23 -13.90 3.78 -10.48
N ALA A 24 -13.27 3.60 -9.32
CA ALA A 24 -13.99 3.50 -8.06
C ALA A 24 -13.23 4.24 -6.96
N SER A 25 -13.87 5.24 -6.37
CA SER A 25 -13.22 6.10 -5.41
C SER A 25 -12.75 5.34 -4.17
N LEU A 26 -11.70 5.84 -3.53
CA LEU A 26 -11.09 5.20 -2.37
C LEU A 26 -12.13 4.87 -1.30
N GLN A 27 -13.05 5.79 -1.03
CA GLN A 27 -14.11 5.54 -0.06
C GLN A 27 -14.97 4.37 -0.49
N GLN A 28 -15.35 4.36 -1.77
CA GLN A 28 -16.22 3.32 -2.30
C GLN A 28 -15.57 1.93 -2.14
N ILE A 29 -14.26 1.87 -2.33
CA ILE A 29 -13.52 0.63 -2.15
C ILE A 29 -13.73 0.07 -0.74
N ALA A 30 -13.45 0.90 0.27
CA ALA A 30 -13.61 0.50 1.66
C ALA A 30 -15.09 0.35 2.02
N ASN A 31 -15.92 1.18 1.40
CA ASN A 31 -17.36 1.18 1.65
C ASN A 31 -17.98 -0.14 1.20
N ASP A 32 -17.54 -0.62 0.04
CA ASP A 32 -18.03 -1.86 -0.52
C ASP A 32 -17.53 -3.05 0.30
N LEU A 33 -16.25 -3.00 0.68
CA LEU A 33 -15.63 -4.07 1.46
C LEU A 33 -16.18 -4.11 2.88
N GLY A 34 -16.60 -2.95 3.39
CA GLY A 34 -17.17 -2.89 4.72
C GLY A 34 -16.15 -2.58 5.78
N ILE A 35 -15.13 -1.81 5.41
CA ILE A 35 -14.08 -1.44 6.34
C ILE A 35 -13.85 0.07 6.30
N ASN A 36 -12.98 0.56 7.18
CA ASN A 36 -12.65 1.96 7.20
C ASN A 36 -11.63 2.27 6.11
N ARG A 37 -11.63 3.52 5.66
CA ARG A 37 -10.71 3.97 4.61
C ARG A 37 -9.26 3.76 5.04
N VAL A 38 -9.01 3.95 6.34
CA VAL A 38 -7.67 3.79 6.88
C VAL A 38 -7.29 2.32 6.96
N THR A 39 -8.25 1.49 7.39
CA THR A 39 -8.06 0.05 7.44
C THR A 39 -7.68 -0.48 6.06
N LEU A 40 -8.37 0.02 5.04
CA LEU A 40 -8.08 -0.34 3.66
C LEU A 40 -6.66 0.02 3.28
N LYS A 41 -6.26 1.24 3.63
CA LYS A 41 -4.92 1.73 3.33
C LYS A 41 -3.86 0.85 3.98
N ASN A 42 -4.12 0.48 5.23
CA ASN A 42 -3.23 -0.39 5.99
C ASN A 42 -2.99 -1.72 5.26
N TRP A 43 -4.05 -2.25 4.65
CA TRP A 43 -3.94 -3.48 3.86
C TRP A 43 -3.06 -3.24 2.64
N ILE A 44 -3.26 -2.08 2.01
CA ILE A 44 -2.50 -1.69 0.83
C ILE A 44 -1.02 -1.54 1.16
N ILE A 45 -0.73 -0.99 2.33
CA ILE A 45 0.65 -0.81 2.77
C ILE A 45 1.36 -2.15 2.90
N LYS A 46 0.70 -3.11 3.55
CA LYS A 46 1.28 -4.41 3.81
C LYS A 46 1.49 -5.21 2.52
N TYR A 47 0.42 -5.41 1.77
CA TYR A 47 0.47 -6.29 0.60
C TYR A 47 0.92 -5.56 -0.66
N GLY A 48 0.82 -4.23 -0.65
CA GLY A 48 1.27 -3.45 -1.78
C GLY A 48 2.79 -3.38 -1.86
N SER A 49 3.44 -3.44 -0.70
CA SER A 49 4.90 -3.40 -0.65
C SER A 49 5.47 -4.78 -1.01
N ASN A 50 5.09 -5.79 -0.23
CA ASN A 50 5.49 -7.18 -0.45
C ASN A 50 5.25 -8.00 0.81
N HIS A 51 6.05 -7.74 1.82
CA HIS A 51 5.97 -8.46 3.08
C HIS A 51 6.32 -7.56 4.26
N ASN A 52 5.36 -7.39 5.13
CA ASN A 52 5.50 -6.56 6.32
C ASN A 52 4.47 -6.98 7.34
N VAL A 53 4.90 -7.75 8.33
CA VAL A 53 3.96 -8.33 9.28
C VAL A 53 3.28 -7.25 10.12
N GLN A 54 4.05 -6.62 10.99
CA GLN A 54 3.58 -5.50 11.79
C GLN A 54 4.77 -4.65 12.25
N GLY A 55 4.80 -3.40 11.86
CA GLY A 55 5.83 -2.51 12.35
C GLY A 55 6.90 -2.23 11.32
N THR A 56 7.47 -1.05 11.40
CA THR A 56 8.57 -0.64 10.55
C THR A 56 9.36 0.46 11.23
N THR A 57 10.54 0.12 11.67
CA THR A 57 11.38 1.05 12.39
C THR A 57 12.85 0.92 11.96
N PRO A 58 13.43 2.01 11.45
CA PRO A 58 14.83 2.06 11.05
C PRO A 58 15.73 2.70 12.11
N SER A 59 16.48 1.88 12.84
CA SER A 59 17.38 2.39 13.86
C SER A 59 18.70 2.89 13.24
N ALA A 60 19.29 2.07 12.39
CA ALA A 60 20.60 2.41 11.81
C ALA A 60 20.46 3.43 10.68
N ALA A 61 19.27 3.50 10.10
CA ALA A 61 19.03 4.40 8.98
C ALA A 61 18.93 5.85 9.43
N VAL A 62 18.97 6.07 10.72
CA VAL A 62 18.94 7.43 11.27
C VAL A 62 20.25 8.15 10.99
N SER A 63 21.35 7.50 11.34
CA SER A 63 22.67 8.05 11.10
C SER A 63 23.05 7.89 9.63
N GLU A 64 22.55 6.82 9.02
CA GLU A 64 22.82 6.54 7.61
C GLU A 64 22.14 7.58 6.72
N ALA A 65 21.06 8.16 7.23
CA ALA A 65 20.28 9.16 6.50
C ALA A 65 21.14 10.37 6.13
N GLU A 66 22.19 10.60 6.91
CA GLU A 66 23.15 11.64 6.62
C GLU A 66 23.79 11.41 5.26
N GLN A 67 24.30 10.21 5.12
CA GLN A 67 25.07 9.80 3.96
C GLN A 67 24.15 9.45 2.80
N ILE A 68 22.97 8.93 3.11
CA ILE A 68 21.97 8.67 2.10
C ILE A 68 21.53 9.97 1.44
N ARG A 69 21.38 11.01 2.25
CA ARG A 69 21.05 12.33 1.74
C ARG A 69 22.12 12.81 0.78
N GLN A 70 23.38 12.60 1.17
CA GLN A 70 24.53 13.00 0.38
C GLN A 70 24.50 12.35 -0.99
N LEU A 71 24.27 11.05 -1.00
CA LEU A 71 24.19 10.27 -2.23
C LEU A 71 22.98 10.70 -3.07
N LYS A 72 21.87 10.97 -2.40
CA LYS A 72 20.64 11.35 -3.09
C LYS A 72 20.76 12.76 -3.68
N LYS A 73 21.05 13.72 -2.82
CA LYS A 73 21.15 15.11 -3.23
C LYS A 73 22.47 15.68 -2.72
N GLU A 74 23.21 16.33 -3.62
CA GLU A 74 24.56 16.80 -3.30
C GLU A 74 24.57 17.71 -2.08
N ASN A 75 25.40 17.31 -1.11
CA ASN A 75 25.45 17.93 0.21
C ASN A 75 25.83 19.41 0.13
N ALA A 76 26.55 19.77 -0.93
CA ALA A 76 26.99 21.14 -1.14
C ALA A 76 25.83 22.13 -1.13
N LEU A 77 24.64 21.65 -1.47
CA LEU A 77 23.45 22.49 -1.54
C LEU A 77 22.97 22.89 -0.14
N GLN A 78 23.25 22.05 0.85
CA GLN A 78 22.82 22.33 2.23
C GLN A 78 23.78 23.28 2.92
N ARG A 79 25.02 23.32 2.47
CA ARG A 79 26.05 24.16 3.08
C ARG A 79 25.79 25.64 2.83
N ALA A 80 24.89 25.93 1.90
CA ALA A 80 24.49 27.30 1.60
C ALA A 80 23.79 27.95 2.80
N ARG A 81 23.29 27.10 3.71
CA ARG A 81 22.57 27.54 4.89
C ARG A 81 23.48 28.23 5.91
N THR A 82 24.78 28.04 5.73
CA THR A 82 25.78 28.67 6.59
C THR A 82 25.61 30.18 6.61
N ARG A 83 25.20 30.72 5.46
CA ARG A 83 24.91 32.15 5.28
C ARG A 83 26.10 33.04 5.60
N HIS A 84 26.65 33.62 4.55
CA HIS A 84 27.85 34.43 4.66
C HIS A 84 27.58 35.85 4.19
N PRO A 85 27.39 36.78 5.12
CA PRO A 85 27.19 38.19 4.80
C PRO A 85 28.53 38.94 4.71
N ALA A 86 28.46 40.26 4.62
CA ALA A 86 29.66 41.08 4.58
C ALA A 86 29.61 42.13 5.67
N GLU A 87 30.78 42.48 6.20
CA GLU A 87 30.88 43.48 7.26
C GLU A 87 30.27 44.81 6.83
N SER A 88 30.35 45.09 5.54
CA SER A 88 29.79 46.30 4.96
C SER A 88 28.27 46.35 5.17
N CYS A 89 27.62 45.21 5.01
CA CYS A 89 26.17 45.13 5.08
C CYS A 89 25.69 45.14 6.53
N LEU A 90 26.58 44.75 7.44
CA LEU A 90 26.24 44.64 8.86
C LEU A 90 25.77 45.97 9.44
N GLU A 91 26.44 47.05 9.04
CA GLU A 91 26.11 48.38 9.52
C GLU A 91 24.72 48.81 9.07
N HIS A 92 24.39 48.53 7.82
CA HIS A 92 23.12 48.96 7.26
C HIS A 92 21.99 48.06 7.75
N HIS A 93 21.18 48.60 8.66
CA HIS A 93 20.07 47.86 9.22
C HIS A 93 18.76 48.60 9.00
N HIS A 94 18.04 48.22 7.95
CA HIS A 94 16.76 48.82 7.63
C HIS A 94 15.75 48.60 8.75
N HIS A 95 15.16 49.69 9.23
CA HIS A 95 14.18 49.61 10.30
C HIS A 95 13.16 50.73 10.14
N HIS A 96 11.92 50.46 10.49
CA HIS A 96 10.86 51.45 10.36
C HIS A 96 9.83 51.29 11.48
N HIS A 97 9.68 52.33 12.27
CA HIS A 97 8.73 52.32 13.37
C HIS A 97 8.06 53.69 13.48
N MET A 1 -26.09 -14.36 8.36
CA MET A 1 -24.67 -13.97 8.18
C MET A 1 -23.77 -14.96 8.91
N PRO A 2 -22.98 -15.75 8.16
CA PRO A 2 -22.05 -16.72 8.74
C PRO A 2 -21.01 -16.04 9.63
N THR A 3 -20.21 -15.20 9.01
CA THR A 3 -19.18 -14.45 9.70
C THR A 3 -18.53 -13.48 8.71
N LYS A 4 -17.53 -12.75 9.15
CA LYS A 4 -16.82 -11.82 8.29
C LYS A 4 -15.32 -12.05 8.45
N THR A 5 -14.78 -12.93 7.63
CA THR A 5 -13.38 -13.28 7.70
C THR A 5 -12.57 -12.46 6.70
N TYR A 6 -11.30 -12.25 7.02
CA TYR A 6 -10.41 -11.51 6.16
C TYR A 6 -9.08 -12.26 6.02
N SER A 7 -8.90 -12.90 4.88
CA SER A 7 -7.70 -13.68 4.63
C SER A 7 -6.74 -12.92 3.73
N GLU A 8 -5.61 -13.54 3.41
CA GLU A 8 -4.66 -12.98 2.46
C GLU A 8 -5.36 -12.65 1.14
N GLU A 9 -6.37 -13.46 0.81
CA GLU A 9 -7.19 -13.26 -0.37
C GLU A 9 -7.81 -11.86 -0.40
N PHE A 10 -8.49 -11.51 0.68
CA PHE A 10 -9.19 -10.23 0.76
C PHE A 10 -8.20 -9.07 0.78
N LYS A 11 -7.14 -9.22 1.56
CA LYS A 11 -6.10 -8.21 1.66
C LYS A 11 -5.46 -7.96 0.29
N ARG A 12 -5.16 -9.03 -0.42
CA ARG A 12 -4.55 -8.97 -1.75
C ARG A 12 -5.50 -8.32 -2.75
N ASP A 13 -6.75 -8.76 -2.71
CA ASP A 13 -7.78 -8.27 -3.63
C ASP A 13 -8.02 -6.78 -3.42
N ALA A 14 -8.00 -6.36 -2.16
CA ALA A 14 -8.20 -4.96 -1.81
C ALA A 14 -7.13 -4.06 -2.44
N VAL A 15 -5.89 -4.53 -2.40
CA VAL A 15 -4.77 -3.79 -2.99
C VAL A 15 -4.93 -3.71 -4.51
N ALA A 16 -5.36 -4.80 -5.11
CA ALA A 16 -5.57 -4.85 -6.55
C ALA A 16 -6.73 -3.94 -6.97
N LEU A 17 -7.78 -3.93 -6.16
CA LEU A 17 -8.95 -3.10 -6.42
C LEU A 17 -8.57 -1.61 -6.38
N TYR A 18 -7.64 -1.27 -5.50
CA TYR A 18 -7.23 0.11 -5.31
C TYR A 18 -6.59 0.68 -6.58
N GLU A 19 -6.02 -0.19 -7.41
CA GLU A 19 -5.42 0.23 -8.66
C GLU A 19 -6.50 0.66 -9.66
N ASN A 20 -7.72 0.22 -9.40
CA ASN A 20 -8.85 0.49 -10.26
C ASN A 20 -9.63 1.69 -9.74
N SER A 21 -8.98 2.49 -8.91
CA SER A 21 -9.60 3.64 -8.27
C SER A 21 -10.07 4.69 -9.27
N ASP A 22 -9.58 4.58 -10.50
CA ASP A 22 -10.01 5.47 -11.58
C ASP A 22 -11.52 5.45 -11.74
N GLY A 23 -12.11 4.29 -11.46
CA GLY A 23 -13.54 4.16 -11.54
C GLY A 23 -14.15 3.72 -10.23
N ALA A 24 -13.40 3.92 -9.14
CA ALA A 24 -13.86 3.55 -7.81
C ALA A 24 -13.08 4.31 -6.75
N SER A 25 -13.68 5.35 -6.21
CA SER A 25 -13.04 6.16 -5.19
C SER A 25 -12.80 5.35 -3.92
N LEU A 26 -11.73 5.69 -3.20
CA LEU A 26 -11.33 4.96 -1.99
C LEU A 26 -12.51 4.85 -1.02
N GLN A 27 -13.22 5.96 -0.84
CA GLN A 27 -14.40 6.01 0.03
C GLN A 27 -15.46 5.00 -0.43
N GLN A 28 -15.58 4.87 -1.74
CA GLN A 28 -16.54 3.92 -2.33
C GLN A 28 -16.02 2.49 -2.20
N ILE A 29 -14.71 2.32 -2.36
CA ILE A 29 -14.07 1.01 -2.21
C ILE A 29 -14.32 0.47 -0.81
N ALA A 30 -14.06 1.31 0.20
CA ALA A 30 -14.26 0.93 1.59
C ALA A 30 -15.72 0.57 1.85
N ASN A 31 -16.63 1.33 1.25
CA ASN A 31 -18.06 1.08 1.39
C ASN A 31 -18.50 -0.19 0.65
N ASP A 32 -17.88 -0.45 -0.49
CA ASP A 32 -18.23 -1.60 -1.30
C ASP A 32 -17.76 -2.89 -0.64
N LEU A 33 -16.52 -2.89 -0.18
CA LEU A 33 -15.93 -4.05 0.46
C LEU A 33 -16.44 -4.21 1.89
N GLY A 34 -16.75 -3.09 2.52
CA GLY A 34 -17.21 -3.12 3.89
C GLY A 34 -16.05 -3.10 4.87
N ILE A 35 -15.16 -2.13 4.69
CA ILE A 35 -13.99 -2.00 5.53
C ILE A 35 -13.73 -0.53 5.86
N ASN A 36 -12.72 -0.29 6.70
CA ASN A 36 -12.33 1.05 7.08
C ASN A 36 -11.36 1.62 6.05
N ARG A 37 -11.47 2.92 5.78
CA ARG A 37 -10.61 3.60 4.83
C ARG A 37 -9.14 3.46 5.24
N VAL A 38 -8.89 3.51 6.54
CA VAL A 38 -7.54 3.38 7.06
C VAL A 38 -7.05 1.95 6.90
N THR A 39 -7.89 0.99 7.27
CA THR A 39 -7.53 -0.43 7.19
C THR A 39 -7.17 -0.84 5.77
N LEU A 40 -7.89 -0.29 4.79
CA LEU A 40 -7.61 -0.54 3.38
C LEU A 40 -6.19 -0.09 3.04
N LYS A 41 -5.88 1.15 3.41
CA LYS A 41 -4.58 1.74 3.11
C LYS A 41 -3.47 0.96 3.78
N ASN A 42 -3.72 0.54 5.02
CA ASN A 42 -2.77 -0.27 5.78
C ASN A 42 -2.35 -1.52 5.02
N TRP A 43 -3.32 -2.23 4.47
CA TRP A 43 -3.04 -3.44 3.71
C TRP A 43 -2.22 -3.12 2.46
N ILE A 44 -2.57 -2.01 1.81
CA ILE A 44 -1.88 -1.59 0.60
C ILE A 44 -0.40 -1.31 0.89
N ILE A 45 -0.14 -0.63 2.00
CA ILE A 45 1.22 -0.28 2.39
C ILE A 45 2.07 -1.52 2.66
N LYS A 46 1.50 -2.46 3.40
CA LYS A 46 2.26 -3.63 3.83
C LYS A 46 2.31 -4.71 2.75
N TYR A 47 1.14 -5.13 2.28
CA TYR A 47 1.06 -6.26 1.36
C TYR A 47 1.40 -5.85 -0.06
N GLY A 48 1.22 -4.56 -0.37
CA GLY A 48 1.66 -4.04 -1.64
C GLY A 48 3.18 -4.00 -1.71
N SER A 49 3.80 -3.93 -0.55
CA SER A 49 5.25 -3.95 -0.43
C SER A 49 5.76 -5.39 -0.48
N ASN A 50 4.86 -6.33 -0.15
CA ASN A 50 5.16 -7.76 -0.16
C ASN A 50 5.97 -8.17 1.07
N HIS A 51 7.26 -7.84 1.06
CA HIS A 51 8.14 -8.15 2.17
C HIS A 51 9.19 -7.06 2.29
N ASN A 52 9.87 -7.00 3.45
CA ASN A 52 10.80 -5.91 3.74
C ASN A 52 10.10 -4.57 3.53
N VAL A 53 8.95 -4.44 4.19
CA VAL A 53 8.08 -3.28 4.01
C VAL A 53 8.81 -1.99 4.38
N GLN A 54 9.16 -1.86 5.64
CA GLN A 54 9.95 -0.74 6.10
C GLN A 54 11.35 -1.22 6.48
N GLY A 55 12.02 -1.86 5.53
CA GLY A 55 13.36 -2.35 5.77
C GLY A 55 14.34 -1.22 5.92
N THR A 56 14.08 -0.14 5.20
CA THR A 56 14.91 1.07 5.20
C THR A 56 16.39 0.78 4.98
N THR A 57 16.81 0.85 3.73
CA THR A 57 18.21 0.64 3.37
C THR A 57 18.77 1.88 2.68
N PRO A 58 19.30 2.82 3.46
CA PRO A 58 19.80 4.09 2.94
C PRO A 58 21.15 3.94 2.25
N SER A 59 21.15 4.10 0.93
CA SER A 59 22.39 4.03 0.17
C SER A 59 23.10 5.37 0.14
N ALA A 60 22.37 6.42 -0.21
CA ALA A 60 22.94 7.75 -0.30
C ALA A 60 22.81 8.51 1.01
N ALA A 61 21.75 8.22 1.75
CA ALA A 61 21.39 9.01 2.93
C ALA A 61 22.31 8.77 4.10
N VAL A 62 23.23 7.83 3.98
CA VAL A 62 24.22 7.58 5.01
C VAL A 62 25.39 8.53 4.85
N SER A 63 25.98 8.52 3.67
CA SER A 63 27.18 9.29 3.39
C SER A 63 26.86 10.76 3.14
N GLU A 64 25.74 11.02 2.48
CA GLU A 64 25.36 12.38 2.10
C GLU A 64 24.97 13.20 3.32
N ALA A 65 24.36 12.53 4.28
CA ALA A 65 23.86 13.18 5.49
C ALA A 65 24.97 13.85 6.28
N GLU A 66 26.19 13.37 6.10
CA GLU A 66 27.36 13.91 6.81
C GLU A 66 27.50 15.40 6.54
N GLN A 67 27.54 15.76 5.26
CA GLN A 67 27.71 17.15 4.87
C GLN A 67 26.39 17.91 4.95
N ILE A 68 25.28 17.23 4.66
CA ILE A 68 23.96 17.88 4.68
C ILE A 68 23.60 18.36 6.07
N ARG A 69 23.81 17.52 7.08
CA ARG A 69 23.46 17.87 8.45
C ARG A 69 24.26 19.06 8.96
N GLN A 70 25.50 19.15 8.53
CA GLN A 70 26.35 20.25 8.90
C GLN A 70 25.98 21.51 8.14
N LEU A 71 25.57 21.32 6.89
CA LEU A 71 25.18 22.43 6.03
C LEU A 71 23.92 23.11 6.55
N LYS A 72 22.92 22.30 6.93
CA LYS A 72 21.66 22.83 7.44
C LYS A 72 21.75 23.06 8.94
N LYS A 73 22.89 22.65 9.51
CA LYS A 73 23.16 22.76 10.94
C LYS A 73 22.10 22.03 11.77
N GLU A 74 21.10 22.75 12.24
CA GLU A 74 20.11 22.17 13.14
C GLU A 74 18.92 23.10 13.33
N ASN A 75 17.93 22.60 14.06
CA ASN A 75 16.79 23.41 14.48
C ASN A 75 16.48 23.15 15.95
N ALA A 76 17.25 22.23 16.51
CA ALA A 76 17.06 21.74 17.87
C ALA A 76 17.07 22.85 18.91
N LEU A 77 18.08 23.71 18.83
CA LEU A 77 18.26 24.80 19.78
C LEU A 77 17.01 25.69 19.89
N GLN A 78 16.22 25.74 18.82
CA GLN A 78 14.98 26.50 18.81
C GLN A 78 13.89 25.80 19.63
N ARG A 79 13.69 24.52 19.34
CA ARG A 79 12.61 23.76 19.96
C ARG A 79 12.91 23.41 21.42
N ALA A 80 14.17 23.56 21.79
CA ALA A 80 14.59 23.29 23.17
C ALA A 80 13.88 24.22 24.16
N ARG A 81 13.44 25.37 23.67
CA ARG A 81 12.73 26.33 24.49
C ARG A 81 11.24 26.02 24.55
N THR A 82 10.75 25.32 23.54
CA THR A 82 9.35 24.97 23.46
C THR A 82 9.07 23.68 24.23
N ARG A 83 10.13 22.92 24.47
CA ARG A 83 10.01 21.66 25.19
C ARG A 83 9.56 21.88 26.62
N HIS A 84 8.40 21.32 26.92
CA HIS A 84 7.76 21.46 28.22
C HIS A 84 6.99 20.17 28.51
N PRO A 85 6.34 20.03 29.70
CA PRO A 85 5.50 18.87 30.01
C PRO A 85 4.45 18.57 28.94
N ALA A 86 3.77 17.45 29.11
CA ALA A 86 2.83 16.96 28.10
C ALA A 86 1.40 17.24 28.50
N GLU A 87 0.47 16.89 27.61
CA GLU A 87 -0.95 17.12 27.82
C GLU A 87 -1.53 16.06 28.76
N SER A 88 -0.90 14.89 28.76
CA SER A 88 -1.40 13.71 29.49
C SER A 88 -1.60 13.99 30.97
N CYS A 89 -0.76 14.84 31.55
CA CYS A 89 -0.84 15.13 32.97
C CYS A 89 -1.90 16.19 33.26
N LEU A 90 -2.21 17.00 32.25
CA LEU A 90 -3.15 18.10 32.41
C LEU A 90 -4.59 17.62 32.23
N GLU A 91 -4.78 16.78 31.21
CA GLU A 91 -6.12 16.29 30.88
C GLU A 91 -6.72 15.47 32.02
N HIS A 92 -5.91 14.61 32.61
CA HIS A 92 -6.41 13.64 33.57
C HIS A 92 -6.55 14.24 34.97
N HIS A 93 -7.69 13.93 35.59
CA HIS A 93 -8.02 14.39 36.94
C HIS A 93 -8.41 15.87 36.93
N HIS A 94 -8.53 16.43 35.73
CA HIS A 94 -9.02 17.79 35.58
C HIS A 94 -10.54 17.77 35.62
N HIS A 95 -11.07 17.36 36.77
CA HIS A 95 -12.49 17.16 36.93
C HIS A 95 -13.11 18.34 37.67
N HIS A 96 -13.84 19.16 36.96
CA HIS A 96 -14.53 20.28 37.55
C HIS A 96 -15.95 19.87 37.91
N HIS A 97 -16.33 20.09 39.15
CA HIS A 97 -17.69 19.79 39.58
C HIS A 97 -18.46 21.08 39.76
N MET A 1 -13.31 -15.58 21.53
CA MET A 1 -12.56 -15.38 20.28
C MET A 1 -11.06 -15.60 20.51
N PRO A 2 -10.55 -16.77 20.10
CA PRO A 2 -9.13 -17.09 20.21
C PRO A 2 -8.28 -16.32 19.21
N THR A 3 -8.83 -16.18 18.01
CA THR A 3 -8.15 -15.48 16.93
C THR A 3 -9.19 -14.95 15.95
N LYS A 4 -8.74 -14.12 15.02
CA LYS A 4 -9.60 -13.53 14.00
C LYS A 4 -8.89 -13.60 12.65
N THR A 5 -9.19 -14.65 11.90
CA THR A 5 -8.51 -14.90 10.64
C THR A 5 -9.16 -14.13 9.49
N TYR A 6 -8.37 -13.85 8.48
CA TYR A 6 -8.83 -13.15 7.29
C TYR A 6 -7.87 -13.48 6.14
N SER A 7 -8.41 -14.06 5.08
CA SER A 7 -7.60 -14.57 3.98
C SER A 7 -6.75 -13.48 3.33
N GLU A 8 -5.49 -13.83 3.06
CA GLU A 8 -4.55 -12.91 2.42
C GLU A 8 -5.02 -12.54 1.02
N GLU A 9 -5.79 -13.44 0.40
CA GLU A 9 -6.29 -13.20 -0.94
C GLU A 9 -7.17 -11.96 -0.97
N PHE A 10 -7.97 -11.77 0.07
CA PHE A 10 -8.85 -10.61 0.18
C PHE A 10 -8.01 -9.35 0.30
N LYS A 11 -6.95 -9.44 1.10
CA LYS A 11 -6.03 -8.34 1.30
C LYS A 11 -5.32 -8.00 -0.01
N ARG A 12 -4.85 -9.02 -0.71
CA ARG A 12 -4.19 -8.87 -2.00
C ARG A 12 -5.11 -8.18 -2.99
N ASP A 13 -6.35 -8.65 -3.06
CA ASP A 13 -7.33 -8.08 -3.98
C ASP A 13 -7.66 -6.65 -3.61
N ALA A 14 -7.68 -6.36 -2.31
CA ALA A 14 -7.94 -5.02 -1.81
C ALA A 14 -6.86 -4.04 -2.26
N VAL A 15 -5.61 -4.51 -2.31
CA VAL A 15 -4.52 -3.68 -2.81
C VAL A 15 -4.67 -3.47 -4.32
N ALA A 16 -5.20 -4.48 -5.00
CA ALA A 16 -5.46 -4.38 -6.44
C ALA A 16 -6.65 -3.47 -6.71
N LEU A 17 -7.57 -3.42 -5.75
CA LEU A 17 -8.73 -2.53 -5.84
C LEU A 17 -8.28 -1.07 -5.86
N TYR A 18 -7.14 -0.81 -5.24
CA TYR A 18 -6.56 0.53 -5.24
C TYR A 18 -6.19 0.95 -6.66
N GLU A 19 -5.83 -0.03 -7.49
CA GLU A 19 -5.52 0.22 -8.90
C GLU A 19 -6.81 0.35 -9.73
N ASN A 20 -7.91 -0.13 -9.18
CA ASN A 20 -9.21 -0.08 -9.86
C ASN A 20 -9.98 1.18 -9.50
N SER A 21 -9.28 2.13 -8.90
CA SER A 21 -9.90 3.36 -8.41
C SER A 21 -10.36 4.26 -9.54
N ASP A 22 -9.90 3.96 -10.75
CA ASP A 22 -10.30 4.70 -11.94
C ASP A 22 -11.82 4.76 -12.08
N GLY A 23 -12.48 3.72 -11.59
CA GLY A 23 -13.92 3.66 -11.69
C GLY A 23 -14.63 3.95 -10.37
N ALA A 24 -13.87 3.98 -9.28
CA ALA A 24 -14.44 4.16 -7.96
C ALA A 24 -13.39 4.70 -6.99
N SER A 25 -13.75 5.77 -6.30
CA SER A 25 -12.85 6.39 -5.34
C SER A 25 -12.52 5.44 -4.19
N LEU A 26 -11.42 5.70 -3.50
CA LEU A 26 -10.98 4.87 -2.38
C LEU A 26 -12.07 4.79 -1.32
N GLN A 27 -12.81 5.89 -1.14
CA GLN A 27 -13.91 5.93 -0.17
C GLN A 27 -14.99 4.95 -0.59
N GLN A 28 -15.20 4.82 -1.90
CA GLN A 28 -16.19 3.90 -2.43
C GLN A 28 -15.72 2.47 -2.28
N ILE A 29 -14.42 2.25 -2.49
CA ILE A 29 -13.83 0.93 -2.32
C ILE A 29 -14.07 0.41 -0.90
N ALA A 30 -13.75 1.25 0.08
CA ALA A 30 -13.93 0.89 1.48
C ALA A 30 -15.40 0.65 1.81
N ASN A 31 -16.28 1.50 1.28
CA ASN A 31 -17.71 1.36 1.51
C ASN A 31 -18.26 0.10 0.84
N ASP A 32 -17.73 -0.22 -0.33
CA ASP A 32 -18.17 -1.40 -1.07
C ASP A 32 -17.84 -2.67 -0.28
N LEU A 33 -16.66 -2.68 0.33
CA LEU A 33 -16.24 -3.80 1.14
C LEU A 33 -16.95 -3.80 2.49
N GLY A 34 -17.15 -2.61 3.04
CA GLY A 34 -17.79 -2.49 4.33
C GLY A 34 -16.78 -2.30 5.44
N ILE A 35 -15.62 -1.76 5.09
CA ILE A 35 -14.55 -1.57 6.04
C ILE A 35 -14.13 -0.11 6.10
N ASN A 36 -13.21 0.20 7.00
CA ASN A 36 -12.65 1.53 7.09
C ASN A 36 -11.58 1.73 6.02
N ARG A 37 -11.50 2.93 5.48
CA ARG A 37 -10.53 3.23 4.45
C ARG A 37 -9.10 3.15 4.98
N VAL A 38 -8.94 3.45 6.25
CA VAL A 38 -7.64 3.32 6.91
C VAL A 38 -7.25 1.84 7.00
N THR A 39 -8.20 0.99 7.36
CA THR A 39 -7.95 -0.44 7.43
C THR A 39 -7.58 -0.99 6.04
N LEU A 40 -8.23 -0.46 5.02
CA LEU A 40 -7.91 -0.80 3.64
C LEU A 40 -6.47 -0.38 3.33
N LYS A 41 -6.13 0.83 3.72
CA LYS A 41 -4.80 1.39 3.51
C LYS A 41 -3.73 0.51 4.14
N ASN A 42 -4.01 0.06 5.35
CA ASN A 42 -3.08 -0.78 6.11
C ASN A 42 -2.61 -1.99 5.31
N TRP A 43 -3.55 -2.65 4.63
CA TRP A 43 -3.20 -3.78 3.78
C TRP A 43 -2.40 -3.33 2.57
N ILE A 44 -2.84 -2.22 1.97
CA ILE A 44 -2.17 -1.67 0.79
C ILE A 44 -0.72 -1.30 1.09
N ILE A 45 -0.49 -0.79 2.30
CA ILE A 45 0.85 -0.41 2.72
C ILE A 45 1.77 -1.63 2.77
N LYS A 46 1.35 -2.65 3.51
CA LYS A 46 2.20 -3.81 3.76
C LYS A 46 2.32 -4.71 2.54
N TYR A 47 1.19 -5.07 1.95
CA TYR A 47 1.17 -6.02 0.85
C TYR A 47 1.57 -5.33 -0.46
N GLY A 48 1.49 -4.01 -0.46
CA GLY A 48 1.93 -3.24 -1.61
C GLY A 48 3.22 -2.47 -1.34
N SER A 49 4.06 -2.99 -0.46
CA SER A 49 5.38 -2.39 -0.22
C SER A 49 6.29 -2.66 -1.40
N ASN A 50 6.35 -3.93 -1.79
CA ASN A 50 7.14 -4.36 -2.93
C ASN A 50 6.41 -5.50 -3.61
N HIS A 51 6.03 -6.50 -2.81
CA HIS A 51 5.25 -7.62 -3.29
C HIS A 51 4.69 -8.41 -2.11
N ASN A 52 5.41 -8.33 -0.98
CA ASN A 52 5.04 -8.98 0.27
C ASN A 52 5.03 -10.51 0.12
N VAL A 53 6.13 -11.13 0.50
CA VAL A 53 6.23 -12.58 0.49
C VAL A 53 5.61 -13.15 1.75
N GLN A 54 5.85 -12.49 2.87
CA GLN A 54 5.33 -12.92 4.15
C GLN A 54 3.89 -12.43 4.36
N GLY A 55 2.93 -13.29 4.05
CA GLY A 55 1.53 -12.94 4.23
C GLY A 55 1.20 -12.67 5.69
N THR A 56 1.98 -13.27 6.57
CA THR A 56 1.84 -13.12 8.02
C THR A 56 0.61 -13.87 8.53
N THR A 57 0.87 -14.93 9.26
CA THR A 57 -0.19 -15.80 9.76
C THR A 57 0.27 -16.52 11.03
N PRO A 58 -0.25 -16.09 12.20
CA PRO A 58 0.08 -16.70 13.49
C PRO A 58 -0.60 -18.06 13.64
N SER A 59 0.11 -19.11 13.30
CA SER A 59 -0.47 -20.46 13.32
C SER A 59 -0.25 -21.11 14.68
N ALA A 60 0.99 -21.12 15.14
CA ALA A 60 1.34 -21.77 16.40
C ALA A 60 0.95 -20.90 17.59
N ALA A 61 0.77 -19.61 17.34
CA ALA A 61 0.49 -18.66 18.41
C ALA A 61 -0.94 -18.78 18.93
N VAL A 62 -1.72 -19.63 18.29
CA VAL A 62 -3.11 -19.83 18.67
C VAL A 62 -3.20 -20.61 19.97
N SER A 63 -2.43 -21.67 20.07
CA SER A 63 -2.43 -22.54 21.24
C SER A 63 -1.71 -21.86 22.40
N GLU A 64 -0.70 -21.06 22.09
CA GLU A 64 0.06 -20.36 23.12
C GLU A 64 -0.78 -19.24 23.72
N ALA A 65 -1.67 -18.68 22.91
CA ALA A 65 -2.54 -17.58 23.33
C ALA A 65 -3.39 -17.96 24.53
N GLU A 66 -3.69 -19.24 24.68
CA GLU A 66 -4.46 -19.74 25.81
C GLU A 66 -3.77 -19.39 27.12
N GLN A 67 -2.49 -19.69 27.18
CA GLN A 67 -1.70 -19.47 28.38
C GLN A 67 -1.31 -17.99 28.51
N ILE A 68 -1.13 -17.34 27.37
CA ILE A 68 -0.77 -15.93 27.34
C ILE A 68 -1.92 -15.08 27.87
N ARG A 69 -3.15 -15.44 27.50
CA ARG A 69 -4.34 -14.66 27.87
C ARG A 69 -4.46 -14.49 29.39
N GLN A 70 -3.92 -15.43 30.14
CA GLN A 70 -3.93 -15.35 31.59
C GLN A 70 -3.14 -14.14 32.07
N LEU A 71 -1.92 -14.02 31.57
CA LEU A 71 -1.03 -12.94 31.95
C LEU A 71 -1.34 -11.66 31.17
N LYS A 72 -1.74 -11.84 29.92
CA LYS A 72 -1.99 -10.71 29.02
C LYS A 72 -3.26 -9.97 29.42
N LYS A 73 -4.14 -10.66 30.16
CA LYS A 73 -5.37 -10.07 30.71
C LYS A 73 -6.40 -9.77 29.62
N GLU A 74 -7.27 -10.74 29.37
CA GLU A 74 -8.36 -10.54 28.41
C GLU A 74 -9.65 -11.13 28.99
N ASN A 75 -10.60 -10.25 29.29
CA ASN A 75 -11.83 -10.64 29.95
C ASN A 75 -12.79 -9.46 30.01
N ALA A 76 -12.21 -8.27 30.16
CA ALA A 76 -12.98 -7.04 30.28
C ALA A 76 -13.94 -6.83 29.12
N LEU A 77 -13.67 -7.47 27.99
CA LEU A 77 -14.52 -7.36 26.82
C LEU A 77 -15.95 -7.80 27.13
N GLN A 78 -16.07 -9.01 27.68
CA GLN A 78 -17.39 -9.56 28.02
C GLN A 78 -17.88 -9.02 29.35
N ARG A 79 -16.95 -8.72 30.25
CA ARG A 79 -17.29 -8.21 31.59
C ARG A 79 -17.88 -6.81 31.48
N ALA A 80 -17.58 -6.14 30.39
CA ALA A 80 -18.05 -4.78 30.14
C ALA A 80 -19.58 -4.70 30.11
N ARG A 81 -20.22 -5.83 29.88
CA ARG A 81 -21.68 -5.91 29.84
C ARG A 81 -22.28 -5.78 31.23
N THR A 82 -21.45 -5.85 32.25
CA THR A 82 -21.91 -5.76 33.63
C THR A 82 -21.99 -4.30 34.09
N ARG A 83 -21.74 -3.38 33.17
CA ARG A 83 -21.79 -1.96 33.47
C ARG A 83 -23.19 -1.41 33.26
N HIS A 84 -23.51 -0.35 33.99
CA HIS A 84 -24.78 0.33 33.84
C HIS A 84 -24.54 1.73 33.28
N PRO A 85 -25.58 2.36 32.70
CA PRO A 85 -25.45 3.69 32.07
C PRO A 85 -24.91 4.75 33.02
N ALA A 86 -24.64 5.92 32.46
CA ALA A 86 -24.05 7.02 33.20
C ALA A 86 -25.13 8.01 33.65
N GLU A 87 -26.34 7.49 33.75
CA GLU A 87 -27.50 8.28 34.17
C GLU A 87 -27.30 8.83 35.58
N SER A 88 -26.82 7.99 36.48
CA SER A 88 -26.60 8.39 37.86
C SER A 88 -25.38 9.31 37.96
N CYS A 89 -24.48 9.21 36.98
CA CYS A 89 -23.24 9.97 37.00
C CYS A 89 -23.50 11.44 36.65
N LEU A 90 -24.44 11.67 35.73
CA LEU A 90 -24.76 13.03 35.31
C LEU A 90 -25.55 13.76 36.39
N GLU A 91 -26.16 12.98 37.27
CA GLU A 91 -26.91 13.52 38.40
C GLU A 91 -25.97 14.19 39.40
N HIS A 92 -24.74 13.68 39.48
CA HIS A 92 -23.77 14.18 40.45
C HIS A 92 -23.05 15.41 39.92
N HIS A 93 -23.73 16.55 40.01
CA HIS A 93 -23.17 17.84 39.63
C HIS A 93 -23.78 18.92 40.51
N HIS A 94 -23.02 19.98 40.76
CA HIS A 94 -23.47 21.08 41.63
C HIS A 94 -23.65 20.60 43.07
N HIS A 95 -24.27 21.44 43.90
CA HIS A 95 -24.53 21.08 45.29
C HIS A 95 -26.01 21.20 45.60
N HIS A 96 -26.52 20.30 46.41
CA HIS A 96 -27.95 20.28 46.73
C HIS A 96 -28.22 21.06 48.02
N HIS A 97 -29.20 21.92 47.98
CA HIS A 97 -29.64 22.66 49.15
C HIS A 97 -30.90 22.01 49.71
N MET A 1 -24.18 -12.75 12.76
CA MET A 1 -22.89 -13.44 12.96
C MET A 1 -21.90 -12.53 13.67
N PRO A 2 -21.22 -13.03 14.71
CA PRO A 2 -20.22 -12.25 15.43
C PRO A 2 -18.90 -12.18 14.68
N THR A 3 -18.79 -12.99 13.65
CA THR A 3 -17.57 -13.06 12.87
C THR A 3 -17.66 -12.19 11.63
N LYS A 4 -16.64 -11.38 11.43
CA LYS A 4 -16.51 -10.52 10.27
C LYS A 4 -15.04 -10.45 9.91
N THR A 5 -14.59 -11.41 9.12
CA THR A 5 -13.17 -11.59 8.89
C THR A 5 -12.76 -11.18 7.47
N TYR A 6 -11.49 -10.92 7.30
CA TYR A 6 -10.92 -10.60 6.01
C TYR A 6 -9.57 -11.31 5.85
N SER A 7 -9.50 -12.23 4.91
CA SER A 7 -8.27 -12.97 4.68
C SER A 7 -7.20 -12.08 4.05
N GLU A 8 -5.95 -12.44 4.23
CA GLU A 8 -4.84 -11.69 3.65
C GLU A 8 -4.90 -11.68 2.13
N GLU A 9 -5.42 -12.76 1.55
CA GLU A 9 -5.59 -12.85 0.11
C GLU A 9 -6.67 -11.86 -0.33
N PHE A 10 -7.68 -11.66 0.51
CA PHE A 10 -8.73 -10.70 0.26
C PHE A 10 -8.17 -9.28 0.33
N LYS A 11 -7.29 -9.04 1.30
CA LYS A 11 -6.60 -7.76 1.43
C LYS A 11 -5.78 -7.48 0.17
N ARG A 12 -5.14 -8.53 -0.33
CA ARG A 12 -4.33 -8.45 -1.54
C ARG A 12 -5.19 -8.11 -2.75
N ASP A 13 -6.41 -8.64 -2.77
CA ASP A 13 -7.36 -8.35 -3.83
C ASP A 13 -7.86 -6.91 -3.72
N ALA A 14 -7.99 -6.44 -2.48
CA ALA A 14 -8.39 -5.06 -2.23
C ALA A 14 -7.35 -4.09 -2.77
N VAL A 15 -6.09 -4.51 -2.79
CA VAL A 15 -5.03 -3.72 -3.40
C VAL A 15 -5.27 -3.61 -4.90
N ALA A 16 -5.75 -4.70 -5.50
CA ALA A 16 -6.07 -4.73 -6.92
C ALA A 16 -7.26 -3.83 -7.22
N LEU A 17 -8.16 -3.71 -6.25
CA LEU A 17 -9.28 -2.79 -6.35
C LEU A 17 -8.79 -1.35 -6.42
N TYR A 18 -7.72 -1.05 -5.69
CA TYR A 18 -7.15 0.29 -5.70
C TYR A 18 -6.43 0.56 -7.01
N GLU A 19 -6.00 -0.51 -7.69
CA GLU A 19 -5.40 -0.37 -9.02
C GLU A 19 -6.44 0.12 -10.02
N ASN A 20 -7.70 -0.04 -9.65
CA ASN A 20 -8.83 0.36 -10.48
C ASN A 20 -9.51 1.59 -9.88
N SER A 21 -8.76 2.34 -9.08
CA SER A 21 -9.30 3.50 -8.38
C SER A 21 -9.74 4.59 -9.33
N ASP A 22 -9.32 4.49 -10.57
CA ASP A 22 -9.77 5.41 -11.62
C ASP A 22 -11.30 5.39 -11.70
N GLY A 23 -11.88 4.24 -11.41
CA GLY A 23 -13.32 4.11 -11.42
C GLY A 23 -13.91 4.01 -10.03
N ALA A 24 -13.08 3.70 -9.04
CA ALA A 24 -13.56 3.52 -7.67
C ALA A 24 -12.52 3.99 -6.65
N SER A 25 -12.81 5.10 -5.99
CA SER A 25 -11.87 5.71 -5.05
C SER A 25 -11.72 4.84 -3.79
N LEU A 26 -10.73 5.21 -2.96
CA LEU A 26 -10.41 4.46 -1.75
C LEU A 26 -11.62 4.31 -0.83
N GLN A 27 -12.28 5.42 -0.53
CA GLN A 27 -13.44 5.40 0.33
C GLN A 27 -14.54 4.57 -0.30
N GLN A 28 -14.61 4.60 -1.62
CA GLN A 28 -15.66 3.90 -2.36
C GLN A 28 -15.50 2.39 -2.21
N ILE A 29 -14.25 1.92 -2.32
CA ILE A 29 -13.95 0.51 -2.14
C ILE A 29 -14.33 0.05 -0.73
N ALA A 30 -13.85 0.78 0.26
CA ALA A 30 -14.13 0.46 1.65
C ALA A 30 -15.64 0.51 1.94
N ASN A 31 -16.31 1.41 1.25
CA ASN A 31 -17.74 1.63 1.43
C ASN A 31 -18.53 0.41 0.96
N ASP A 32 -18.22 -0.07 -0.24
CA ASP A 32 -18.95 -1.18 -0.84
C ASP A 32 -18.66 -2.48 -0.12
N LEU A 33 -17.40 -2.68 0.26
CA LEU A 33 -16.97 -3.91 0.91
C LEU A 33 -17.34 -3.92 2.39
N GLY A 34 -17.69 -2.75 2.91
CA GLY A 34 -18.05 -2.65 4.31
C GLY A 34 -16.85 -2.83 5.22
N ILE A 35 -15.77 -2.14 4.90
CA ILE A 35 -14.54 -2.20 5.68
C ILE A 35 -14.06 -0.80 6.03
N ASN A 36 -13.06 -0.72 6.89
CA ASN A 36 -12.54 0.57 7.33
C ASN A 36 -11.66 1.20 6.25
N ARG A 37 -11.74 2.52 6.14
CA ARG A 37 -10.95 3.25 5.17
C ARG A 37 -9.47 3.19 5.50
N VAL A 38 -9.17 3.30 6.81
CA VAL A 38 -7.78 3.33 7.25
C VAL A 38 -7.15 1.96 7.15
N THR A 39 -7.90 0.93 7.54
CA THR A 39 -7.43 -0.44 7.46
C THR A 39 -7.15 -0.83 6.01
N LEU A 40 -8.03 -0.43 5.10
CA LEU A 40 -7.85 -0.69 3.69
C LEU A 40 -6.58 0.01 3.17
N LYS A 41 -6.42 1.27 3.56
CA LYS A 41 -5.24 2.06 3.20
C LYS A 41 -3.97 1.37 3.66
N ASN A 42 -4.01 0.88 4.90
CA ASN A 42 -2.87 0.17 5.50
C ASN A 42 -2.52 -1.08 4.70
N TRP A 43 -3.53 -1.81 4.25
CA TRP A 43 -3.31 -3.05 3.49
C TRP A 43 -2.52 -2.78 2.21
N ILE A 44 -2.86 -1.69 1.54
CA ILE A 44 -2.22 -1.33 0.28
C ILE A 44 -0.72 -1.14 0.45
N ILE A 45 -0.34 -0.49 1.55
CA ILE A 45 1.06 -0.21 1.81
C ILE A 45 1.81 -1.45 2.28
N LYS A 46 1.14 -2.25 3.11
CA LYS A 46 1.77 -3.41 3.72
C LYS A 46 1.90 -4.57 2.73
N TYR A 47 0.79 -4.94 2.10
CA TYR A 47 0.78 -6.09 1.20
C TYR A 47 1.26 -5.68 -0.18
N GLY A 48 0.96 -4.45 -0.56
CA GLY A 48 1.53 -3.88 -1.76
C GLY A 48 2.82 -3.19 -1.46
N SER A 49 3.79 -3.97 -0.99
CA SER A 49 5.06 -3.48 -0.48
C SER A 49 5.70 -2.47 -1.42
N ASN A 50 5.61 -2.74 -2.73
CA ASN A 50 6.07 -1.82 -3.78
C ASN A 50 7.60 -1.75 -3.87
N HIS A 51 8.23 -1.56 -2.73
CA HIS A 51 9.68 -1.40 -2.66
C HIS A 51 10.37 -2.74 -2.86
N ASN A 52 11.38 -2.75 -3.71
CA ASN A 52 12.16 -3.93 -3.96
C ASN A 52 13.61 -3.54 -4.09
N VAL A 53 14.38 -3.93 -3.09
CA VAL A 53 15.81 -3.59 -2.97
C VAL A 53 16.62 -3.89 -4.24
N GLN A 54 16.18 -4.86 -5.02
CA GLN A 54 16.91 -5.33 -6.18
C GLN A 54 18.27 -5.89 -5.76
N GLY A 55 18.25 -7.15 -5.34
CA GLY A 55 19.47 -7.79 -4.88
C GLY A 55 19.22 -9.22 -4.49
N THR A 56 19.28 -9.49 -3.18
CA THR A 56 19.11 -10.83 -2.63
C THR A 56 19.91 -11.88 -3.39
N THR A 57 21.12 -12.14 -2.91
CA THR A 57 22.02 -13.04 -3.60
C THR A 57 22.75 -13.95 -2.60
N PRO A 58 22.39 -15.25 -2.59
CA PRO A 58 23.01 -16.23 -1.71
C PRO A 58 24.48 -16.45 -2.04
N SER A 59 24.81 -16.25 -3.30
CA SER A 59 26.17 -16.46 -3.79
C SER A 59 27.14 -15.46 -3.16
N ALA A 60 26.67 -14.23 -2.96
CA ALA A 60 27.48 -13.19 -2.35
C ALA A 60 27.52 -13.36 -0.84
N ALA A 61 26.53 -14.07 -0.31
CA ALA A 61 26.43 -14.27 1.13
C ALA A 61 27.36 -15.38 1.60
N VAL A 62 27.99 -16.05 0.64
CA VAL A 62 28.96 -17.09 0.96
C VAL A 62 30.28 -16.45 1.37
N SER A 63 30.58 -15.31 0.77
CA SER A 63 31.78 -14.55 1.07
C SER A 63 31.71 -14.00 2.48
N GLU A 64 30.50 -13.71 2.93
CA GLU A 64 30.27 -13.15 4.25
C GLU A 64 30.49 -14.20 5.33
N ALA A 65 30.46 -15.46 4.93
CA ALA A 65 30.59 -16.58 5.87
C ALA A 65 31.91 -16.54 6.62
N GLU A 66 32.93 -15.94 6.02
CA GLU A 66 34.23 -15.79 6.66
C GLU A 66 34.08 -14.91 7.92
N GLN A 67 33.28 -13.87 7.78
CA GLN A 67 32.99 -12.96 8.89
C GLN A 67 32.01 -13.60 9.86
N ILE A 68 30.99 -14.26 9.29
CA ILE A 68 29.95 -14.92 10.07
C ILE A 68 30.54 -15.92 11.05
N ARG A 69 31.47 -16.75 10.58
CA ARG A 69 32.05 -17.80 11.41
C ARG A 69 32.84 -17.20 12.58
N GLN A 70 33.40 -16.00 12.39
CA GLN A 70 34.14 -15.34 13.44
C GLN A 70 33.21 -14.90 14.56
N LEU A 71 32.15 -14.21 14.17
CA LEU A 71 31.21 -13.61 15.09
C LEU A 71 30.36 -14.64 15.80
N LYS A 72 29.99 -15.70 15.10
CA LYS A 72 29.07 -16.70 15.65
C LYS A 72 29.80 -17.69 16.57
N LYS A 73 31.06 -17.96 16.28
CA LYS A 73 31.84 -18.88 17.10
C LYS A 73 32.35 -18.19 18.34
N GLU A 74 31.68 -18.45 19.46
CA GLU A 74 31.98 -17.83 20.75
C GLU A 74 31.67 -16.33 20.71
N ASN A 75 30.69 -15.92 21.50
CA ASN A 75 30.24 -14.54 21.50
C ASN A 75 30.15 -14.01 22.92
N ALA A 76 29.82 -12.73 23.06
CA ALA A 76 29.80 -12.06 24.37
C ALA A 76 28.86 -12.74 25.35
N LEU A 77 27.83 -13.39 24.82
CA LEU A 77 26.84 -14.09 25.65
C LEU A 77 27.50 -15.13 26.55
N GLN A 78 28.64 -15.64 26.13
CA GLN A 78 29.37 -16.64 26.91
C GLN A 78 30.16 -15.97 28.05
N ARG A 79 30.93 -14.96 27.70
CA ARG A 79 31.85 -14.34 28.65
C ARG A 79 31.14 -13.32 29.54
N ALA A 80 29.92 -12.96 29.15
CA ALA A 80 29.12 -11.98 29.89
C ALA A 80 28.88 -12.39 31.33
N ARG A 81 29.06 -13.67 31.63
CA ARG A 81 28.79 -14.23 32.96
C ARG A 81 29.53 -13.48 34.07
N THR A 82 30.63 -12.86 33.72
CA THR A 82 31.48 -12.18 34.70
C THR A 82 30.90 -10.83 35.14
N ARG A 83 30.25 -10.14 34.22
CA ARG A 83 29.76 -8.80 34.49
C ARG A 83 28.26 -8.71 34.24
N HIS A 84 27.73 -7.50 34.27
CA HIS A 84 26.30 -7.30 34.07
C HIS A 84 26.02 -6.00 33.32
N PRO A 85 25.59 -6.10 32.06
CA PRO A 85 25.25 -4.92 31.25
C PRO A 85 23.86 -4.37 31.59
N ALA A 86 23.50 -3.27 30.95
CA ALA A 86 22.22 -2.63 31.19
C ALA A 86 21.62 -2.13 29.88
N GLU A 87 21.86 -2.89 28.81
CA GLU A 87 21.45 -2.51 27.46
C GLU A 87 19.96 -2.16 27.39
N SER A 88 19.11 -3.01 27.96
CA SER A 88 17.67 -2.78 27.92
C SER A 88 17.25 -1.78 28.99
N CYS A 89 18.04 -1.69 30.05
CA CYS A 89 17.71 -0.84 31.19
C CYS A 89 17.88 0.63 30.82
N LEU A 90 18.86 0.91 29.98
CA LEU A 90 19.14 2.28 29.59
C LEU A 90 18.04 2.83 28.69
N GLU A 91 17.41 1.95 27.92
CA GLU A 91 16.30 2.36 27.07
C GLU A 91 14.99 2.40 27.84
N HIS A 92 14.77 1.37 28.67
CA HIS A 92 13.46 1.10 29.28
C HIS A 92 12.48 0.69 28.17
N HIS A 93 11.22 0.50 28.49
CA HIS A 93 10.25 0.12 27.48
C HIS A 93 9.40 1.32 27.09
N HIS A 94 9.31 2.27 28.02
CA HIS A 94 8.60 3.54 27.82
C HIS A 94 7.08 3.36 27.83
N HIS A 95 6.41 4.31 28.47
CA HIS A 95 4.97 4.32 28.52
C HIS A 95 4.49 5.77 28.68
N HIS A 96 3.35 6.08 28.09
CA HIS A 96 2.76 7.42 28.22
C HIS A 96 1.25 7.34 28.12
N HIS A 97 0.59 8.39 28.57
CA HIS A 97 -0.82 8.57 28.30
C HIS A 97 -1.00 9.89 27.58
N MET A 1 -16.97 -18.68 21.77
CA MET A 1 -16.15 -19.21 20.66
C MET A 1 -16.30 -18.32 19.43
N PRO A 2 -15.58 -17.19 19.37
CA PRO A 2 -15.68 -16.24 18.28
C PRO A 2 -14.72 -16.58 17.14
N THR A 3 -14.96 -15.98 15.98
CA THR A 3 -14.06 -16.14 14.85
C THR A 3 -13.76 -14.78 14.23
N LYS A 4 -12.59 -14.68 13.64
CA LYS A 4 -12.09 -13.42 13.11
C LYS A 4 -10.83 -13.69 12.30
N THR A 5 -10.96 -13.70 10.98
CA THR A 5 -9.84 -14.01 10.11
C THR A 5 -9.81 -13.06 8.91
N TYR A 6 -8.62 -12.87 8.36
CA TYR A 6 -8.44 -12.07 7.16
C TYR A 6 -7.45 -12.75 6.24
N SER A 7 -7.95 -13.30 5.14
CA SER A 7 -7.11 -13.98 4.19
C SER A 7 -6.37 -12.98 3.30
N GLU A 8 -5.32 -13.43 2.64
CA GLU A 8 -4.55 -12.57 1.77
C GLU A 8 -5.38 -12.15 0.56
N GLU A 9 -6.18 -13.07 0.03
CA GLU A 9 -7.01 -12.80 -1.14
C GLU A 9 -7.94 -11.62 -0.89
N PHE A 10 -8.51 -11.56 0.31
CA PHE A 10 -9.43 -10.48 0.68
C PHE A 10 -8.72 -9.13 0.60
N LYS A 11 -7.51 -9.08 1.14
CA LYS A 11 -6.74 -7.84 1.14
C LYS A 11 -6.15 -7.56 -0.23
N ARG A 12 -5.66 -8.61 -0.90
CA ARG A 12 -5.05 -8.49 -2.23
C ARG A 12 -6.03 -7.89 -3.22
N ASP A 13 -7.28 -8.36 -3.16
CA ASP A 13 -8.32 -7.87 -4.05
C ASP A 13 -8.59 -6.40 -3.81
N ALA A 14 -8.60 -6.02 -2.53
CA ALA A 14 -8.81 -4.62 -2.16
C ALA A 14 -7.70 -3.73 -2.72
N VAL A 15 -6.45 -4.19 -2.61
CA VAL A 15 -5.31 -3.44 -3.12
C VAL A 15 -5.34 -3.41 -4.65
N ALA A 16 -5.69 -4.54 -5.27
CA ALA A 16 -5.76 -4.64 -6.72
C ALA A 16 -6.88 -3.76 -7.26
N LEU A 17 -7.97 -3.66 -6.50
CA LEU A 17 -9.10 -2.84 -6.87
C LEU A 17 -8.71 -1.35 -6.80
N TYR A 18 -7.82 -1.04 -5.86
CA TYR A 18 -7.32 0.32 -5.71
C TYR A 18 -6.48 0.72 -6.93
N GLU A 19 -5.86 -0.27 -7.56
CA GLU A 19 -5.10 -0.02 -8.79
C GLU A 19 -6.04 0.41 -9.91
N ASN A 20 -7.32 0.09 -9.75
CA ASN A 20 -8.34 0.45 -10.73
C ASN A 20 -9.25 1.52 -10.13
N SER A 21 -8.68 2.36 -9.28
CA SER A 21 -9.43 3.38 -8.55
C SER A 21 -10.10 4.41 -9.46
N ASP A 22 -9.70 4.43 -10.72
CA ASP A 22 -10.35 5.27 -11.71
C ASP A 22 -11.83 4.97 -11.81
N GLY A 23 -12.18 3.71 -11.55
CA GLY A 23 -13.57 3.30 -11.59
C GLY A 23 -14.21 3.30 -10.21
N ALA A 24 -13.38 3.39 -9.18
CA ALA A 24 -13.86 3.36 -7.80
C ALA A 24 -12.83 3.99 -6.87
N SER A 25 -13.19 5.12 -6.29
CA SER A 25 -12.29 5.86 -5.41
C SER A 25 -11.94 5.06 -4.15
N LEU A 26 -10.91 5.52 -3.44
CA LEU A 26 -10.42 4.86 -2.23
C LEU A 26 -11.53 4.55 -1.24
N GLN A 27 -12.36 5.55 -0.95
CA GLN A 27 -13.45 5.37 0.00
C GLN A 27 -14.47 4.36 -0.51
N GLN A 28 -14.65 4.34 -1.84
CA GLN A 28 -15.58 3.42 -2.47
C GLN A 28 -15.08 1.98 -2.32
N ILE A 29 -13.76 1.81 -2.42
CA ILE A 29 -13.13 0.50 -2.24
C ILE A 29 -13.43 -0.01 -0.83
N ALA A 30 -13.10 0.80 0.17
CA ALA A 30 -13.32 0.44 1.57
C ALA A 30 -14.82 0.26 1.84
N ASN A 31 -15.63 0.98 1.09
CA ASN A 31 -17.08 0.93 1.26
C ASN A 31 -17.62 -0.43 0.84
N ASP A 32 -17.16 -0.91 -0.31
CA ASP A 32 -17.60 -2.21 -0.82
C ASP A 32 -17.05 -3.34 0.03
N LEU A 33 -15.80 -3.20 0.45
CA LEU A 33 -15.17 -4.20 1.30
C LEU A 33 -15.78 -4.18 2.71
N GLY A 34 -16.46 -3.09 3.03
CA GLY A 34 -17.12 -2.96 4.31
C GLY A 34 -16.14 -2.77 5.44
N ILE A 35 -15.12 -1.95 5.21
CA ILE A 35 -14.07 -1.72 6.18
C ILE A 35 -13.77 -0.23 6.29
N ASN A 36 -13.15 0.16 7.41
CA ASN A 36 -12.69 1.52 7.61
C ASN A 36 -11.64 1.88 6.56
N ARG A 37 -11.66 3.14 6.14
CA ARG A 37 -10.70 3.63 5.16
C ARG A 37 -9.28 3.43 5.67
N VAL A 38 -9.09 3.63 6.96
CA VAL A 38 -7.80 3.45 7.60
C VAL A 38 -7.35 1.99 7.51
N THR A 39 -8.28 1.09 7.75
CA THR A 39 -8.00 -0.34 7.70
C THR A 39 -7.61 -0.76 6.29
N LEU A 40 -8.34 -0.25 5.30
CA LEU A 40 -8.04 -0.53 3.90
C LEU A 40 -6.63 -0.07 3.55
N LYS A 41 -6.31 1.16 3.93
CA LYS A 41 -5.00 1.75 3.64
C LYS A 41 -3.89 0.92 4.27
N ASN A 42 -4.12 0.49 5.51
CA ASN A 42 -3.16 -0.35 6.23
C ASN A 42 -2.79 -1.60 5.43
N TRP A 43 -3.76 -2.16 4.72
CA TRP A 43 -3.51 -3.33 3.90
C TRP A 43 -2.78 -2.93 2.62
N ILE A 44 -3.22 -1.85 2.01
CA ILE A 44 -2.61 -1.35 0.78
C ILE A 44 -1.13 -1.02 1.00
N ILE A 45 -0.84 -0.37 2.12
CA ILE A 45 0.53 -0.02 2.47
C ILE A 45 1.40 -1.27 2.63
N LYS A 46 0.93 -2.23 3.44
CA LYS A 46 1.71 -3.42 3.73
C LYS A 46 1.87 -4.31 2.49
N TYR A 47 0.75 -4.67 1.86
CA TYR A 47 0.78 -5.64 0.78
C TYR A 47 1.27 -5.02 -0.52
N GLY A 48 1.04 -3.73 -0.69
CA GLY A 48 1.56 -3.04 -1.86
C GLY A 48 3.07 -2.88 -1.82
N SER A 49 3.60 -2.56 -0.64
CA SER A 49 5.03 -2.37 -0.47
C SER A 49 5.74 -3.69 -0.16
N ASN A 50 4.98 -4.64 0.38
CA ASN A 50 5.51 -5.93 0.85
C ASN A 50 6.39 -5.71 2.09
N HIS A 51 7.65 -5.34 1.86
CA HIS A 51 8.55 -5.02 2.96
C HIS A 51 9.45 -3.86 2.56
N ASN A 52 9.19 -3.33 1.37
CA ASN A 52 10.07 -2.33 0.77
C ASN A 52 9.61 -0.93 1.17
N VAL A 53 9.86 -0.55 2.40
CA VAL A 53 9.64 0.82 2.85
C VAL A 53 10.85 1.70 2.50
N GLN A 54 12.03 1.25 2.92
CA GLN A 54 13.28 1.95 2.61
C GLN A 54 14.27 0.99 1.98
N GLY A 55 13.75 -0.09 1.39
CA GLY A 55 14.59 -1.11 0.81
C GLY A 55 15.15 -0.72 -0.53
N THR A 56 16.28 -0.06 -0.52
CA THR A 56 16.91 0.44 -1.71
C THR A 56 18.42 0.33 -1.56
N THR A 57 18.96 -0.65 -2.24
CA THR A 57 20.38 -0.93 -2.19
C THR A 57 21.19 0.07 -3.02
N PRO A 58 22.47 0.24 -2.68
CA PRO A 58 23.36 1.19 -3.38
C PRO A 58 23.72 0.76 -4.80
N SER A 59 23.07 -0.30 -5.28
CA SER A 59 23.30 -0.78 -6.65
C SER A 59 22.79 0.25 -7.66
N ALA A 60 21.90 1.11 -7.21
CA ALA A 60 21.37 2.18 -8.04
C ALA A 60 22.36 3.34 -8.14
N ALA A 61 23.28 3.39 -7.18
CA ALA A 61 24.24 4.49 -7.09
C ALA A 61 25.46 4.26 -7.97
N VAL A 62 25.47 3.15 -8.70
CA VAL A 62 26.58 2.83 -9.60
C VAL A 62 26.65 3.86 -10.74
N SER A 63 25.48 4.24 -11.23
CA SER A 63 25.38 5.26 -12.27
C SER A 63 25.77 6.63 -11.71
N GLU A 64 25.54 6.80 -10.41
CA GLU A 64 25.87 8.04 -9.74
C GLU A 64 27.39 8.15 -9.58
N ALA A 65 28.03 7.02 -9.33
CA ALA A 65 29.46 6.98 -9.09
C ALA A 65 30.24 7.51 -10.28
N GLU A 66 29.74 7.23 -11.49
CA GLU A 66 30.41 7.67 -12.71
C GLU A 66 30.53 9.19 -12.76
N GLN A 67 29.44 9.88 -12.47
CA GLN A 67 29.42 11.33 -12.53
C GLN A 67 30.06 11.94 -11.28
N ILE A 68 29.88 11.30 -10.14
CA ILE A 68 30.44 11.78 -8.88
C ILE A 68 31.97 11.72 -8.92
N ARG A 69 32.51 10.65 -9.50
CA ARG A 69 33.94 10.48 -9.63
C ARG A 69 34.59 11.69 -10.31
N GLN A 70 33.91 12.20 -11.33
CA GLN A 70 34.37 13.38 -12.04
C GLN A 70 34.11 14.63 -11.22
N LEU A 71 32.88 14.74 -10.75
CA LEU A 71 32.39 15.91 -10.01
C LEU A 71 33.35 16.32 -8.88
N LYS A 72 33.78 15.37 -8.06
CA LYS A 72 34.63 15.69 -6.92
C LYS A 72 36.10 15.86 -7.31
N LYS A 73 36.39 15.77 -8.60
CA LYS A 73 37.76 15.85 -9.08
C LYS A 73 37.93 17.04 -10.03
N GLU A 74 36.85 17.40 -10.69
CA GLU A 74 36.88 18.43 -11.72
C GLU A 74 37.00 19.83 -11.10
N ASN A 75 37.52 20.77 -11.87
CA ASN A 75 37.74 22.13 -11.40
C ASN A 75 37.28 23.14 -12.45
N ALA A 76 37.12 24.39 -12.02
CA ALA A 76 36.62 25.46 -12.88
C ALA A 76 37.63 25.85 -13.97
N LEU A 77 38.91 25.64 -13.69
CA LEU A 77 39.97 26.04 -14.60
C LEU A 77 39.88 25.29 -15.93
N GLN A 78 39.51 24.01 -15.87
CA GLN A 78 39.35 23.22 -17.08
C GLN A 78 37.99 23.47 -17.71
N ARG A 79 37.00 23.81 -16.89
CA ARG A 79 35.64 24.05 -17.38
C ARG A 79 35.51 25.37 -18.13
N ALA A 80 36.53 26.22 -17.99
CA ALA A 80 36.55 27.52 -18.67
C ALA A 80 36.48 27.35 -20.19
N ARG A 81 36.83 26.15 -20.67
CA ARG A 81 36.79 25.84 -22.09
C ARG A 81 35.40 25.37 -22.52
N THR A 82 34.65 24.83 -21.58
CA THR A 82 33.29 24.34 -21.85
C THR A 82 32.34 25.52 -22.07
N ARG A 83 31.85 26.06 -20.98
CA ARG A 83 30.99 27.22 -21.05
C ARG A 83 31.79 28.46 -20.68
N HIS A 84 31.96 29.32 -21.65
CA HIS A 84 32.83 30.47 -21.50
C HIS A 84 32.03 31.76 -21.63
N PRO A 85 31.58 32.32 -20.51
CA PRO A 85 30.83 33.57 -20.50
C PRO A 85 31.73 34.79 -20.31
N ALA A 86 31.13 35.93 -20.12
CA ALA A 86 31.86 37.16 -19.85
C ALA A 86 31.61 37.62 -18.43
N GLU A 87 32.68 37.86 -17.70
CA GLU A 87 32.60 38.19 -16.28
C GLU A 87 31.91 39.54 -16.05
N SER A 88 32.49 40.59 -16.63
CA SER A 88 32.01 41.94 -16.35
C SER A 88 30.71 42.24 -17.08
N CYS A 89 30.44 41.51 -18.17
CA CYS A 89 29.19 41.67 -18.91
C CYS A 89 28.00 41.23 -18.05
N LEU A 90 28.27 40.37 -17.08
CA LEU A 90 27.26 39.98 -16.11
C LEU A 90 26.85 41.19 -15.27
N GLU A 91 27.83 42.03 -14.97
CA GLU A 91 27.60 43.24 -14.20
C GLU A 91 27.06 44.34 -15.11
N HIS A 92 27.79 44.58 -16.19
CA HIS A 92 27.48 45.66 -17.11
C HIS A 92 26.78 45.11 -18.34
N HIS A 93 25.55 44.64 -18.15
CA HIS A 93 24.76 44.15 -19.27
C HIS A 93 24.46 45.31 -20.22
N HIS A 94 24.90 45.16 -21.46
CA HIS A 94 24.91 46.25 -22.42
C HIS A 94 23.51 46.54 -22.94
N HIS A 95 23.31 47.76 -23.42
CA HIS A 95 22.08 48.09 -24.12
C HIS A 95 22.42 48.45 -25.57
N HIS A 96 21.79 47.76 -26.49
CA HIS A 96 22.05 47.99 -27.91
C HIS A 96 20.89 48.72 -28.53
N HIS A 97 21.14 49.93 -29.01
CA HIS A 97 20.09 50.71 -29.65
C HIS A 97 20.08 50.42 -31.14
N MET A 1 -20.09 -14.03 16.00
CA MET A 1 -19.32 -15.21 16.44
C MET A 1 -17.99 -14.78 17.03
N PRO A 2 -17.40 -15.59 17.94
CA PRO A 2 -16.07 -15.32 18.48
C PRO A 2 -14.98 -15.48 17.42
N THR A 3 -15.31 -16.27 16.41
CA THR A 3 -14.42 -16.51 15.30
C THR A 3 -14.86 -15.73 14.08
N LYS A 4 -14.05 -14.76 13.67
CA LYS A 4 -14.35 -13.95 12.50
C LYS A 4 -13.09 -13.87 11.65
N THR A 5 -12.91 -14.87 10.80
CA THR A 5 -11.69 -15.00 10.02
C THR A 5 -11.70 -14.10 8.79
N TYR A 6 -10.50 -13.77 8.33
CA TYR A 6 -10.32 -13.00 7.12
C TYR A 6 -9.32 -13.72 6.23
N SER A 7 -9.23 -13.32 4.98
CA SER A 7 -8.28 -13.93 4.06
C SER A 7 -7.27 -12.91 3.54
N GLU A 8 -6.03 -13.35 3.41
CA GLU A 8 -4.97 -12.52 2.85
C GLU A 8 -5.29 -12.17 1.40
N GLU A 9 -5.92 -13.11 0.70
CA GLU A 9 -6.33 -12.90 -0.68
C GLU A 9 -7.34 -11.76 -0.77
N PHE A 10 -8.16 -11.62 0.26
CA PHE A 10 -9.14 -10.54 0.35
C PHE A 10 -8.41 -9.19 0.44
N LYS A 11 -7.37 -9.16 1.26
CA LYS A 11 -6.56 -7.96 1.43
C LYS A 11 -5.75 -7.68 0.16
N ARG A 12 -5.39 -8.76 -0.55
CA ARG A 12 -4.73 -8.66 -1.84
C ARG A 12 -5.70 -8.09 -2.89
N ASP A 13 -6.96 -8.50 -2.82
CA ASP A 13 -7.99 -8.05 -3.75
C ASP A 13 -8.23 -6.55 -3.58
N ALA A 14 -8.16 -6.09 -2.34
CA ALA A 14 -8.30 -4.68 -2.01
C ALA A 14 -7.20 -3.86 -2.69
N VAL A 15 -6.02 -4.44 -2.79
CA VAL A 15 -4.90 -3.77 -3.47
C VAL A 15 -5.17 -3.69 -4.97
N ALA A 16 -5.71 -4.76 -5.53
CA ALA A 16 -6.07 -4.80 -6.93
C ALA A 16 -7.16 -3.77 -7.22
N LEU A 17 -8.08 -3.61 -6.28
CA LEU A 17 -9.09 -2.57 -6.34
C LEU A 17 -8.45 -1.18 -6.32
N TYR A 18 -7.35 -1.05 -5.57
CA TYR A 18 -6.63 0.21 -5.48
C TYR A 18 -5.88 0.52 -6.76
N GLU A 19 -5.49 -0.53 -7.50
CA GLU A 19 -4.89 -0.33 -8.80
C GLU A 19 -5.88 0.37 -9.72
N ASN A 20 -7.14 0.01 -9.55
CA ASN A 20 -8.21 0.51 -10.39
C ASN A 20 -8.99 1.60 -9.66
N SER A 21 -8.31 2.26 -8.72
CA SER A 21 -8.95 3.28 -7.88
C SER A 21 -9.38 4.50 -8.67
N ASP A 22 -8.80 4.67 -9.86
CA ASP A 22 -9.18 5.78 -10.73
C ASP A 22 -10.64 5.64 -11.16
N GLY A 23 -11.15 4.41 -11.10
CA GLY A 23 -12.55 4.18 -11.37
C GLY A 23 -13.30 3.75 -10.13
N ALA A 24 -12.57 3.59 -9.03
CA ALA A 24 -13.16 3.13 -7.78
C ALA A 24 -12.50 3.83 -6.60
N SER A 25 -13.16 4.87 -6.10
CA SER A 25 -12.60 5.68 -5.02
C SER A 25 -12.45 4.85 -3.75
N LEU A 26 -11.52 5.25 -2.89
CA LEU A 26 -11.25 4.55 -1.64
C LEU A 26 -12.50 4.43 -0.79
N GLN A 27 -13.34 5.46 -0.81
CA GLN A 27 -14.59 5.44 -0.06
C GLN A 27 -15.51 4.37 -0.62
N GLN A 28 -15.53 4.25 -1.94
CA GLN A 28 -16.38 3.28 -2.62
C GLN A 28 -15.91 1.87 -2.32
N ILE A 29 -14.60 1.67 -2.34
CA ILE A 29 -14.00 0.38 -2.03
C ILE A 29 -14.30 -0.01 -0.58
N ALA A 30 -13.98 0.88 0.35
CA ALA A 30 -14.20 0.63 1.77
C ALA A 30 -15.67 0.41 2.07
N ASN A 31 -16.53 1.17 1.39
CA ASN A 31 -17.97 1.09 1.61
C ASN A 31 -18.51 -0.26 1.14
N ASP A 32 -18.02 -0.73 -0.01
CA ASP A 32 -18.48 -1.99 -0.60
C ASP A 32 -18.00 -3.17 0.23
N LEU A 33 -16.74 -3.12 0.64
CA LEU A 33 -16.14 -4.20 1.42
C LEU A 33 -16.63 -4.16 2.87
N GLY A 34 -17.11 -3.00 3.30
CA GLY A 34 -17.62 -2.86 4.65
C GLY A 34 -16.51 -2.69 5.66
N ILE A 35 -15.50 -1.91 5.28
CA ILE A 35 -14.34 -1.70 6.13
C ILE A 35 -13.99 -0.21 6.20
N ASN A 36 -13.00 0.12 7.01
CA ASN A 36 -12.54 1.49 7.12
C ASN A 36 -11.54 1.78 6.01
N ARG A 37 -11.58 3.01 5.50
CA ARG A 37 -10.70 3.41 4.42
C ARG A 37 -9.25 3.47 4.88
N VAL A 38 -9.05 3.82 6.14
CA VAL A 38 -7.72 3.86 6.71
C VAL A 38 -7.17 2.44 6.84
N THR A 39 -8.00 1.53 7.35
CA THR A 39 -7.60 0.13 7.46
C THR A 39 -7.33 -0.45 6.07
N LEU A 40 -8.19 -0.09 5.12
CA LEU A 40 -8.03 -0.48 3.73
C LEU A 40 -6.68 -0.03 3.18
N LYS A 41 -6.39 1.27 3.36
CA LYS A 41 -5.17 1.87 2.84
C LYS A 41 -3.93 1.23 3.48
N ASN A 42 -4.04 0.94 4.77
CA ASN A 42 -2.94 0.31 5.50
C ASN A 42 -2.64 -1.10 4.98
N TRP A 43 -3.68 -1.81 4.55
CA TRP A 43 -3.49 -3.12 3.92
C TRP A 43 -2.66 -2.97 2.64
N ILE A 44 -3.02 -1.96 1.86
CA ILE A 44 -2.37 -1.69 0.59
C ILE A 44 -0.89 -1.40 0.78
N ILE A 45 -0.54 -0.78 1.91
CA ILE A 45 0.84 -0.43 2.22
C ILE A 45 1.75 -1.67 2.27
N LYS A 46 1.22 -2.77 2.80
CA LYS A 46 2.02 -3.96 3.01
C LYS A 46 2.06 -4.84 1.76
N TYR A 47 0.91 -4.97 1.09
CA TYR A 47 0.81 -5.86 -0.06
C TYR A 47 1.19 -5.16 -1.36
N GLY A 48 0.94 -3.86 -1.43
CA GLY A 48 1.28 -3.10 -2.62
C GLY A 48 2.61 -2.42 -2.50
N SER A 49 3.68 -3.16 -2.75
CA SER A 49 5.04 -2.66 -2.57
C SER A 49 5.47 -1.73 -3.70
N ASN A 50 4.86 -1.86 -4.86
CA ASN A 50 5.28 -1.07 -6.03
C ASN A 50 4.79 0.37 -5.91
N HIS A 51 5.77 1.26 -5.81
CA HIS A 51 5.53 2.70 -5.66
C HIS A 51 4.71 3.01 -4.41
N ASN A 52 5.40 3.49 -3.39
CA ASN A 52 4.78 3.80 -2.11
C ASN A 52 3.98 5.10 -2.19
N VAL A 53 2.79 4.98 -2.76
CA VAL A 53 1.85 6.11 -2.81
C VAL A 53 1.53 6.57 -1.39
N GLN A 54 1.37 5.60 -0.50
CA GLN A 54 1.17 5.89 0.92
C GLN A 54 2.51 6.27 1.55
N GLY A 55 2.89 7.53 1.39
CA GLY A 55 4.15 7.99 1.90
C GLY A 55 4.00 9.14 2.87
N THR A 56 4.02 10.35 2.32
CA THR A 56 3.97 11.60 3.08
C THR A 56 4.99 11.60 4.22
N THR A 57 6.16 12.17 3.94
CA THR A 57 7.27 12.13 4.88
C THR A 57 7.18 13.26 5.91
N PRO A 58 6.94 12.91 7.19
CA PRO A 58 7.01 13.85 8.30
C PRO A 58 8.36 13.77 9.01
N SER A 59 8.48 14.48 10.13
CA SER A 59 9.70 14.47 10.91
C SER A 59 9.94 13.08 11.53
N ALA A 60 8.87 12.34 11.73
CA ALA A 60 8.94 11.02 12.35
C ALA A 60 9.58 10.00 11.40
N ALA A 61 9.59 10.30 10.11
CA ALA A 61 10.09 9.36 9.12
C ALA A 61 11.61 9.33 9.08
N VAL A 62 12.24 10.21 9.85
CA VAL A 62 13.69 10.25 9.92
C VAL A 62 14.21 9.01 10.66
N SER A 63 13.51 8.62 11.71
CA SER A 63 13.88 7.45 12.48
C SER A 63 13.46 6.17 11.77
N GLU A 64 12.33 6.25 11.08
CA GLU A 64 11.76 5.11 10.37
C GLU A 64 12.61 4.74 9.16
N ALA A 65 13.34 5.73 8.65
CA ALA A 65 14.16 5.59 7.46
C ALA A 65 15.21 4.49 7.59
N GLU A 66 15.59 4.16 8.82
CA GLU A 66 16.65 3.17 9.05
C GLU A 66 16.31 1.82 8.41
N GLN A 67 15.07 1.36 8.63
CA GLN A 67 14.64 0.08 8.08
C GLN A 67 14.28 0.22 6.61
N ILE A 68 13.79 1.41 6.25
CA ILE A 68 13.50 1.73 4.86
C ILE A 68 14.79 1.66 4.04
N ARG A 69 15.85 2.20 4.61
CA ARG A 69 17.18 2.20 4.02
C ARG A 69 17.65 0.79 3.68
N GLN A 70 17.24 -0.19 4.49
CA GLN A 70 17.67 -1.57 4.30
C GLN A 70 16.87 -2.24 3.19
N LEU A 71 15.56 -2.05 3.22
CA LEU A 71 14.67 -2.75 2.29
C LEU A 71 14.61 -2.09 0.92
N LYS A 72 14.76 -0.77 0.87
CA LYS A 72 14.52 -0.01 -0.35
C LYS A 72 15.72 -0.06 -1.32
N LYS A 73 16.74 -0.83 -0.99
CA LYS A 73 17.91 -0.95 -1.85
C LYS A 73 17.73 -2.10 -2.84
N GLU A 74 18.78 -2.34 -3.65
CA GLU A 74 18.80 -3.41 -4.65
C GLU A 74 17.74 -3.17 -5.73
N ASN A 75 17.54 -4.12 -6.61
CA ASN A 75 16.61 -3.94 -7.71
C ASN A 75 15.53 -5.01 -7.75
N ALA A 76 14.31 -4.54 -7.86
CA ALA A 76 13.14 -5.41 -7.89
C ALA A 76 12.86 -5.92 -9.30
N LEU A 77 13.52 -5.29 -10.28
CA LEU A 77 13.28 -5.58 -11.70
C LEU A 77 13.38 -7.06 -12.02
N GLN A 78 14.38 -7.73 -11.44
CA GLN A 78 14.61 -9.15 -11.70
C GLN A 78 13.40 -9.98 -11.29
N ARG A 79 12.75 -9.58 -10.21
CA ARG A 79 11.62 -10.31 -9.66
C ARG A 79 10.31 -9.87 -10.29
N ALA A 80 10.32 -8.63 -10.77
CA ALA A 80 9.16 -8.05 -11.42
C ALA A 80 8.84 -8.75 -12.73
N ARG A 81 9.85 -9.44 -13.28
CA ARG A 81 9.72 -10.17 -14.53
C ARG A 81 8.73 -11.31 -14.43
N THR A 82 8.45 -11.73 -13.21
CA THR A 82 7.44 -12.75 -12.96
C THR A 82 6.04 -12.20 -13.22
N ARG A 83 5.94 -10.88 -13.28
CA ARG A 83 4.73 -10.20 -13.65
C ARG A 83 4.94 -9.51 -15.00
N HIS A 84 4.00 -8.67 -15.41
CA HIS A 84 4.20 -7.87 -16.61
C HIS A 84 3.45 -6.56 -16.50
N PRO A 85 4.07 -5.45 -16.93
CA PRO A 85 3.44 -4.13 -16.94
C PRO A 85 2.65 -3.91 -18.23
N ALA A 86 2.45 -2.63 -18.57
CA ALA A 86 1.71 -2.23 -19.77
C ALA A 86 0.26 -2.69 -19.71
N GLU A 87 -0.60 -1.79 -19.25
CA GLU A 87 -2.03 -2.06 -19.14
C GLU A 87 -2.63 -2.48 -20.49
N SER A 88 -1.96 -2.09 -21.56
CA SER A 88 -2.39 -2.39 -22.92
C SER A 88 -2.67 -3.88 -23.12
N CYS A 89 -2.06 -4.72 -22.30
CA CYS A 89 -2.21 -6.16 -22.39
C CYS A 89 -3.64 -6.61 -22.13
N LEU A 90 -4.42 -5.80 -21.42
CA LEU A 90 -5.79 -6.17 -21.08
C LEU A 90 -6.66 -6.31 -22.33
N GLU A 91 -6.19 -5.71 -23.43
CA GLU A 91 -6.84 -5.88 -24.72
C GLU A 91 -6.87 -7.36 -25.10
N HIS A 92 -5.78 -8.04 -24.79
CA HIS A 92 -5.68 -9.46 -25.02
C HIS A 92 -5.67 -10.18 -23.67
N HIS A 93 -6.77 -10.01 -22.94
CA HIS A 93 -6.92 -10.63 -21.62
C HIS A 93 -6.83 -12.14 -21.71
N HIS A 94 -6.43 -12.77 -20.60
CA HIS A 94 -6.01 -14.17 -20.55
C HIS A 94 -4.57 -14.29 -21.05
N HIS A 95 -4.04 -15.50 -21.11
CA HIS A 95 -2.64 -15.67 -21.52
C HIS A 95 -2.44 -16.98 -22.25
N HIS A 96 -1.34 -17.05 -23.01
CA HIS A 96 -0.95 -18.28 -23.70
C HIS A 96 -0.79 -19.42 -22.71
N HIS A 97 -1.33 -20.59 -23.11
CA HIS A 97 -1.31 -21.79 -22.26
C HIS A 97 -2.03 -21.53 -20.94
N MET A 1 -11.54 -10.36 17.46
CA MET A 1 -12.90 -10.93 17.64
C MET A 1 -12.96 -12.34 17.06
N PRO A 2 -13.50 -13.31 17.82
CA PRO A 2 -13.58 -14.70 17.39
C PRO A 2 -14.49 -14.91 16.18
N THR A 3 -15.50 -14.06 16.07
CA THR A 3 -16.39 -14.10 14.93
C THR A 3 -16.06 -12.94 14.00
N LYS A 4 -16.70 -12.93 12.83
CA LYS A 4 -16.39 -11.98 11.77
C LYS A 4 -14.90 -12.11 11.40
N THR A 5 -14.60 -13.14 10.64
CA THR A 5 -13.24 -13.46 10.27
C THR A 5 -12.80 -12.73 9.01
N TYR A 6 -11.53 -12.87 8.66
CA TYR A 6 -10.99 -12.26 7.46
C TYR A 6 -10.10 -13.26 6.71
N SER A 7 -9.56 -12.84 5.58
CA SER A 7 -8.66 -13.68 4.80
C SER A 7 -7.61 -12.82 4.12
N GLU A 8 -6.44 -13.40 3.85
CA GLU A 8 -5.35 -12.67 3.22
C GLU A 8 -5.70 -12.32 1.77
N GLU A 9 -6.45 -13.20 1.11
CA GLU A 9 -6.87 -12.99 -0.26
C GLU A 9 -7.80 -11.77 -0.35
N PHE A 10 -8.55 -11.53 0.71
CA PHE A 10 -9.43 -10.37 0.78
C PHE A 10 -8.60 -9.09 0.77
N LYS A 11 -7.49 -9.12 1.51
CA LYS A 11 -6.56 -8.01 1.55
C LYS A 11 -5.90 -7.83 0.19
N ARG A 12 -5.52 -8.96 -0.41
CA ARG A 12 -4.85 -8.98 -1.69
C ARG A 12 -5.74 -8.37 -2.77
N ASP A 13 -7.02 -8.70 -2.74
CA ASP A 13 -7.96 -8.21 -3.75
C ASP A 13 -8.25 -6.73 -3.53
N ALA A 14 -8.27 -6.32 -2.26
CA ALA A 14 -8.51 -4.93 -1.89
C ALA A 14 -7.46 -4.00 -2.51
N VAL A 15 -6.19 -4.41 -2.40
CA VAL A 15 -5.09 -3.61 -2.95
C VAL A 15 -5.20 -3.52 -4.47
N ALA A 16 -5.55 -4.64 -5.10
CA ALA A 16 -5.70 -4.68 -6.56
C ALA A 16 -6.87 -3.82 -6.99
N LEU A 17 -7.93 -3.82 -6.18
CA LEU A 17 -9.12 -3.03 -6.47
C LEU A 17 -8.79 -1.53 -6.42
N TYR A 18 -7.88 -1.17 -5.53
CA TYR A 18 -7.45 0.22 -5.38
C TYR A 18 -6.73 0.72 -6.62
N GLU A 19 -6.13 -0.20 -7.36
CA GLU A 19 -5.48 0.13 -8.63
C GLU A 19 -6.51 0.52 -9.69
N ASN A 20 -7.77 0.16 -9.43
CA ASN A 20 -8.87 0.49 -10.32
C ASN A 20 -9.63 1.71 -9.81
N SER A 21 -8.90 2.59 -9.11
CA SER A 21 -9.51 3.73 -8.42
C SER A 21 -10.00 4.81 -9.37
N ASP A 22 -9.42 4.88 -10.56
CA ASP A 22 -9.86 5.86 -11.56
C ASP A 22 -11.30 5.59 -11.99
N GLY A 23 -11.80 4.41 -11.65
CA GLY A 23 -13.18 4.07 -11.88
C GLY A 23 -13.95 3.85 -10.60
N ALA A 24 -13.28 4.05 -9.46
CA ALA A 24 -13.92 3.86 -8.16
C ALA A 24 -13.14 4.59 -7.07
N SER A 25 -13.80 5.53 -6.42
CA SER A 25 -13.15 6.37 -5.43
C SER A 25 -12.63 5.55 -4.25
N LEU A 26 -11.60 6.06 -3.59
CA LEU A 26 -10.95 5.37 -2.48
C LEU A 26 -11.97 4.96 -1.42
N GLN A 27 -12.86 5.88 -1.08
CA GLN A 27 -13.91 5.61 -0.10
C GLN A 27 -14.76 4.42 -0.56
N GLN A 28 -15.11 4.41 -1.83
CA GLN A 28 -15.98 3.38 -2.39
C GLN A 28 -15.34 1.99 -2.32
N ILE A 29 -14.03 1.94 -2.47
CA ILE A 29 -13.32 0.67 -2.39
C ILE A 29 -13.55 0.01 -1.04
N ALA A 30 -13.25 0.74 0.02
CA ALA A 30 -13.43 0.24 1.39
C ALA A 30 -14.91 0.13 1.75
N ASN A 31 -15.71 1.04 1.18
CA ASN A 31 -17.14 1.09 1.47
C ASN A 31 -17.86 -0.13 0.91
N ASP A 32 -17.48 -0.52 -0.30
CA ASP A 32 -18.08 -1.69 -0.96
C ASP A 32 -17.76 -2.96 -0.21
N LEU A 33 -16.49 -3.11 0.18
CA LEU A 33 -16.04 -4.31 0.85
C LEU A 33 -16.59 -4.38 2.28
N GLY A 34 -16.64 -3.24 2.94
CA GLY A 34 -17.11 -3.19 4.30
C GLY A 34 -15.98 -3.13 5.30
N ILE A 35 -14.93 -2.41 4.94
CA ILE A 35 -13.77 -2.26 5.81
C ILE A 35 -13.48 -0.79 6.06
N ASN A 36 -12.77 -0.52 7.16
CA ASN A 36 -12.39 0.84 7.49
C ASN A 36 -11.48 1.41 6.42
N ARG A 37 -11.62 2.70 6.16
CA ARG A 37 -10.87 3.35 5.09
C ARG A 37 -9.37 3.29 5.39
N VAL A 38 -9.03 3.37 6.67
CA VAL A 38 -7.63 3.31 7.10
C VAL A 38 -7.12 1.88 7.01
N THR A 39 -7.97 0.92 7.35
CA THR A 39 -7.61 -0.49 7.27
C THR A 39 -7.26 -0.88 5.83
N LEU A 40 -8.01 -0.31 4.88
CA LEU A 40 -7.73 -0.50 3.46
C LEU A 40 -6.34 0.01 3.13
N LYS A 41 -6.09 1.27 3.47
CA LYS A 41 -4.80 1.92 3.22
C LYS A 41 -3.67 1.11 3.84
N ASN A 42 -3.92 0.64 5.06
CA ASN A 42 -2.98 -0.17 5.82
C ASN A 42 -2.52 -1.37 5.01
N TRP A 43 -3.50 -2.16 4.57
CA TRP A 43 -3.24 -3.33 3.76
C TRP A 43 -2.50 -2.96 2.47
N ILE A 44 -2.91 -1.85 1.85
CA ILE A 44 -2.28 -1.41 0.60
C ILE A 44 -0.78 -1.16 0.79
N ILE A 45 -0.42 -0.47 1.86
CA ILE A 45 0.97 -0.16 2.14
C ILE A 45 1.76 -1.42 2.50
N LYS A 46 1.18 -2.23 3.39
CA LYS A 46 1.87 -3.42 3.89
C LYS A 46 1.96 -4.51 2.82
N TYR A 47 0.83 -4.86 2.24
CA TYR A 47 0.78 -5.99 1.31
C TYR A 47 1.27 -5.59 -0.07
N GLY A 48 1.14 -4.31 -0.40
CA GLY A 48 1.71 -3.79 -1.64
C GLY A 48 3.22 -3.74 -1.60
N SER A 49 3.78 -3.94 -0.41
CA SER A 49 5.22 -3.99 -0.23
C SER A 49 5.76 -5.35 -0.67
N ASN A 50 4.91 -6.37 -0.64
CA ASN A 50 5.34 -7.71 -1.02
C ASN A 50 5.77 -7.75 -2.46
N HIS A 51 6.99 -8.19 -2.65
CA HIS A 51 7.58 -8.33 -3.97
C HIS A 51 6.91 -9.46 -4.75
N ASN A 52 6.56 -10.53 -4.05
CA ASN A 52 5.95 -11.69 -4.67
C ASN A 52 5.51 -12.65 -3.58
N VAL A 53 4.21 -12.95 -3.58
CA VAL A 53 3.62 -13.86 -2.59
C VAL A 53 4.36 -15.20 -2.53
N GLN A 54 4.73 -15.73 -3.70
CA GLN A 54 5.46 -17.00 -3.81
C GLN A 54 4.77 -18.14 -3.07
N GLY A 55 3.97 -18.91 -3.80
CA GLY A 55 3.33 -20.07 -3.23
C GLY A 55 2.08 -20.45 -3.99
N THR A 56 1.03 -20.75 -3.25
CA THR A 56 -0.23 -21.17 -3.82
C THR A 56 -1.38 -20.69 -2.96
N THR A 57 -2.01 -19.62 -3.41
CA THR A 57 -3.15 -19.05 -2.72
C THR A 57 -4.37 -19.97 -2.80
N PRO A 58 -5.18 -20.00 -1.73
CA PRO A 58 -6.34 -20.90 -1.63
C PRO A 58 -7.40 -20.63 -2.70
N SER A 59 -7.53 -21.57 -3.61
CA SER A 59 -8.52 -21.48 -4.68
C SER A 59 -9.92 -21.77 -4.15
N ALA A 60 -9.97 -22.43 -2.99
CA ALA A 60 -11.24 -22.80 -2.36
C ALA A 60 -12.11 -21.58 -2.03
N ALA A 61 -11.48 -20.42 -1.96
CA ALA A 61 -12.18 -19.19 -1.58
C ALA A 61 -13.06 -18.68 -2.72
N VAL A 62 -12.97 -19.33 -3.87
CA VAL A 62 -13.80 -18.98 -5.01
C VAL A 62 -15.20 -19.59 -4.85
N SER A 63 -15.25 -20.74 -4.20
CA SER A 63 -16.52 -21.42 -3.97
C SER A 63 -17.35 -20.69 -2.92
N GLU A 64 -16.68 -20.27 -1.85
CA GLU A 64 -17.34 -19.68 -0.70
C GLU A 64 -17.90 -18.30 -1.03
N ALA A 65 -17.36 -17.68 -2.07
CA ALA A 65 -17.76 -16.34 -2.47
C ALA A 65 -19.25 -16.27 -2.79
N GLU A 66 -19.81 -17.40 -3.20
CA GLU A 66 -21.22 -17.51 -3.51
C GLU A 66 -22.07 -17.18 -2.27
N GLN A 67 -21.68 -17.77 -1.16
CA GLN A 67 -22.38 -17.57 0.09
C GLN A 67 -22.02 -16.21 0.70
N ILE A 68 -20.76 -15.81 0.51
CA ILE A 68 -20.28 -14.53 1.00
C ILE A 68 -21.08 -13.36 0.41
N ARG A 69 -21.31 -13.41 -0.90
CA ARG A 69 -22.04 -12.35 -1.58
C ARG A 69 -23.48 -12.28 -1.10
N GLN A 70 -24.07 -13.44 -0.84
CA GLN A 70 -25.43 -13.52 -0.35
C GLN A 70 -25.50 -13.01 1.10
N LEU A 71 -24.46 -13.32 1.87
CA LEU A 71 -24.41 -12.95 3.28
C LEU A 71 -24.29 -11.44 3.45
N LYS A 72 -23.41 -10.81 2.68
CA LYS A 72 -23.22 -9.37 2.78
C LYS A 72 -24.34 -8.62 2.07
N LYS A 73 -25.03 -9.34 1.17
CA LYS A 73 -26.14 -8.78 0.41
C LYS A 73 -25.70 -7.62 -0.46
N GLU A 74 -25.26 -7.92 -1.66
CA GLU A 74 -24.86 -6.89 -2.60
C GLU A 74 -26.09 -6.11 -3.06
N ASN A 75 -26.14 -4.85 -2.68
CA ASN A 75 -27.30 -4.02 -2.96
C ASN A 75 -26.96 -2.92 -3.94
N ALA A 76 -27.98 -2.38 -4.60
CA ALA A 76 -27.80 -1.37 -5.62
C ALA A 76 -27.44 -0.02 -5.01
N LEU A 77 -27.78 0.18 -3.75
CA LEU A 77 -27.52 1.44 -3.07
C LEU A 77 -26.02 1.72 -2.99
N GLN A 78 -25.27 0.73 -2.52
CA GLN A 78 -23.83 0.85 -2.40
C GLN A 78 -23.15 1.02 -3.76
N ARG A 79 -23.77 0.47 -4.80
CA ARG A 79 -23.19 0.52 -6.14
C ARG A 79 -23.47 1.87 -6.81
N ALA A 80 -24.57 2.49 -6.41
CA ALA A 80 -24.99 3.77 -6.95
C ALA A 80 -24.24 4.92 -6.31
N ARG A 81 -23.69 4.67 -5.13
CA ARG A 81 -23.00 5.70 -4.35
C ARG A 81 -21.71 6.18 -5.01
N THR A 82 -21.27 5.45 -6.02
CA THR A 82 -20.06 5.78 -6.77
C THR A 82 -20.13 7.19 -7.36
N ARG A 83 -20.78 7.31 -8.49
CA ARG A 83 -20.99 8.61 -9.12
C ARG A 83 -22.47 8.84 -9.36
N HIS A 84 -22.86 10.10 -9.34
CA HIS A 84 -24.26 10.46 -9.52
C HIS A 84 -24.38 11.51 -10.63
N PRO A 85 -25.54 11.56 -11.31
CA PRO A 85 -25.77 12.57 -12.34
C PRO A 85 -25.86 13.97 -11.75
N ALA A 86 -25.96 14.97 -12.60
CA ALA A 86 -26.00 16.35 -12.14
C ALA A 86 -27.43 16.89 -12.15
N GLU A 87 -27.96 17.19 -10.97
CA GLU A 87 -29.26 17.82 -10.87
C GLU A 87 -29.17 19.27 -11.35
N SER A 88 -27.96 19.80 -11.31
CA SER A 88 -27.67 21.18 -11.71
C SER A 88 -28.18 21.49 -13.12
N CYS A 89 -28.34 20.46 -13.95
CA CYS A 89 -28.73 20.62 -15.35
C CYS A 89 -30.10 21.29 -15.48
N LEU A 90 -30.93 21.19 -14.44
CA LEU A 90 -32.29 21.71 -14.50
C LEU A 90 -32.32 23.24 -14.47
N GLU A 91 -31.21 23.85 -14.05
CA GLU A 91 -31.08 25.31 -14.09
C GLU A 91 -31.18 25.79 -15.52
N HIS A 92 -30.36 25.20 -16.39
CA HIS A 92 -30.35 25.49 -17.83
C HIS A 92 -29.83 26.89 -18.11
N HIS A 93 -28.87 26.97 -19.03
CA HIS A 93 -28.29 28.26 -19.40
C HIS A 93 -29.35 29.14 -20.08
N HIS A 94 -29.44 30.38 -19.62
CA HIS A 94 -30.41 31.31 -20.19
C HIS A 94 -29.70 32.54 -20.71
N HIS A 95 -30.30 33.20 -21.69
CA HIS A 95 -29.71 34.38 -22.29
C HIS A 95 -30.56 35.61 -22.01
N HIS A 96 -29.92 36.72 -21.69
CA HIS A 96 -30.61 37.97 -21.46
C HIS A 96 -30.25 38.96 -22.57
N HIS A 97 -31.25 39.69 -23.06
CA HIS A 97 -31.10 40.59 -24.22
C HIS A 97 -30.95 39.77 -25.50
N MET A 1 -16.47 -23.38 15.24
CA MET A 1 -15.33 -22.59 14.75
C MET A 1 -15.48 -21.12 15.15
N PRO A 2 -14.81 -20.71 16.24
CA PRO A 2 -14.84 -19.32 16.71
C PRO A 2 -13.82 -18.45 16.02
N THR A 3 -12.93 -19.09 15.26
CA THR A 3 -11.87 -18.40 14.57
C THR A 3 -12.24 -18.17 13.10
N LYS A 4 -12.00 -16.96 12.64
CA LYS A 4 -12.25 -16.59 11.28
C LYS A 4 -11.08 -15.77 10.77
N THR A 5 -10.44 -16.28 9.74
CA THR A 5 -9.29 -15.62 9.16
C THR A 5 -9.62 -15.16 7.74
N TYR A 6 -8.92 -14.14 7.29
CA TYR A 6 -9.14 -13.62 5.95
C TYR A 6 -7.89 -13.87 5.12
N SER A 7 -8.05 -14.61 4.04
CA SER A 7 -6.94 -15.04 3.21
C SER A 7 -6.20 -13.87 2.57
N GLU A 8 -4.95 -14.12 2.21
CA GLU A 8 -4.11 -13.13 1.53
C GLU A 8 -4.79 -12.60 0.29
N GLU A 9 -5.48 -13.50 -0.40
CA GLU A 9 -6.10 -13.22 -1.68
C GLU A 9 -6.99 -11.98 -1.66
N PHE A 10 -7.94 -11.93 -0.74
CA PHE A 10 -8.86 -10.79 -0.67
C PHE A 10 -8.11 -9.51 -0.29
N LYS A 11 -7.23 -9.62 0.69
CA LYS A 11 -6.44 -8.48 1.14
C LYS A 11 -5.59 -7.93 -0.01
N ARG A 12 -5.09 -8.83 -0.85
CA ARG A 12 -4.32 -8.45 -2.02
C ARG A 12 -5.22 -7.90 -3.13
N ASP A 13 -6.39 -8.51 -3.28
CA ASP A 13 -7.39 -8.07 -4.25
C ASP A 13 -7.87 -6.67 -3.91
N ALA A 14 -7.98 -6.38 -2.62
CA ALA A 14 -8.34 -5.06 -2.14
C ALA A 14 -7.28 -4.03 -2.53
N VAL A 15 -6.02 -4.44 -2.50
CA VAL A 15 -4.92 -3.58 -2.94
C VAL A 15 -5.01 -3.36 -4.46
N ALA A 16 -5.46 -4.39 -5.17
CA ALA A 16 -5.69 -4.28 -6.62
C ALA A 16 -6.84 -3.32 -6.89
N LEU A 17 -7.88 -3.38 -6.05
CA LEU A 17 -9.01 -2.45 -6.13
C LEU A 17 -8.53 -1.01 -6.01
N TYR A 18 -7.51 -0.79 -5.18
CA TYR A 18 -6.94 0.53 -4.99
C TYR A 18 -6.29 1.04 -6.29
N GLU A 19 -5.60 0.16 -6.99
CA GLU A 19 -4.97 0.51 -8.26
C GLU A 19 -6.02 0.65 -9.36
N ASN A 20 -7.18 0.03 -9.14
CA ASN A 20 -8.29 0.11 -10.08
C ASN A 20 -9.32 1.13 -9.60
N SER A 21 -8.85 2.11 -8.82
CA SER A 21 -9.70 3.16 -8.27
C SER A 21 -10.31 4.03 -9.37
N ASP A 22 -9.77 3.89 -10.57
CA ASP A 22 -10.34 4.54 -11.75
C ASP A 22 -11.82 4.19 -11.90
N GLY A 23 -12.19 3.00 -11.45
CA GLY A 23 -13.57 2.58 -11.50
C GLY A 23 -14.35 3.00 -10.27
N ALA A 24 -13.68 3.09 -9.13
CA ALA A 24 -14.33 3.43 -7.87
C ALA A 24 -13.34 4.07 -6.91
N SER A 25 -13.71 5.20 -6.36
CA SER A 25 -12.84 5.96 -5.47
C SER A 25 -12.49 5.17 -4.20
N LEU A 26 -11.41 5.58 -3.54
CA LEU A 26 -10.88 4.86 -2.38
C LEU A 26 -11.95 4.67 -1.31
N GLN A 27 -12.64 5.77 -0.97
CA GLN A 27 -13.70 5.71 0.04
C GLN A 27 -14.83 4.79 -0.42
N GLN A 28 -15.10 4.80 -1.72
CA GLN A 28 -16.18 3.98 -2.28
C GLN A 28 -15.83 2.51 -2.16
N ILE A 29 -14.55 2.19 -2.34
CA ILE A 29 -14.07 0.82 -2.15
C ILE A 29 -14.32 0.37 -0.71
N ALA A 30 -13.96 1.24 0.23
CA ALA A 30 -14.17 0.96 1.65
C ALA A 30 -15.66 0.81 1.95
N ASN A 31 -16.48 1.65 1.33
CA ASN A 31 -17.92 1.62 1.51
C ASN A 31 -18.51 0.29 1.03
N ASP A 32 -18.02 -0.19 -0.11
CA ASP A 32 -18.53 -1.42 -0.71
C ASP A 32 -18.07 -2.64 0.08
N LEU A 33 -16.79 -2.65 0.46
CA LEU A 33 -16.22 -3.76 1.20
C LEU A 33 -16.75 -3.81 2.63
N GLY A 34 -17.04 -2.63 3.18
CA GLY A 34 -17.58 -2.56 4.53
C GLY A 34 -16.48 -2.40 5.57
N ILE A 35 -15.41 -1.73 5.17
CA ILE A 35 -14.26 -1.53 6.05
C ILE A 35 -13.90 -0.05 6.13
N ASN A 36 -12.96 0.27 7.00
CA ASN A 36 -12.47 1.63 7.11
C ASN A 36 -11.42 1.90 6.04
N ARG A 37 -11.36 3.13 5.55
CA ARG A 37 -10.43 3.52 4.52
C ARG A 37 -8.98 3.41 5.01
N VAL A 38 -8.79 3.61 6.31
CA VAL A 38 -7.47 3.47 6.90
C VAL A 38 -7.10 1.99 7.03
N THR A 39 -8.10 1.16 7.30
CA THR A 39 -7.89 -0.28 7.35
C THR A 39 -7.46 -0.79 5.96
N LEU A 40 -8.10 -0.26 4.93
CA LEU A 40 -7.72 -0.57 3.56
C LEU A 40 -6.29 -0.09 3.28
N LYS A 41 -6.01 1.13 3.75
CA LYS A 41 -4.68 1.73 3.61
C LYS A 41 -3.62 0.81 4.20
N ASN A 42 -3.92 0.26 5.37
CA ASN A 42 -3.02 -0.67 6.05
C ASN A 42 -2.64 -1.84 5.15
N TRP A 43 -3.64 -2.48 4.55
CA TRP A 43 -3.40 -3.60 3.64
C TRP A 43 -2.58 -3.17 2.44
N ILE A 44 -2.89 -2.00 1.90
CA ILE A 44 -2.20 -1.46 0.73
C ILE A 44 -0.71 -1.27 1.02
N ILE A 45 -0.40 -0.61 2.12
CA ILE A 45 0.99 -0.31 2.47
C ILE A 45 1.75 -1.58 2.87
N LYS A 46 1.06 -2.47 3.58
CA LYS A 46 1.71 -3.64 4.16
C LYS A 46 1.92 -4.73 3.11
N TYR A 47 0.87 -5.06 2.37
CA TYR A 47 0.94 -6.14 1.40
C TYR A 47 1.42 -5.66 0.05
N GLY A 48 1.26 -4.36 -0.21
CA GLY A 48 1.85 -3.77 -1.39
C GLY A 48 3.32 -3.48 -1.17
N SER A 49 4.07 -4.54 -0.89
CA SER A 49 5.50 -4.44 -0.61
C SER A 49 6.28 -4.02 -1.85
N ASN A 50 5.71 -4.27 -3.02
CA ASN A 50 6.34 -3.88 -4.26
C ASN A 50 6.37 -2.37 -4.37
N HIS A 51 7.56 -1.83 -4.51
CA HIS A 51 7.74 -0.39 -4.67
C HIS A 51 7.40 -0.01 -6.10
N ASN A 52 7.69 -0.93 -7.01
CA ASN A 52 7.30 -0.79 -8.39
C ASN A 52 6.23 -1.80 -8.73
N VAL A 53 4.99 -1.42 -8.48
CA VAL A 53 3.84 -2.28 -8.77
C VAL A 53 3.74 -2.53 -10.26
N GLN A 54 3.71 -1.44 -11.03
CA GLN A 54 3.63 -1.51 -12.48
C GLN A 54 2.34 -2.21 -12.90
N GLY A 55 2.40 -3.00 -13.96
CA GLY A 55 1.22 -3.69 -14.45
C GLY A 55 0.78 -4.83 -13.55
N THR A 56 1.76 -5.53 -12.98
CA THR A 56 1.54 -6.72 -12.16
C THR A 56 0.54 -7.70 -12.77
N THR A 57 1.05 -8.69 -13.49
CA THR A 57 0.19 -9.71 -14.09
C THR A 57 0.01 -10.89 -13.12
N PRO A 58 -1.20 -11.07 -12.59
CA PRO A 58 -1.52 -12.16 -11.67
C PRO A 58 -1.84 -13.45 -12.44
N SER A 59 -1.13 -14.51 -12.08
CA SER A 59 -1.29 -15.82 -12.74
C SER A 59 -2.72 -16.35 -12.62
N ALA A 60 -3.44 -15.89 -11.60
CA ALA A 60 -4.80 -16.36 -11.35
C ALA A 60 -5.82 -15.55 -12.16
N ALA A 61 -5.41 -14.37 -12.60
CA ALA A 61 -6.34 -13.43 -13.25
C ALA A 61 -6.44 -13.67 -14.75
N VAL A 62 -5.90 -14.78 -15.23
CA VAL A 62 -5.93 -15.10 -16.66
C VAL A 62 -7.38 -15.22 -17.15
N SER A 63 -8.17 -15.98 -16.42
CA SER A 63 -9.57 -16.16 -16.75
C SER A 63 -10.42 -15.02 -16.20
N GLU A 64 -9.96 -14.43 -15.09
CA GLU A 64 -10.70 -13.36 -14.43
C GLU A 64 -10.66 -12.08 -15.27
N ALA A 65 -9.66 -12.01 -16.14
CA ALA A 65 -9.43 -10.86 -17.01
C ALA A 65 -10.64 -10.57 -17.91
N GLU A 66 -11.47 -11.59 -18.15
CA GLU A 66 -12.60 -11.43 -19.06
C GLU A 66 -13.58 -10.37 -18.56
N GLN A 67 -13.99 -10.48 -17.30
CA GLN A 67 -14.89 -9.49 -16.72
C GLN A 67 -14.16 -8.18 -16.49
N ILE A 68 -12.83 -8.27 -16.35
CA ILE A 68 -11.98 -7.09 -16.23
C ILE A 68 -12.00 -6.30 -17.54
N ARG A 69 -11.97 -7.04 -18.65
CA ARG A 69 -12.10 -6.45 -19.99
C ARG A 69 -13.40 -5.67 -20.11
N GLN A 70 -14.47 -6.23 -19.55
CA GLN A 70 -15.77 -5.61 -19.57
C GLN A 70 -15.79 -4.40 -18.64
N LEU A 71 -15.17 -4.56 -17.47
CA LEU A 71 -15.09 -3.49 -16.47
C LEU A 71 -14.34 -2.29 -17.02
N LYS A 72 -13.21 -2.54 -17.66
CA LYS A 72 -12.40 -1.49 -18.25
C LYS A 72 -13.11 -0.84 -19.43
N LYS A 73 -13.89 -1.65 -20.15
CA LYS A 73 -14.57 -1.24 -21.39
C LYS A 73 -13.57 -1.14 -22.53
N GLU A 74 -13.88 -1.84 -23.61
CA GLU A 74 -13.03 -1.83 -24.80
C GLU A 74 -13.58 -0.85 -25.83
N ASN A 75 -14.81 -0.41 -25.64
CA ASN A 75 -15.47 0.47 -26.58
C ASN A 75 -15.16 1.94 -26.22
N ALA A 76 -15.56 2.85 -27.09
CA ALA A 76 -15.20 4.26 -26.97
C ALA A 76 -15.94 4.97 -25.84
N LEU A 77 -16.97 4.33 -25.29
CA LEU A 77 -17.83 4.96 -24.27
C LEU A 77 -17.04 5.42 -23.05
N GLN A 78 -15.91 4.78 -22.79
CA GLN A 78 -15.07 5.11 -21.63
C GLN A 78 -14.66 6.58 -21.63
N ARG A 79 -14.57 7.15 -22.82
CA ARG A 79 -14.07 8.52 -22.99
C ARG A 79 -15.07 9.56 -22.49
N ALA A 80 -16.30 9.14 -22.27
CA ALA A 80 -17.35 10.03 -21.80
C ALA A 80 -17.04 10.57 -20.40
N ARG A 81 -16.14 9.87 -19.70
CA ARG A 81 -15.76 10.25 -18.34
C ARG A 81 -14.88 11.49 -18.34
N THR A 82 -14.20 11.69 -19.45
CA THR A 82 -13.33 12.84 -19.64
C THR A 82 -14.14 14.14 -19.51
N ARG A 83 -14.85 14.47 -20.58
CA ARG A 83 -15.74 15.63 -20.59
C ARG A 83 -16.69 15.60 -19.39
N HIS A 84 -16.72 16.69 -18.65
CA HIS A 84 -17.53 16.80 -17.44
C HIS A 84 -18.59 17.89 -17.58
N PRO A 85 -19.66 17.82 -16.77
CA PRO A 85 -20.70 18.85 -16.74
C PRO A 85 -20.24 20.12 -16.02
N ALA A 86 -21.19 20.94 -15.60
CA ALA A 86 -20.90 22.19 -14.92
C ALA A 86 -20.34 21.95 -13.51
N GLU A 87 -19.89 23.02 -12.87
CA GLU A 87 -19.23 22.94 -11.57
C GLU A 87 -20.22 22.59 -10.47
N SER A 88 -21.49 22.90 -10.69
CA SER A 88 -22.54 22.60 -9.72
C SER A 88 -22.71 21.08 -9.57
N CYS A 89 -22.36 20.33 -10.61
CA CYS A 89 -22.46 18.88 -10.57
C CYS A 89 -21.47 18.30 -9.57
N LEU A 90 -20.33 18.95 -9.45
CA LEU A 90 -19.25 18.49 -8.57
C LEU A 90 -19.56 18.85 -7.12
N GLU A 91 -20.41 19.85 -6.96
CA GLU A 91 -20.80 20.33 -5.64
C GLU A 91 -21.58 19.27 -4.86
N HIS A 92 -22.36 18.48 -5.58
CA HIS A 92 -23.28 17.54 -4.94
C HIS A 92 -22.53 16.46 -4.18
N HIS A 93 -22.59 16.57 -2.86
CA HIS A 93 -21.93 15.63 -1.96
C HIS A 93 -22.98 14.93 -1.11
N HIS A 94 -22.85 13.61 -1.01
CA HIS A 94 -23.82 12.81 -0.28
C HIS A 94 -23.80 13.11 1.21
N HIS A 95 -25.00 13.29 1.77
CA HIS A 95 -25.15 13.54 3.20
C HIS A 95 -25.34 12.20 3.92
N HIS A 96 -25.39 11.13 3.13
CA HIS A 96 -25.74 9.81 3.63
C HIS A 96 -27.14 9.89 4.23
N HIS A 97 -28.12 10.02 3.34
CA HIS A 97 -29.47 10.43 3.68
C HIS A 97 -29.45 11.90 4.11
N MET A 1 -23.90 -12.88 11.79
CA MET A 1 -22.49 -12.49 11.63
C MET A 1 -21.81 -12.41 13.00
N PRO A 2 -21.00 -13.41 13.36
CA PRO A 2 -20.24 -13.39 14.60
C PRO A 2 -19.15 -12.33 14.55
N THR A 3 -18.33 -12.44 13.54
CA THR A 3 -17.25 -11.50 13.30
C THR A 3 -17.09 -11.23 11.81
N LYS A 4 -16.60 -10.05 11.46
CA LYS A 4 -16.36 -9.72 10.10
C LYS A 4 -15.03 -10.32 9.68
N THR A 5 -15.14 -11.39 8.94
CA THR A 5 -13.99 -12.17 8.57
C THR A 5 -13.48 -11.76 7.18
N TYR A 6 -12.19 -11.95 6.99
CA TYR A 6 -11.54 -11.63 5.74
C TYR A 6 -10.28 -12.48 5.60
N SER A 7 -9.75 -12.57 4.40
CA SER A 7 -8.55 -13.35 4.16
C SER A 7 -7.42 -12.44 3.69
N GLU A 8 -6.18 -12.92 3.77
CA GLU A 8 -5.06 -12.17 3.20
C GLU A 8 -5.24 -12.09 1.68
N GLU A 9 -5.94 -13.07 1.15
CA GLU A 9 -6.37 -13.05 -0.24
C GLU A 9 -7.26 -11.84 -0.48
N PHE A 10 -8.20 -11.62 0.43
CA PHE A 10 -9.11 -10.48 0.37
C PHE A 10 -8.33 -9.17 0.49
N LYS A 11 -7.29 -9.20 1.33
CA LYS A 11 -6.37 -8.07 1.46
C LYS A 11 -5.69 -7.76 0.13
N ARG A 12 -5.18 -8.82 -0.51
CA ARG A 12 -4.52 -8.67 -1.80
C ARG A 12 -5.50 -8.17 -2.86
N ASP A 13 -6.72 -8.66 -2.83
CA ASP A 13 -7.75 -8.23 -3.77
C ASP A 13 -8.03 -6.74 -3.60
N ALA A 14 -8.06 -6.31 -2.34
CA ALA A 14 -8.28 -4.91 -2.00
C ALA A 14 -7.16 -4.03 -2.56
N VAL A 15 -5.94 -4.54 -2.55
CA VAL A 15 -4.80 -3.82 -3.11
C VAL A 15 -5.00 -3.63 -4.62
N ALA A 16 -5.46 -4.69 -5.28
CA ALA A 16 -5.72 -4.64 -6.71
C ALA A 16 -6.88 -3.69 -7.02
N LEU A 17 -7.80 -3.56 -6.07
CA LEU A 17 -8.91 -2.64 -6.21
C LEU A 17 -8.42 -1.19 -6.27
N TYR A 18 -7.34 -0.89 -5.54
CA TYR A 18 -6.78 0.45 -5.53
C TYR A 18 -6.06 0.73 -6.86
N GLU A 19 -5.55 -0.32 -7.48
CA GLU A 19 -4.93 -0.17 -8.80
C GLU A 19 -6.01 0.11 -9.84
N ASN A 20 -7.25 -0.24 -9.50
CA ASN A 20 -8.40 -0.01 -10.36
C ASN A 20 -9.33 1.02 -9.73
N SER A 21 -8.73 2.00 -9.07
CA SER A 21 -9.47 3.05 -8.37
C SER A 21 -9.95 4.13 -9.34
N ASP A 22 -9.43 4.08 -10.56
CA ASP A 22 -9.71 5.10 -11.57
C ASP A 22 -11.20 5.41 -11.70
N GLY A 23 -12.03 4.39 -11.58
CA GLY A 23 -13.47 4.60 -11.68
C GLY A 23 -14.19 4.45 -10.35
N ALA A 24 -13.42 4.21 -9.29
CA ALA A 24 -14.00 3.97 -7.97
C ALA A 24 -13.13 4.59 -6.88
N SER A 25 -13.68 5.60 -6.20
CA SER A 25 -12.95 6.33 -5.17
C SER A 25 -12.60 5.41 -3.99
N LEU A 26 -11.60 5.80 -3.21
CA LEU A 26 -11.12 4.99 -2.09
C LEU A 26 -12.22 4.74 -1.07
N GLN A 27 -13.03 5.76 -0.81
CA GLN A 27 -14.14 5.64 0.12
C GLN A 27 -15.15 4.62 -0.41
N GLN A 28 -15.28 4.54 -1.73
CA GLN A 28 -16.22 3.61 -2.36
C GLN A 28 -15.72 2.18 -2.18
N ILE A 29 -14.41 1.99 -2.36
CA ILE A 29 -13.79 0.68 -2.16
C ILE A 29 -14.06 0.18 -0.75
N ALA A 30 -13.80 1.04 0.23
CA ALA A 30 -14.03 0.70 1.63
C ALA A 30 -15.52 0.52 1.92
N ASN A 31 -16.34 1.28 1.21
CA ASN A 31 -17.78 1.26 1.42
C ASN A 31 -18.38 -0.05 0.89
N ASP A 32 -17.98 -0.41 -0.32
CA ASP A 32 -18.50 -1.60 -0.98
C ASP A 32 -18.07 -2.87 -0.26
N LEU A 33 -16.82 -2.90 0.17
CA LEU A 33 -16.27 -4.03 0.92
C LEU A 33 -16.82 -4.06 2.34
N GLY A 34 -17.00 -2.89 2.91
CA GLY A 34 -17.52 -2.79 4.26
C GLY A 34 -16.40 -2.77 5.29
N ILE A 35 -15.33 -2.04 4.97
CA ILE A 35 -14.18 -1.95 5.85
C ILE A 35 -13.81 -0.50 6.10
N ASN A 36 -12.89 -0.27 7.02
CA ASN A 36 -12.41 1.06 7.31
C ASN A 36 -11.42 1.52 6.24
N ARG A 37 -11.47 2.81 5.92
CA ARG A 37 -10.59 3.39 4.91
C ARG A 37 -9.13 3.27 5.31
N VAL A 38 -8.85 3.44 6.59
CA VAL A 38 -7.49 3.37 7.10
C VAL A 38 -7.01 1.92 7.13
N THR A 39 -7.90 1.01 7.54
CA THR A 39 -7.59 -0.41 7.54
C THR A 39 -7.27 -0.87 6.12
N LEU A 40 -8.07 -0.41 5.17
CA LEU A 40 -7.84 -0.69 3.75
C LEU A 40 -6.46 -0.18 3.32
N LYS A 41 -6.18 1.06 3.69
CA LYS A 41 -4.91 1.70 3.35
C LYS A 41 -3.73 0.90 3.90
N ASN A 42 -3.86 0.48 5.15
CA ASN A 42 -2.83 -0.31 5.82
C ASN A 42 -2.51 -1.59 5.05
N TRP A 43 -3.53 -2.20 4.47
CA TRP A 43 -3.34 -3.41 3.68
C TRP A 43 -2.63 -3.08 2.38
N ILE A 44 -3.06 -2.01 1.73
CA ILE A 44 -2.49 -1.60 0.45
C ILE A 44 -1.00 -1.31 0.57
N ILE A 45 -0.64 -0.57 1.62
CA ILE A 45 0.76 -0.19 1.84
C ILE A 45 1.61 -1.40 2.21
N LYS A 46 1.07 -2.26 3.08
CA LYS A 46 1.83 -3.38 3.59
C LYS A 46 2.02 -4.48 2.53
N TYR A 47 0.92 -4.90 1.93
CA TYR A 47 0.96 -6.04 1.01
C TYR A 47 1.35 -5.59 -0.40
N GLY A 48 1.06 -4.32 -0.72
CA GLY A 48 1.42 -3.79 -2.01
C GLY A 48 2.92 -3.59 -2.17
N SER A 49 3.64 -3.69 -1.06
CA SER A 49 5.09 -3.57 -1.07
C SER A 49 5.75 -4.86 -1.54
N ASN A 50 5.04 -5.98 -1.35
CA ASN A 50 5.54 -7.31 -1.70
C ASN A 50 6.76 -7.69 -0.85
N HIS A 51 7.94 -7.28 -1.30
CA HIS A 51 9.18 -7.52 -0.56
C HIS A 51 10.19 -6.43 -0.88
N ASN A 52 10.14 -5.38 -0.09
CA ASN A 52 11.04 -4.24 -0.27
C ASN A 52 12.02 -4.20 0.89
N VAL A 53 12.41 -5.39 1.34
CA VAL A 53 13.36 -5.53 2.43
C VAL A 53 14.79 -5.38 1.91
N GLN A 54 14.98 -5.75 0.65
CA GLN A 54 16.28 -5.75 0.03
C GLN A 54 16.30 -4.82 -1.17
N GLY A 55 17.43 -4.18 -1.40
CA GLY A 55 17.58 -3.38 -2.60
C GLY A 55 18.31 -2.08 -2.36
N THR A 56 19.64 -2.18 -2.36
CA THR A 56 20.55 -1.03 -2.34
C THR A 56 20.16 0.05 -1.33
N THR A 57 20.77 -0.01 -0.18
CA THR A 57 20.52 0.96 0.88
C THR A 57 21.72 1.91 1.02
N PRO A 58 21.54 3.18 0.63
CA PRO A 58 22.61 4.20 0.68
C PRO A 58 23.04 4.53 2.10
N SER A 59 22.16 4.25 3.05
CA SER A 59 22.42 4.53 4.46
C SER A 59 23.60 3.69 4.97
N ALA A 60 23.83 2.56 4.34
CA ALA A 60 24.90 1.66 4.75
C ALA A 60 26.25 2.15 4.25
N ALA A 61 26.23 2.98 3.22
CA ALA A 61 27.46 3.46 2.60
C ALA A 61 28.14 4.52 3.45
N VAL A 62 27.47 4.90 4.53
CA VAL A 62 28.04 5.88 5.47
C VAL A 62 29.09 5.22 6.35
N SER A 63 28.76 4.03 6.83
CA SER A 63 29.70 3.26 7.63
C SER A 63 30.72 2.59 6.72
N GLU A 64 30.26 2.11 5.57
CA GLU A 64 31.11 1.44 4.60
C GLU A 64 32.23 2.35 4.11
N ALA A 65 31.99 3.64 4.18
CA ALA A 65 32.95 4.65 3.72
C ALA A 65 34.26 4.57 4.50
N GLU A 66 34.19 4.04 5.71
CA GLU A 66 35.37 3.91 6.56
C GLU A 66 36.32 2.86 6.01
N GLN A 67 35.76 1.71 5.65
CA GLN A 67 36.54 0.62 5.08
C GLN A 67 37.05 1.00 3.70
N ILE A 68 36.23 1.71 2.95
CA ILE A 68 36.61 2.21 1.63
C ILE A 68 37.74 3.23 1.76
N ARG A 69 37.71 4.03 2.83
CA ARG A 69 38.77 4.99 3.11
C ARG A 69 40.11 4.30 3.24
N GLN A 70 40.13 3.19 3.96
CA GLN A 70 41.34 2.42 4.17
C GLN A 70 41.83 1.85 2.85
N LEU A 71 40.89 1.38 2.04
CA LEU A 71 41.19 0.84 0.71
C LEU A 71 41.82 1.92 -0.17
N LYS A 72 41.29 3.13 -0.08
CA LYS A 72 41.82 4.25 -0.85
C LYS A 72 43.18 4.69 -0.32
N LYS A 73 43.24 4.91 0.98
CA LYS A 73 44.44 5.43 1.62
C LYS A 73 45.42 4.33 1.96
N GLU A 74 46.30 4.02 1.02
CA GLU A 74 47.36 3.06 1.26
C GLU A 74 48.60 3.74 1.83
N ASN A 75 49.28 4.48 0.96
CA ASN A 75 50.56 5.08 1.29
C ASN A 75 50.63 6.52 0.78
N ALA A 76 51.63 7.26 1.25
CA ALA A 76 51.81 8.65 0.87
C ALA A 76 52.23 8.79 -0.58
N LEU A 77 52.84 7.75 -1.12
CA LEU A 77 53.29 7.75 -2.51
C LEU A 77 52.11 7.92 -3.46
N GLN A 78 50.96 7.40 -3.08
CA GLN A 78 49.74 7.54 -3.88
C GLN A 78 49.36 9.01 -3.98
N ARG A 79 49.58 9.75 -2.90
CA ARG A 79 49.23 11.17 -2.85
C ARG A 79 50.36 12.02 -3.41
N ALA A 80 51.53 11.42 -3.56
CA ALA A 80 52.65 12.08 -4.21
C ALA A 80 52.42 12.16 -5.71
N ARG A 81 51.54 11.30 -6.21
CA ARG A 81 51.13 11.32 -7.60
C ARG A 81 50.19 12.48 -7.88
N THR A 82 49.51 12.91 -6.82
CA THR A 82 48.60 14.05 -6.89
C THR A 82 49.39 15.34 -7.09
N ARG A 83 50.64 15.29 -6.67
CA ARG A 83 51.56 16.40 -6.85
C ARG A 83 52.21 16.32 -8.22
N HIS A 84 52.49 17.47 -8.82
CA HIS A 84 53.24 17.51 -10.07
C HIS A 84 54.52 18.31 -9.87
N PRO A 85 55.56 17.68 -9.31
CA PRO A 85 56.83 18.32 -9.06
C PRO A 85 57.81 18.11 -10.23
N ALA A 86 59.03 18.56 -10.05
CA ALA A 86 60.04 18.41 -11.07
C ALA A 86 61.40 18.15 -10.43
N GLU A 87 62.18 17.27 -11.05
CA GLU A 87 63.53 16.97 -10.58
C GLU A 87 64.45 18.11 -10.96
N SER A 88 64.05 18.86 -11.98
CA SER A 88 64.78 20.03 -12.43
C SER A 88 64.87 21.07 -11.32
N CYS A 89 63.91 21.06 -10.41
CA CYS A 89 63.87 22.03 -9.31
C CYS A 89 64.98 21.78 -8.30
N LEU A 90 65.46 20.55 -8.24
CA LEU A 90 66.53 20.19 -7.32
C LEU A 90 67.84 20.84 -7.75
N GLU A 91 68.07 20.82 -9.05
CA GLU A 91 69.25 21.46 -9.62
C GLU A 91 69.01 22.96 -9.76
N HIS A 92 67.84 23.30 -10.32
CA HIS A 92 67.45 24.69 -10.58
C HIS A 92 68.43 25.34 -11.56
N HIS A 93 68.97 24.52 -12.45
CA HIS A 93 69.84 25.01 -13.52
C HIS A 93 69.23 24.65 -14.86
N HIS A 94 69.98 24.81 -15.92
CA HIS A 94 69.54 24.42 -17.25
C HIS A 94 70.62 23.58 -17.90
N HIS A 95 71.13 22.60 -17.15
CA HIS A 95 72.23 21.76 -17.60
C HIS A 95 71.88 21.04 -18.91
N HIS A 96 71.07 19.99 -18.81
CA HIS A 96 70.62 19.21 -19.99
C HIS A 96 71.83 18.60 -20.72
N HIS A 97 71.56 17.81 -21.75
CA HIS A 97 72.62 17.29 -22.60
C HIS A 97 72.24 17.48 -24.06
N MET A 1 -19.69 -17.41 16.33
CA MET A 1 -18.90 -16.48 15.48
C MET A 1 -18.91 -16.96 14.03
N PRO A 2 -19.46 -16.14 13.12
CA PRO A 2 -19.63 -16.47 11.70
C PRO A 2 -18.32 -16.44 10.91
N THR A 3 -17.20 -16.50 11.63
CA THR A 3 -15.86 -16.38 11.07
C THR A 3 -15.68 -15.09 10.25
N LYS A 4 -15.02 -14.13 10.85
CA LYS A 4 -14.82 -12.83 10.23
C LYS A 4 -13.42 -12.74 9.64
N THR A 5 -12.66 -13.80 9.85
CA THR A 5 -11.32 -13.90 9.32
C THR A 5 -11.31 -13.83 7.81
N TYR A 6 -10.54 -12.89 7.29
CA TYR A 6 -10.42 -12.69 5.86
C TYR A 6 -9.13 -13.31 5.34
N SER A 7 -9.20 -13.95 4.19
CA SER A 7 -8.04 -14.60 3.59
C SER A 7 -7.02 -13.57 3.13
N GLU A 8 -5.76 -13.99 3.03
CA GLU A 8 -4.69 -13.11 2.55
C GLU A 8 -4.97 -12.66 1.13
N GLU A 9 -5.54 -13.55 0.34
CA GLU A 9 -5.88 -13.26 -1.05
C GLU A 9 -6.97 -12.20 -1.13
N PHE A 10 -7.84 -12.19 -0.14
CA PHE A 10 -8.92 -11.22 -0.06
C PHE A 10 -8.37 -9.80 0.11
N LYS A 11 -7.42 -9.64 1.04
CA LYS A 11 -6.78 -8.35 1.25
C LYS A 11 -5.92 -7.99 0.05
N ARG A 12 -5.37 -9.02 -0.59
CA ARG A 12 -4.61 -8.87 -1.83
C ARG A 12 -5.51 -8.32 -2.95
N ASP A 13 -6.76 -8.77 -2.96
CA ASP A 13 -7.71 -8.38 -3.99
C ASP A 13 -8.11 -6.93 -3.81
N ALA A 14 -8.19 -6.49 -2.57
CA ALA A 14 -8.52 -5.12 -2.25
C ALA A 14 -7.48 -4.15 -2.81
N VAL A 15 -6.22 -4.55 -2.74
CA VAL A 15 -5.14 -3.74 -3.30
C VAL A 15 -5.26 -3.67 -4.82
N ALA A 16 -5.64 -4.78 -5.43
CA ALA A 16 -5.81 -4.85 -6.88
C ALA A 16 -6.96 -3.93 -7.32
N LEU A 17 -7.98 -3.83 -6.49
CA LEU A 17 -9.11 -2.93 -6.75
C LEU A 17 -8.63 -1.48 -6.75
N TYR A 18 -7.70 -1.16 -5.85
CA TYR A 18 -7.19 0.19 -5.72
C TYR A 18 -6.35 0.59 -6.93
N GLU A 19 -5.86 -0.41 -7.66
CA GLU A 19 -5.15 -0.18 -8.90
C GLU A 19 -6.10 0.35 -9.98
N ASN A 20 -7.39 0.12 -9.74
CA ASN A 20 -8.45 0.54 -10.66
C ASN A 20 -9.13 1.79 -10.09
N SER A 21 -8.36 2.60 -9.38
CA SER A 21 -8.90 3.71 -8.59
C SER A 21 -9.65 4.74 -9.42
N ASP A 22 -9.29 4.86 -10.70
CA ASP A 22 -9.95 5.83 -11.57
C ASP A 22 -11.43 5.50 -11.68
N GLY A 23 -11.75 4.23 -11.55
CA GLY A 23 -13.13 3.80 -11.58
C GLY A 23 -13.62 3.38 -10.20
N ALA A 24 -12.73 3.44 -9.20
CA ALA A 24 -13.07 3.01 -7.86
C ALA A 24 -12.28 3.80 -6.81
N SER A 25 -12.95 4.73 -6.17
CA SER A 25 -12.32 5.59 -5.17
C SER A 25 -11.94 4.78 -3.93
N LEU A 26 -10.94 5.28 -3.19
CA LEU A 26 -10.51 4.64 -1.95
C LEU A 26 -11.67 4.53 -0.97
N GLN A 27 -12.49 5.58 -0.94
CA GLN A 27 -13.71 5.59 -0.14
C GLN A 27 -14.62 4.44 -0.57
N GLN A 28 -14.77 4.28 -1.88
CA GLN A 28 -15.72 3.32 -2.44
C GLN A 28 -15.30 1.89 -2.10
N ILE A 29 -14.01 1.60 -2.19
CA ILE A 29 -13.50 0.27 -1.89
C ILE A 29 -13.86 -0.15 -0.47
N ALA A 30 -13.60 0.74 0.47
CA ALA A 30 -13.92 0.49 1.88
C ALA A 30 -15.43 0.52 2.10
N ASN A 31 -16.10 1.36 1.31
CA ASN A 31 -17.55 1.53 1.42
C ASN A 31 -18.29 0.26 0.99
N ASP A 32 -17.85 -0.33 -0.11
CA ASP A 32 -18.50 -1.53 -0.66
C ASP A 32 -18.40 -2.69 0.33
N LEU A 33 -17.21 -2.87 0.88
CA LEU A 33 -16.95 -3.96 1.80
C LEU A 33 -17.51 -3.67 3.20
N GLY A 34 -17.69 -2.39 3.50
CA GLY A 34 -18.20 -1.99 4.79
C GLY A 34 -17.12 -2.00 5.85
N ILE A 35 -15.89 -1.71 5.43
CA ILE A 35 -14.75 -1.71 6.33
C ILE A 35 -14.20 -0.31 6.51
N ASN A 36 -13.30 -0.14 7.46
CA ASN A 36 -12.69 1.15 7.74
C ASN A 36 -11.80 1.59 6.59
N ARG A 37 -11.80 2.89 6.34
CA ARG A 37 -11.01 3.49 5.28
C ARG A 37 -9.53 3.39 5.62
N VAL A 38 -9.22 3.54 6.90
CA VAL A 38 -7.84 3.49 7.37
C VAL A 38 -7.28 2.08 7.24
N THR A 39 -8.06 1.10 7.67
CA THR A 39 -7.63 -0.30 7.64
C THR A 39 -7.36 -0.75 6.21
N LEU A 40 -8.18 -0.27 5.28
CA LEU A 40 -8.01 -0.58 3.86
C LEU A 40 -6.69 -0.03 3.34
N LYS A 41 -6.42 1.23 3.67
CA LYS A 41 -5.19 1.89 3.23
C LYS A 41 -3.98 1.14 3.74
N ASN A 42 -4.07 0.70 4.99
CA ASN A 42 -2.98 -0.03 5.64
C ASN A 42 -2.61 -1.30 4.87
N TRP A 43 -3.62 -1.99 4.33
CA TRP A 43 -3.39 -3.19 3.53
C TRP A 43 -2.59 -2.84 2.28
N ILE A 44 -3.00 -1.78 1.61
CA ILE A 44 -2.35 -1.34 0.38
C ILE A 44 -0.89 -0.99 0.62
N ILE A 45 -0.64 -0.24 1.70
CA ILE A 45 0.70 0.23 2.02
C ILE A 45 1.59 -0.91 2.50
N LYS A 46 0.99 -1.90 3.15
CA LYS A 46 1.75 -3.00 3.72
C LYS A 46 2.11 -4.04 2.67
N TYR A 47 1.17 -4.35 1.79
CA TYR A 47 1.34 -5.45 0.86
C TYR A 47 1.78 -5.02 -0.54
N GLY A 48 1.28 -3.90 -1.05
CA GLY A 48 1.58 -3.54 -2.43
C GLY A 48 1.84 -2.06 -2.64
N SER A 49 2.67 -1.48 -1.78
CA SER A 49 2.98 -0.06 -1.91
C SER A 49 4.20 0.17 -2.80
N ASN A 50 5.32 -0.42 -2.44
CA ASN A 50 6.60 -0.14 -3.07
C ASN A 50 6.90 -1.13 -4.19
N HIS A 51 6.28 -2.30 -4.10
CA HIS A 51 6.45 -3.32 -5.13
C HIS A 51 5.10 -3.87 -5.56
N ASN A 52 4.73 -3.63 -6.81
CA ASN A 52 3.47 -4.10 -7.35
C ASN A 52 3.60 -5.55 -7.81
N VAL A 53 3.67 -6.44 -6.84
CA VAL A 53 3.75 -7.88 -7.13
C VAL A 53 2.35 -8.40 -7.42
N GLN A 54 1.36 -7.74 -6.84
CA GLN A 54 -0.03 -8.07 -7.08
C GLN A 54 -0.46 -7.56 -8.45
N GLY A 55 -0.87 -8.47 -9.31
CA GLY A 55 -1.35 -8.09 -10.63
C GLY A 55 -2.78 -7.60 -10.58
N THR A 56 -3.59 -8.02 -11.55
CA THR A 56 -4.97 -7.60 -11.59
C THR A 56 -5.89 -8.73 -12.05
N THR A 57 -6.42 -9.45 -11.06
CA THR A 57 -7.48 -10.43 -11.28
C THR A 57 -8.46 -10.33 -10.12
N PRO A 58 -9.39 -9.37 -10.20
CA PRO A 58 -10.29 -9.04 -9.09
C PRO A 58 -11.32 -10.13 -8.81
N SER A 59 -11.19 -10.74 -7.64
CA SER A 59 -12.11 -11.76 -7.19
C SER A 59 -13.40 -11.12 -6.71
N ALA A 60 -13.27 -9.92 -6.14
CA ALA A 60 -14.43 -9.19 -5.64
C ALA A 60 -15.28 -8.65 -6.78
N ALA A 61 -14.69 -8.54 -7.96
CA ALA A 61 -15.39 -7.98 -9.11
C ALA A 61 -16.10 -9.06 -9.91
N VAL A 62 -15.93 -10.31 -9.48
CA VAL A 62 -16.59 -11.44 -10.15
C VAL A 62 -18.10 -11.34 -9.98
N SER A 63 -18.51 -10.72 -8.88
CA SER A 63 -19.92 -10.51 -8.60
C SER A 63 -20.58 -9.66 -9.69
N GLU A 64 -19.84 -8.71 -10.24
CA GLU A 64 -20.35 -7.82 -11.26
C GLU A 64 -20.39 -8.53 -12.62
N ALA A 65 -19.50 -9.50 -12.79
CA ALA A 65 -19.42 -10.25 -14.04
C ALA A 65 -20.72 -11.00 -14.32
N GLU A 66 -21.47 -11.27 -13.24
CA GLU A 66 -22.74 -11.96 -13.33
C GLU A 66 -23.71 -11.23 -14.26
N GLN A 67 -23.87 -9.93 -14.03
CA GLN A 67 -24.75 -9.11 -14.84
C GLN A 67 -24.07 -8.72 -16.15
N ILE A 68 -22.75 -8.51 -16.09
CA ILE A 68 -21.99 -8.06 -17.25
C ILE A 68 -22.05 -9.08 -18.39
N ARG A 69 -22.01 -10.37 -18.05
CA ARG A 69 -22.01 -11.41 -19.06
C ARG A 69 -23.28 -11.35 -19.92
N GLN A 70 -24.38 -10.91 -19.33
CA GLN A 70 -25.64 -10.78 -20.03
C GLN A 70 -25.65 -9.48 -20.84
N LEU A 71 -25.33 -8.38 -20.17
CA LEU A 71 -25.43 -7.05 -20.74
C LEU A 71 -24.46 -6.83 -21.90
N LYS A 72 -23.28 -7.43 -21.79
CA LYS A 72 -22.25 -7.22 -22.81
C LYS A 72 -22.55 -7.99 -24.08
N LYS A 73 -23.43 -8.99 -23.97
CA LYS A 73 -23.87 -9.80 -25.11
C LYS A 73 -22.76 -10.75 -25.60
N GLU A 74 -23.13 -12.03 -25.75
CA GLU A 74 -22.18 -13.10 -26.08
C GLU A 74 -21.18 -13.31 -24.94
N ASN A 75 -20.17 -12.44 -24.89
CA ASN A 75 -19.12 -12.50 -23.87
C ASN A 75 -18.39 -13.86 -23.93
N ALA A 76 -17.76 -14.23 -22.83
CA ALA A 76 -16.99 -15.47 -22.76
C ALA A 76 -17.87 -16.70 -22.93
N LEU A 77 -19.18 -16.54 -22.78
CA LEU A 77 -20.13 -17.65 -22.87
C LEU A 77 -20.02 -18.35 -24.22
N GLN A 78 -19.82 -17.55 -25.27
CA GLN A 78 -19.74 -18.08 -26.63
C GLN A 78 -18.52 -18.97 -26.79
N ARG A 79 -17.44 -18.62 -26.11
CA ARG A 79 -16.16 -19.33 -26.26
C ARG A 79 -16.09 -20.51 -25.30
N ALA A 80 -16.81 -20.41 -24.19
CA ALA A 80 -16.83 -21.47 -23.18
C ALA A 80 -17.66 -22.65 -23.65
N ARG A 81 -18.61 -22.38 -24.53
CA ARG A 81 -19.48 -23.37 -25.09
C ARG A 81 -18.72 -24.32 -26.01
N THR A 82 -17.62 -23.83 -26.54
CA THR A 82 -16.86 -24.54 -27.55
C THR A 82 -15.90 -25.57 -26.95
N ARG A 83 -15.62 -25.44 -25.65
CA ARG A 83 -14.70 -26.35 -24.99
C ARG A 83 -15.36 -27.06 -23.82
N HIS A 84 -14.71 -28.11 -23.35
CA HIS A 84 -15.15 -28.85 -22.17
C HIS A 84 -14.11 -28.70 -21.07
N PRO A 85 -14.51 -28.16 -19.90
CA PRO A 85 -13.61 -27.96 -18.76
C PRO A 85 -13.25 -29.28 -18.07
N ALA A 86 -12.34 -29.21 -17.10
CA ALA A 86 -11.92 -30.39 -16.37
C ALA A 86 -12.21 -30.25 -14.89
N GLU A 87 -13.20 -30.99 -14.41
CA GLU A 87 -13.61 -30.94 -13.01
C GLU A 87 -12.54 -31.53 -12.12
N SER A 88 -11.75 -32.43 -12.68
CA SER A 88 -10.67 -33.08 -11.94
C SER A 88 -9.61 -32.07 -11.52
N CYS A 89 -9.38 -31.08 -12.38
CA CYS A 89 -8.41 -30.03 -12.10
C CYS A 89 -9.06 -28.90 -11.32
N LEU A 90 -10.38 -28.79 -11.46
CA LEU A 90 -11.13 -27.75 -10.77
C LEU A 90 -11.18 -28.03 -9.27
N GLU A 91 -11.43 -29.29 -8.93
CA GLU A 91 -11.50 -29.73 -7.53
C GLU A 91 -10.12 -29.64 -6.88
N HIS A 92 -9.07 -29.81 -7.69
CA HIS A 92 -7.68 -29.74 -7.22
C HIS A 92 -7.32 -30.96 -6.38
N HIS A 93 -6.69 -31.93 -7.00
CA HIS A 93 -6.24 -33.12 -6.31
C HIS A 93 -4.74 -33.08 -6.11
N HIS A 94 -4.20 -34.03 -5.36
CA HIS A 94 -2.78 -34.06 -5.04
C HIS A 94 -1.96 -34.65 -6.18
N HIS A 95 -1.52 -33.79 -7.07
CA HIS A 95 -0.61 -34.16 -8.15
C HIS A 95 -0.04 -32.89 -8.76
N HIS A 96 1.16 -32.98 -9.31
CA HIS A 96 1.82 -31.81 -9.88
C HIS A 96 1.12 -31.41 -11.19
N HIS A 97 0.92 -30.13 -11.36
CA HIS A 97 0.27 -29.61 -12.55
C HIS A 97 1.19 -28.62 -13.26
#